data_2U1A
#
_entry.id   2U1A
#
_cell.length_a   1.000
_cell.length_b   1.000
_cell.length_c   1.000
_cell.angle_alpha   90.00
_cell.angle_beta   90.00
_cell.angle_gamma   90.00
#
_symmetry.space_group_name_H-M   'P 1'
#
_entity_poly.entity_id   1
_entity_poly.type   'polypeptide(L)'
_entity_poly.pdbx_seq_one_letter_code
;MAPAQPLSENPPNHILFLTNLPEETNELMLSMLFNQFPGFKEVRLVPGRHDIAFVEFDNEVQAGAARDALQGFKITQNNA
MKISFAKK
;
_entity_poly.pdbx_strand_id   A
#
# COMPACT_ATOMS: atom_id res chain seq x y z
N MET A 1 26.33 -5.01 5.85
CA MET A 1 26.61 -5.54 4.49
C MET A 1 26.11 -6.99 4.37
N ALA A 2 24.84 -7.21 4.23
CA ALA A 2 24.27 -8.58 4.09
C ALA A 2 24.81 -9.50 5.22
N PRO A 3 24.18 -9.33 6.35
CA PRO A 3 24.57 -10.13 7.53
C PRO A 3 23.72 -11.40 7.55
N ALA A 4 24.27 -12.46 8.05
CA ALA A 4 23.51 -13.73 8.10
C ALA A 4 22.75 -13.80 9.44
N GLN A 5 21.80 -12.91 9.62
CA GLN A 5 21.00 -12.88 10.88
C GLN A 5 19.50 -12.94 10.60
N PRO A 6 18.71 -13.45 11.49
CA PRO A 6 17.25 -13.54 11.31
C PRO A 6 16.66 -12.14 11.55
N LEU A 7 16.97 -11.27 10.61
CA LEU A 7 16.46 -9.88 10.75
C LEU A 7 15.05 -9.86 10.11
N SER A 8 14.10 -9.24 10.76
CA SER A 8 12.69 -9.14 10.27
C SER A 8 12.00 -10.51 10.35
N GLU A 9 10.76 -10.50 10.73
CA GLU A 9 10.03 -11.79 10.82
C GLU A 9 8.64 -11.70 10.21
N ASN A 10 7.96 -10.58 10.32
CA ASN A 10 6.61 -10.47 9.73
C ASN A 10 6.66 -10.42 8.20
N PRO A 11 7.54 -9.69 7.61
CA PRO A 11 7.66 -9.58 6.14
C PRO A 11 7.64 -10.98 5.51
N PRO A 12 6.94 -11.15 4.44
CA PRO A 12 6.15 -10.13 3.76
C PRO A 12 4.84 -9.92 4.55
N ASN A 13 4.52 -8.69 4.73
CA ASN A 13 3.27 -8.28 5.49
C ASN A 13 2.08 -8.01 4.58
N HIS A 14 0.87 -8.08 5.03
CA HIS A 14 -0.32 -7.83 4.19
C HIS A 14 -1.10 -6.55 4.53
N ILE A 15 -0.51 -5.53 5.12
CA ILE A 15 -1.19 -4.25 5.50
C ILE A 15 -0.18 -3.14 5.11
N LEU A 16 -0.52 -2.37 4.11
CA LEU A 16 0.38 -1.29 3.61
C LEU A 16 -0.35 0.08 3.78
N PHE A 17 0.25 0.84 4.70
CA PHE A 17 -0.21 2.14 5.19
C PHE A 17 0.93 3.13 4.89
N LEU A 18 0.54 4.17 4.24
CA LEU A 18 1.46 5.23 3.97
C LEU A 18 0.71 6.18 3.07
N THR A 19 1.38 7.17 2.73
CA THR A 19 0.82 8.24 1.97
C THR A 19 1.84 8.66 0.93
N ASN A 20 1.46 9.58 0.25
CA ASN A 20 2.20 10.20 -0.91
C ASN A 20 1.43 9.80 -2.19
N LEU A 21 0.14 9.72 -2.10
CA LEU A 21 -0.73 9.32 -3.25
C LEU A 21 -2.03 10.12 -3.22
N PRO A 22 -1.91 11.34 -3.63
CA PRO A 22 -2.99 12.34 -3.72
C PRO A 22 -3.21 12.62 -5.23
N GLU A 23 -3.75 13.76 -5.52
CA GLU A 23 -4.05 14.24 -6.89
C GLU A 23 -5.46 13.83 -7.36
N GLU A 24 -6.42 14.14 -6.55
CA GLU A 24 -7.86 13.83 -6.83
C GLU A 24 -8.00 12.30 -6.68
N THR A 25 -6.98 11.73 -6.07
CA THR A 25 -7.04 10.24 -5.93
C THR A 25 -8.21 9.96 -4.98
N ASN A 26 -8.78 8.80 -4.93
CA ASN A 26 -9.91 8.66 -3.97
C ASN A 26 -10.11 7.22 -3.49
N GLU A 27 -11.09 7.06 -2.62
CA GLU A 27 -11.43 5.74 -2.05
C GLU A 27 -12.00 4.75 -3.06
N LEU A 28 -12.86 5.09 -3.99
CA LEU A 28 -13.41 4.08 -4.97
C LEU A 28 -12.28 3.78 -5.99
N MET A 29 -11.37 4.74 -6.08
CA MET A 29 -10.20 4.61 -7.03
C MET A 29 -9.27 3.55 -6.44
N LEU A 30 -8.84 3.84 -5.24
CA LEU A 30 -7.93 2.91 -4.52
C LEU A 30 -8.68 1.65 -4.16
N SER A 31 -9.99 1.76 -4.04
CA SER A 31 -10.84 0.57 -3.71
C SER A 31 -10.91 -0.26 -4.97
N MET A 32 -10.95 0.32 -6.14
CA MET A 32 -11.00 -0.57 -7.35
C MET A 32 -9.62 -1.12 -7.68
N LEU A 33 -8.60 -0.34 -7.35
CA LEU A 33 -7.17 -0.74 -7.62
C LEU A 33 -6.85 -1.83 -6.60
N PHE A 34 -7.41 -1.60 -5.44
CA PHE A 34 -7.18 -2.63 -4.35
C PHE A 34 -8.13 -3.80 -4.60
N ASN A 35 -9.22 -3.48 -5.23
CA ASN A 35 -10.29 -4.45 -5.59
C ASN A 35 -9.70 -5.47 -6.59
N GLN A 36 -8.94 -4.99 -7.52
CA GLN A 36 -8.28 -5.85 -8.54
C GLN A 36 -7.88 -7.21 -7.91
N PHE A 37 -7.47 -7.07 -6.67
CA PHE A 37 -7.02 -8.19 -5.75
C PHE A 37 -8.14 -8.82 -4.91
N PRO A 38 -8.21 -10.14 -4.95
CA PRO A 38 -9.24 -10.87 -4.18
C PRO A 38 -9.01 -10.62 -2.67
N GLY A 39 -7.82 -10.14 -2.39
CA GLY A 39 -7.39 -9.81 -0.98
C GLY A 39 -8.02 -8.51 -0.46
N PHE A 40 -8.67 -7.83 -1.35
CA PHE A 40 -9.36 -6.54 -1.06
C PHE A 40 -10.07 -6.62 0.29
N LYS A 41 -9.39 -6.14 1.32
CA LYS A 41 -10.02 -6.20 2.66
C LYS A 41 -10.23 -4.87 3.33
N GLU A 42 -9.26 -4.04 3.47
CA GLU A 42 -9.35 -2.71 4.12
C GLU A 42 -8.76 -1.70 3.12
N VAL A 43 -9.40 -0.59 3.03
CA VAL A 43 -9.04 0.53 2.13
C VAL A 43 -9.48 1.83 2.82
N ARG A 44 -8.49 2.58 3.14
CA ARG A 44 -8.67 3.87 3.87
C ARG A 44 -7.94 4.97 3.05
N LEU A 45 -8.74 5.64 2.30
CA LEU A 45 -8.31 6.77 1.42
C LEU A 45 -9.50 7.68 1.22
N VAL A 46 -9.73 8.69 2.06
CA VAL A 46 -10.96 9.46 1.84
C VAL A 46 -11.06 10.83 2.48
N PRO A 47 -10.31 11.17 3.46
CA PRO A 47 -10.47 12.51 4.09
C PRO A 47 -10.18 13.65 3.15
N GLY A 48 -10.08 14.88 3.64
CA GLY A 48 -9.73 15.99 2.69
C GLY A 48 -8.39 15.55 2.06
N ARG A 49 -7.67 14.77 2.85
CA ARG A 49 -6.38 14.18 2.47
C ARG A 49 -6.50 13.57 1.05
N HIS A 50 -7.09 12.40 0.98
CA HIS A 50 -7.16 11.70 -0.37
C HIS A 50 -5.68 11.35 -0.70
N ASP A 51 -4.87 11.41 0.34
CA ASP A 51 -3.40 11.14 0.19
C ASP A 51 -2.81 10.21 1.24
N ILE A 52 -3.59 9.60 2.12
CA ILE A 52 -3.17 8.66 3.15
C ILE A 52 -3.93 7.35 2.82
N ALA A 53 -3.16 6.34 2.45
CA ALA A 53 -3.73 5.06 2.01
C ALA A 53 -3.34 3.95 3.01
N PHE A 54 -4.39 3.41 3.55
CA PHE A 54 -4.36 2.23 4.50
C PHE A 54 -5.09 1.05 3.82
N VAL A 55 -4.24 0.09 3.42
CA VAL A 55 -4.64 -1.09 2.65
C VAL A 55 -4.26 -2.39 3.36
N GLU A 56 -5.32 -3.03 3.74
CA GLU A 56 -5.35 -4.36 4.42
C GLU A 56 -5.86 -5.39 3.37
N PHE A 57 -4.92 -6.18 2.92
CA PHE A 57 -5.11 -7.17 1.83
C PHE A 57 -5.03 -8.62 2.37
N ASP A 58 -6.18 -9.18 2.49
CA ASP A 58 -6.38 -10.59 2.98
C ASP A 58 -5.07 -11.32 3.14
N ASN A 59 -4.22 -11.30 2.12
CA ASN A 59 -2.87 -11.95 2.20
C ASN A 59 -1.82 -11.13 1.41
N GLU A 60 -0.63 -11.23 1.89
CA GLU A 60 0.59 -10.54 1.32
C GLU A 60 0.87 -10.90 -0.16
N VAL A 61 0.36 -11.99 -0.70
CA VAL A 61 0.61 -12.32 -2.15
C VAL A 61 -0.21 -11.25 -2.94
N GLN A 62 -1.40 -11.06 -2.42
CA GLN A 62 -2.29 -10.04 -3.04
C GLN A 62 -1.89 -8.66 -2.56
N ALA A 63 -1.41 -8.48 -1.39
CA ALA A 63 -1.03 -7.11 -0.92
C ALA A 63 0.23 -6.74 -1.74
N GLY A 64 1.04 -7.76 -1.86
CA GLY A 64 2.34 -7.69 -2.60
C GLY A 64 2.00 -7.53 -4.06
N ALA A 65 0.93 -8.12 -4.52
CA ALA A 65 0.52 -8.01 -5.95
C ALA A 65 0.14 -6.56 -6.19
N ALA A 66 -0.76 -5.99 -5.39
CA ALA A 66 -1.21 -4.59 -5.53
C ALA A 66 -0.01 -3.65 -5.37
N ARG A 67 0.76 -3.83 -4.33
CA ARG A 67 1.95 -3.02 -4.04
C ARG A 67 2.95 -3.15 -5.18
N ASP A 68 3.18 -4.34 -5.68
CA ASP A 68 4.13 -4.57 -6.79
C ASP A 68 3.52 -4.00 -8.09
N ALA A 69 2.22 -3.93 -8.18
CA ALA A 69 1.52 -3.39 -9.39
C ALA A 69 1.77 -1.86 -9.45
N LEU A 70 1.50 -1.20 -8.36
CA LEU A 70 1.72 0.28 -8.36
C LEU A 70 2.94 0.59 -7.47
N GLN A 71 3.97 -0.23 -7.47
CA GLN A 71 5.20 -0.04 -6.65
C GLN A 71 6.04 1.16 -7.07
N GLY A 72 5.52 2.28 -7.42
CA GLY A 72 6.38 3.46 -7.83
C GLY A 72 5.39 4.46 -8.45
N PHE A 73 4.32 4.63 -7.72
CA PHE A 73 3.29 5.55 -8.27
C PHE A 73 3.93 6.95 -8.26
N LYS A 74 4.57 7.30 -9.34
CA LYS A 74 5.21 8.59 -9.58
C LYS A 74 4.41 9.80 -9.13
N ILE A 75 3.89 9.82 -7.97
CA ILE A 75 3.23 11.13 -7.59
C ILE A 75 4.55 11.97 -7.52
N THR A 76 5.65 11.26 -7.33
CA THR A 76 7.02 11.77 -7.32
C THR A 76 7.16 12.76 -8.46
N GLN A 77 6.29 12.56 -9.41
CA GLN A 77 6.30 13.59 -10.52
C GLN A 77 6.32 14.87 -9.63
N ASN A 78 5.96 14.62 -8.37
CA ASN A 78 5.99 15.58 -7.26
C ASN A 78 6.59 14.74 -6.09
N ASN A 79 6.05 13.55 -5.86
CA ASN A 79 6.49 12.59 -4.84
C ASN A 79 6.23 11.09 -5.16
N ALA A 80 7.17 10.22 -5.10
CA ALA A 80 6.93 8.75 -5.36
C ALA A 80 6.07 8.33 -4.19
N MET A 81 4.96 7.76 -4.53
CA MET A 81 4.05 7.42 -3.39
C MET A 81 4.75 6.62 -2.30
N LYS A 82 4.22 6.64 -1.09
CA LYS A 82 4.81 5.94 0.06
C LYS A 82 3.68 5.09 0.71
N ILE A 83 3.95 3.83 0.65
CA ILE A 83 3.12 2.69 1.14
C ILE A 83 4.08 1.81 1.99
N SER A 84 3.74 1.77 3.23
CA SER A 84 4.59 1.09 4.23
C SER A 84 3.81 -0.03 4.93
N PHE A 85 4.14 -1.21 4.58
CA PHE A 85 3.52 -2.43 5.22
C PHE A 85 3.35 -2.23 6.70
N ALA A 86 2.50 -2.90 7.40
CA ALA A 86 2.39 -2.66 8.87
C ALA A 86 3.52 -3.42 9.53
N LYS A 87 4.75 -3.31 9.09
CA LYS A 87 5.89 -4.07 9.70
C LYS A 87 5.92 -3.86 11.20
N LYS A 88 5.94 -4.97 11.90
CA LYS A 88 5.97 -4.97 13.39
C LYS A 88 6.93 -6.04 13.88
N MET A 1 0.42 -13.55 23.59
CA MET A 1 -0.72 -12.60 23.45
C MET A 1 -0.43 -11.55 22.37
N ALA A 2 0.61 -10.78 22.51
CA ALA A 2 0.90 -9.77 21.47
C ALA A 2 2.37 -9.40 21.53
N PRO A 3 3.18 -10.27 20.98
CA PRO A 3 4.64 -10.12 20.94
C PRO A 3 5.09 -9.38 19.68
N ALA A 4 4.74 -9.95 18.54
CA ALA A 4 5.12 -9.31 17.25
C ALA A 4 3.93 -9.27 16.30
N GLN A 5 4.11 -9.49 15.04
CA GLN A 5 3.02 -9.48 14.03
C GLN A 5 3.57 -9.92 12.66
N PRO A 6 4.62 -9.31 12.18
CA PRO A 6 5.27 -9.58 10.90
C PRO A 6 6.04 -10.92 11.03
N LEU A 7 6.33 -11.56 9.92
CA LEU A 7 7.07 -12.86 10.03
C LEU A 7 8.52 -12.54 10.41
N SER A 8 9.33 -12.05 9.52
CA SER A 8 10.77 -11.73 9.81
C SER A 8 10.93 -10.19 9.72
N GLU A 9 12.12 -9.68 9.58
CA GLU A 9 12.39 -8.23 9.48
C GLU A 9 11.47 -7.72 8.36
N ASN A 10 11.75 -8.11 7.15
CA ASN A 10 10.86 -7.62 6.06
C ASN A 10 11.16 -8.43 4.79
N PRO A 11 12.32 -8.31 4.23
CA PRO A 11 12.80 -9.01 3.02
C PRO A 11 12.16 -10.40 2.94
N PRO A 12 11.64 -10.79 1.83
CA PRO A 12 11.59 -10.03 0.55
C PRO A 12 10.56 -8.93 0.71
N ASN A 13 10.25 -8.18 -0.34
CA ASN A 13 9.21 -7.11 -0.09
C ASN A 13 7.80 -7.71 0.04
N HIS A 14 6.80 -6.87 0.10
CA HIS A 14 5.39 -7.23 0.30
C HIS A 14 4.60 -6.17 1.14
N ILE A 15 5.18 -5.05 1.52
CA ILE A 15 4.60 -3.97 2.34
C ILE A 15 5.03 -2.68 1.60
N LEU A 16 4.06 -1.92 1.20
CA LEU A 16 4.32 -0.64 0.44
C LEU A 16 3.65 0.53 1.20
N PHE A 17 4.54 1.38 1.69
CA PHE A 17 4.28 2.53 2.54
C PHE A 17 4.74 3.78 1.74
N LEU A 18 3.84 4.70 1.68
CA LEU A 18 4.14 5.94 1.02
C LEU A 18 2.88 6.73 1.11
N THR A 19 2.90 7.85 0.59
CA THR A 19 1.81 8.77 0.68
C THR A 19 1.76 9.48 -0.67
N ASN A 20 0.86 10.30 -0.73
CA ASN A 20 0.55 11.20 -1.90
C ASN A 20 -0.86 10.89 -2.45
N LEU A 21 -1.75 10.56 -1.56
CA LEU A 21 -3.12 10.25 -2.03
C LEU A 21 -3.98 11.50 -1.72
N PRO A 22 -5.03 11.73 -2.44
CA PRO A 22 -5.89 12.90 -2.21
C PRO A 22 -6.69 12.82 -0.92
N GLU A 23 -7.60 13.75 -0.75
CA GLU A 23 -8.47 13.83 0.45
C GLU A 23 -9.81 13.19 0.06
N GLU A 24 -10.06 13.17 -1.22
CA GLU A 24 -11.34 12.58 -1.72
C GLU A 24 -11.11 11.06 -1.81
N THR A 25 -9.90 10.65 -1.55
CA THR A 25 -9.51 9.21 -1.59
C THR A 25 -10.00 8.57 -0.28
N ASN A 26 -10.05 7.27 -0.17
CA ASN A 26 -10.54 6.77 1.15
C ASN A 26 -10.05 5.35 1.47
N GLU A 27 -10.09 4.96 2.72
CA GLU A 27 -9.65 3.64 3.22
C GLU A 27 -10.33 2.44 2.50
N LEU A 28 -11.60 2.57 2.26
CA LEU A 28 -12.44 1.51 1.59
C LEU A 28 -12.13 1.54 0.09
N MET A 29 -11.66 2.69 -0.35
CA MET A 29 -11.30 2.89 -1.81
C MET A 29 -10.06 2.05 -2.06
N LEU A 30 -9.05 2.39 -1.29
CA LEU A 30 -7.74 1.69 -1.35
C LEU A 30 -8.01 0.32 -0.75
N SER A 31 -9.00 0.14 0.08
CA SER A 31 -9.35 -1.17 0.69
C SER A 31 -9.68 -2.19 -0.42
N MET A 32 -10.61 -1.75 -1.24
CA MET A 32 -11.10 -2.55 -2.39
C MET A 32 -10.01 -2.59 -3.49
N LEU A 33 -9.24 -1.54 -3.69
CA LEU A 33 -8.18 -1.53 -4.77
C LEU A 33 -7.06 -2.47 -4.28
N PHE A 34 -6.95 -2.46 -2.97
CA PHE A 34 -5.90 -3.35 -2.34
C PHE A 34 -6.49 -4.76 -2.30
N ASN A 35 -7.80 -4.78 -2.24
CA ASN A 35 -8.60 -6.03 -2.21
C ASN A 35 -8.37 -6.78 -3.55
N GLN A 36 -8.35 -6.02 -4.59
CA GLN A 36 -8.11 -6.53 -5.96
C GLN A 36 -7.24 -7.82 -5.96
N PHE A 37 -6.25 -7.75 -5.10
CA PHE A 37 -5.23 -8.84 -4.85
C PHE A 37 -5.59 -9.82 -3.74
N PRO A 38 -5.43 -11.11 -4.05
CA PRO A 38 -5.74 -12.19 -3.07
C PRO A 38 -4.80 -12.04 -1.85
N GLY A 39 -3.71 -11.36 -2.09
CA GLY A 39 -2.66 -11.09 -1.04
C GLY A 39 -3.06 -9.90 -0.15
N PHE A 40 -4.19 -9.32 -0.42
CA PHE A 40 -4.75 -8.16 0.32
C PHE A 40 -4.63 -8.51 1.81
N LYS A 41 -3.72 -7.91 2.53
CA LYS A 41 -3.58 -8.22 3.97
C LYS A 41 -3.84 -7.05 4.91
N GLU A 42 -3.08 -6.00 4.79
CA GLU A 42 -3.23 -4.80 5.65
C GLU A 42 -3.32 -3.57 4.72
N VAL A 43 -4.12 -2.64 5.12
CA VAL A 43 -4.40 -1.39 4.40
C VAL A 43 -4.68 -0.31 5.46
N ARG A 44 -3.82 0.64 5.43
CA ARG A 44 -3.88 1.74 6.44
C ARG A 44 -3.87 3.07 5.67
N LEU A 45 -5.05 3.58 5.52
CA LEU A 45 -5.24 4.90 4.83
C LEU A 45 -6.66 5.39 5.16
N VAL A 46 -6.82 6.14 6.24
CA VAL A 46 -8.18 6.55 6.58
C VAL A 46 -8.34 7.74 7.52
N PRO A 47 -7.42 8.03 8.38
CA PRO A 47 -7.63 9.14 9.34
C PRO A 47 -7.76 10.51 8.68
N GLY A 48 -7.64 11.52 9.50
CA GLY A 48 -7.75 12.94 8.99
C GLY A 48 -6.78 13.01 7.80
N ARG A 49 -5.77 12.16 7.90
CA ARG A 49 -4.75 12.03 6.86
C ARG A 49 -5.45 11.68 5.51
N HIS A 50 -5.66 10.41 5.28
CA HIS A 50 -6.25 9.82 4.00
C HIS A 50 -5.16 10.11 2.91
N ASP A 51 -3.97 10.38 3.42
CA ASP A 51 -2.84 10.74 2.52
C ASP A 51 -1.54 9.93 2.78
N ILE A 52 -1.54 9.02 3.73
CA ILE A 52 -0.43 8.14 4.08
C ILE A 52 -1.01 6.72 3.95
N ALA A 53 -0.47 5.97 3.01
CA ALA A 53 -0.97 4.63 2.68
C ALA A 53 0.10 3.57 3.03
N PHE A 54 -0.34 2.72 3.89
CA PHE A 54 0.43 1.52 4.38
C PHE A 54 -0.32 0.22 3.96
N VAL A 55 0.26 -0.42 2.94
CA VAL A 55 -0.31 -1.60 2.28
C VAL A 55 0.59 -2.83 2.32
N GLU A 56 0.12 -3.72 3.17
CA GLU A 56 0.71 -5.03 3.50
C GLU A 56 0.02 -6.15 2.68
N PHE A 57 0.73 -6.59 1.68
CA PHE A 57 0.31 -7.60 0.69
C PHE A 57 1.00 -8.96 0.94
N ASP A 58 0.24 -9.83 1.51
CA ASP A 58 0.67 -11.22 1.87
C ASP A 58 1.83 -11.68 0.98
N ASN A 59 1.84 -11.36 -0.28
CA ASN A 59 2.96 -11.79 -1.16
C ASN A 59 3.34 -10.68 -2.18
N GLU A 60 4.60 -10.55 -2.39
CA GLU A 60 5.23 -9.56 -3.33
C GLU A 60 4.79 -9.73 -4.78
N VAL A 61 4.27 -10.83 -5.26
CA VAL A 61 3.84 -10.92 -6.71
C VAL A 61 2.54 -10.06 -6.78
N GLN A 62 1.76 -10.25 -5.74
CA GLN A 62 0.49 -9.47 -5.64
C GLN A 62 0.84 -8.07 -5.12
N ALA A 63 1.79 -7.90 -4.29
CA ALA A 63 2.08 -6.53 -3.79
C ALA A 63 2.70 -5.77 -4.99
N GLY A 64 3.50 -6.53 -5.68
CA GLY A 64 4.22 -5.99 -6.89
C GLY A 64 3.19 -5.77 -7.97
N ALA A 65 2.19 -6.61 -8.06
CA ALA A 65 1.12 -6.51 -9.07
C ALA A 65 0.38 -5.19 -8.81
N ALA A 66 -0.17 -5.03 -7.61
CA ALA A 66 -0.91 -3.82 -7.19
C ALA A 66 -0.03 -2.59 -7.32
N ARG A 67 1.14 -2.65 -6.79
CA ARG A 67 2.14 -1.57 -6.81
C ARG A 67 2.46 -1.19 -8.25
N ASP A 68 2.84 -2.16 -9.06
CA ASP A 68 3.16 -1.83 -10.48
C ASP A 68 1.91 -1.37 -11.28
N ALA A 69 0.75 -1.88 -10.98
CA ALA A 69 -0.45 -1.43 -11.74
C ALA A 69 -0.89 -0.02 -11.34
N LEU A 70 -0.87 0.32 -10.08
CA LEU A 70 -1.31 1.70 -9.71
C LEU A 70 -0.03 2.55 -9.62
N GLN A 71 1.09 2.01 -10.02
CA GLN A 71 2.37 2.78 -9.96
C GLN A 71 2.27 4.07 -10.78
N GLY A 72 1.82 5.14 -10.21
CA GLY A 72 1.71 6.40 -10.98
C GLY A 72 0.23 6.80 -10.94
N PHE A 73 -0.38 6.72 -9.81
CA PHE A 73 -1.81 7.11 -9.74
C PHE A 73 -1.82 8.66 -9.71
N LYS A 74 -1.46 9.19 -10.84
CA LYS A 74 -1.41 10.64 -11.12
C LYS A 74 -2.75 11.30 -10.75
N ILE A 75 -2.88 11.54 -9.47
CA ILE A 75 -4.14 12.18 -8.98
C ILE A 75 -4.32 13.49 -9.74
N THR A 76 -3.21 14.03 -10.21
CA THR A 76 -3.32 15.31 -10.94
C THR A 76 -2.56 15.27 -12.29
N GLN A 77 -1.47 14.57 -12.28
CA GLN A 77 -0.56 14.40 -13.45
C GLN A 77 0.87 14.69 -12.93
N ASN A 78 0.94 15.68 -12.10
CA ASN A 78 2.23 16.12 -11.45
C ASN A 78 2.24 15.42 -10.07
N ASN A 79 1.04 15.36 -9.52
CA ASN A 79 0.78 14.72 -8.20
C ASN A 79 0.29 13.29 -8.49
N ALA A 80 1.14 12.33 -8.30
CA ALA A 80 0.82 10.89 -8.55
C ALA A 80 1.08 10.17 -7.19
N MET A 81 0.12 9.41 -6.77
CA MET A 81 0.30 8.69 -5.47
C MET A 81 1.67 8.09 -5.31
N LYS A 82 2.28 8.06 -4.13
CA LYS A 82 3.63 7.49 -3.93
C LYS A 82 3.49 6.42 -2.80
N ILE A 83 3.79 5.24 -3.24
CA ILE A 83 3.71 3.94 -2.51
C ILE A 83 5.09 3.29 -2.69
N SER A 84 5.78 3.17 -1.61
CA SER A 84 7.16 2.66 -1.63
C SER A 84 7.26 1.45 -0.67
N PHE A 85 7.39 0.33 -1.24
CA PHE A 85 7.56 -0.97 -0.48
C PHE A 85 8.01 -0.69 0.93
N ALA A 86 9.28 -0.73 1.25
CA ALA A 86 9.73 -0.49 2.66
C ALA A 86 11.21 -0.80 2.74
N LYS A 87 11.78 -1.60 1.88
CA LYS A 87 13.24 -1.90 1.98
C LYS A 87 13.98 -1.61 0.68
N LYS A 88 13.91 -2.49 -0.30
CA LYS A 88 14.63 -2.24 -1.58
C LYS A 88 13.93 -1.18 -2.41
N MET A 1 14.04 -5.40 21.53
CA MET A 1 13.76 -3.93 21.44
C MET A 1 13.29 -3.66 20.00
N ALA A 2 14.19 -3.71 19.05
CA ALA A 2 13.80 -3.46 17.65
C ALA A 2 14.53 -4.46 16.72
N PRO A 3 13.92 -5.56 16.42
CA PRO A 3 14.55 -6.57 15.53
C PRO A 3 14.18 -6.20 14.08
N ALA A 4 15.04 -5.59 13.34
CA ALA A 4 14.75 -5.21 11.92
C ALA A 4 15.36 -6.18 10.94
N GLN A 5 16.56 -6.67 11.15
CA GLN A 5 17.16 -7.63 10.18
C GLN A 5 17.84 -8.81 10.85
N PRO A 6 17.45 -9.22 12.02
CA PRO A 6 18.09 -10.38 12.69
C PRO A 6 17.55 -11.64 11.99
N LEU A 7 18.14 -12.10 10.94
CA LEU A 7 17.60 -13.32 10.25
C LEU A 7 16.19 -12.97 9.78
N SER A 8 15.26 -13.90 9.78
CA SER A 8 13.86 -13.67 9.33
C SER A 8 13.85 -13.48 7.81
N GLU A 9 12.70 -13.73 7.23
CA GLU A 9 12.62 -13.57 5.76
C GLU A 9 11.17 -13.23 5.40
N ASN A 10 10.76 -11.99 5.57
CA ASN A 10 9.38 -11.63 5.22
C ASN A 10 9.29 -10.74 3.99
N PRO A 11 10.29 -10.59 3.20
CA PRO A 11 10.20 -9.75 2.02
C PRO A 11 8.95 -9.98 1.17
N PRO A 12 8.58 -11.20 0.88
CA PRO A 12 7.34 -11.38 0.09
C PRO A 12 6.23 -10.83 1.02
N ASN A 13 6.08 -9.55 0.94
CA ASN A 13 5.11 -8.84 1.82
C ASN A 13 3.69 -8.75 1.30
N HIS A 14 2.73 -8.85 2.16
CA HIS A 14 1.28 -8.77 1.79
C HIS A 14 0.60 -7.58 2.53
N ILE A 15 1.37 -6.56 2.90
CA ILE A 15 0.88 -5.37 3.64
C ILE A 15 1.71 -4.20 3.06
N LEU A 16 1.02 -3.25 2.50
CA LEU A 16 1.67 -2.05 1.88
C LEU A 16 1.11 -0.77 2.55
N PHE A 17 2.02 -0.17 3.33
CA PHE A 17 1.81 1.00 4.18
C PHE A 17 2.79 2.07 3.68
N LEU A 18 2.23 3.19 3.44
CA LEU A 18 3.02 4.31 2.99
C LEU A 18 2.02 5.36 2.59
N THR A 19 2.53 6.40 2.14
CA THR A 19 1.72 7.55 1.83
C THR A 19 2.34 8.19 0.61
N ASN A 20 1.73 9.19 0.26
CA ASN A 20 2.11 10.09 -0.89
C ASN A 20 0.97 10.14 -1.93
N LEU A 21 -0.24 9.94 -1.52
CA LEU A 21 -1.41 9.96 -2.45
C LEU A 21 -1.81 11.44 -2.65
N PRO A 22 -2.52 11.74 -3.70
CA PRO A 22 -2.95 13.13 -4.00
C PRO A 22 -3.85 13.68 -2.87
N GLU A 23 -4.51 14.80 -3.07
CA GLU A 23 -5.39 15.38 -2.01
C GLU A 23 -6.86 15.03 -2.24
N GLU A 24 -7.30 14.89 -3.45
CA GLU A 24 -8.72 14.54 -3.65
C GLU A 24 -8.97 13.03 -3.55
N THR A 25 -7.96 12.31 -3.18
CA THR A 25 -8.13 10.83 -3.07
C THR A 25 -9.11 10.50 -1.92
N ASN A 26 -9.64 9.30 -1.90
CA ASN A 26 -10.60 8.94 -0.80
C ASN A 26 -10.52 7.44 -0.48
N GLU A 27 -11.15 7.03 0.61
CA GLU A 27 -11.18 5.61 1.06
C GLU A 27 -11.99 4.73 0.09
N LEU A 28 -13.06 5.16 -0.51
CA LEU A 28 -13.87 4.31 -1.45
C LEU A 28 -13.07 4.21 -2.78
N MET A 29 -12.22 5.20 -2.95
CA MET A 29 -11.35 5.26 -4.18
C MET A 29 -10.29 4.18 -4.03
N LEU A 30 -9.54 4.30 -2.97
CA LEU A 30 -8.46 3.35 -2.63
C LEU A 30 -9.10 2.00 -2.30
N SER A 31 -10.32 2.05 -1.88
CA SER A 31 -11.15 0.89 -1.51
C SER A 31 -11.37 0.03 -2.76
N MET A 32 -11.92 0.66 -3.77
CA MET A 32 -12.16 -0.09 -5.05
C MET A 32 -10.88 -0.35 -5.81
N LEU A 33 -9.89 0.51 -5.65
CA LEU A 33 -8.57 0.34 -6.38
C LEU A 33 -7.89 -0.86 -5.72
N PHE A 34 -8.14 -0.91 -4.43
CA PHE A 34 -7.58 -2.09 -3.66
C PHE A 34 -8.50 -3.30 -3.88
N ASN A 35 -9.72 -3.03 -4.15
CA ASN A 35 -10.78 -4.03 -4.41
C ASN A 35 -10.39 -4.79 -5.68
N GLN A 36 -9.83 -4.05 -6.59
CA GLN A 36 -9.32 -4.61 -7.87
C GLN A 36 -8.80 -6.06 -7.69
N PHE A 37 -8.22 -6.32 -6.53
CA PHE A 37 -7.64 -7.68 -6.17
C PHE A 37 -8.57 -8.55 -5.32
N PRO A 38 -8.78 -9.77 -5.78
CA PRO A 38 -9.64 -10.79 -5.16
C PRO A 38 -9.44 -11.00 -3.66
N GLY A 39 -8.19 -10.88 -3.25
CA GLY A 39 -7.87 -11.07 -1.82
C GLY A 39 -8.12 -9.82 -0.95
N PHE A 40 -8.27 -8.71 -1.57
CA PHE A 40 -8.53 -7.40 -0.92
C PHE A 40 -8.86 -7.56 0.54
N LYS A 41 -7.93 -7.30 1.42
CA LYS A 41 -8.27 -7.53 2.87
C LYS A 41 -8.58 -6.27 3.62
N GLU A 42 -7.72 -5.28 3.56
CA GLU A 42 -8.00 -4.05 4.31
C GLU A 42 -7.35 -2.88 3.56
N VAL A 43 -7.99 -1.74 3.72
CA VAL A 43 -7.60 -0.46 3.14
C VAL A 43 -7.87 0.62 4.20
N ARG A 44 -6.79 1.24 4.52
CA ARG A 44 -6.72 2.27 5.60
C ARG A 44 -6.31 3.60 4.96
N LEU A 45 -7.31 4.32 4.60
CA LEU A 45 -7.22 5.68 4.02
C LEU A 45 -8.32 6.53 4.69
N VAL A 46 -8.06 7.18 5.78
CA VAL A 46 -9.10 7.95 6.55
C VAL A 46 -8.92 9.45 6.37
N PRO A 47 -9.92 10.04 5.80
CA PRO A 47 -10.06 11.47 5.47
C PRO A 47 -9.36 12.41 6.43
N GLY A 48 -9.14 13.60 5.92
CA GLY A 48 -8.35 14.58 6.72
C GLY A 48 -6.87 14.35 6.33
N ARG A 49 -6.64 13.22 5.73
CA ARG A 49 -5.35 12.76 5.21
C ARG A 49 -5.59 12.47 3.70
N HIS A 50 -6.18 11.34 3.44
CA HIS A 50 -6.38 10.96 1.97
C HIS A 50 -4.91 10.84 1.44
N ASP A 51 -4.01 10.67 2.39
CA ASP A 51 -2.57 10.58 2.00
C ASP A 51 -1.75 9.54 2.73
N ILE A 52 -2.28 8.75 3.64
CA ILE A 52 -1.57 7.68 4.35
C ILE A 52 -2.41 6.41 4.09
N ALA A 53 -1.82 5.49 3.33
CA ALA A 53 -2.51 4.27 2.89
C ALA A 53 -1.85 3.04 3.53
N PHE A 54 -2.68 2.36 4.25
CA PHE A 54 -2.38 1.04 4.91
C PHE A 54 -3.29 -0.05 4.29
N VAL A 55 -2.66 -0.85 3.43
CA VAL A 55 -3.31 -1.89 2.62
C VAL A 55 -2.79 -3.29 2.94
N GLU A 56 -3.72 -4.01 3.49
CA GLU A 56 -3.62 -5.43 3.94
C GLU A 56 -4.24 -6.35 2.87
N PHE A 57 -3.36 -6.97 2.13
CA PHE A 57 -3.67 -7.83 0.97
C PHE A 57 -3.42 -9.32 1.29
N ASP A 58 -4.50 -9.99 1.48
CA ASP A 58 -4.55 -11.46 1.80
C ASP A 58 -3.24 -12.15 1.50
N ASN A 59 -2.67 -11.88 0.37
CA ASN A 59 -1.36 -12.52 0.05
C ASN A 59 -0.52 -11.59 -0.85
N GLU A 60 0.76 -11.78 -0.74
CA GLU A 60 1.81 -11.02 -1.52
C GLU A 60 1.68 -11.18 -3.04
N VAL A 61 1.03 -12.18 -3.56
CA VAL A 61 0.86 -12.33 -5.05
C VAL A 61 -0.09 -11.17 -5.47
N GLN A 62 -1.14 -11.09 -4.70
CA GLN A 62 -2.12 -9.97 -4.97
C GLN A 62 -1.58 -8.68 -4.35
N ALA A 63 -0.80 -8.71 -3.34
CA ALA A 63 -0.32 -7.42 -2.77
C ALA A 63 0.70 -6.88 -3.79
N GLY A 64 1.46 -7.82 -4.27
CA GLY A 64 2.54 -7.61 -5.29
C GLY A 64 1.85 -7.21 -6.60
N ALA A 65 0.72 -7.79 -6.86
CA ALA A 65 -0.06 -7.49 -8.11
C ALA A 65 -0.50 -6.04 -8.02
N ALA A 66 -1.24 -5.68 -6.99
CA ALA A 66 -1.74 -4.29 -6.77
C ALA A 66 -0.57 -3.33 -6.71
N ARG A 67 0.46 -3.67 -5.97
CA ARG A 67 1.65 -2.83 -5.82
C ARG A 67 2.30 -2.62 -7.20
N ASP A 68 2.52 -3.69 -7.90
CA ASP A 68 3.13 -3.59 -9.25
C ASP A 68 2.20 -2.96 -10.29
N ALA A 69 0.90 -2.99 -10.10
CA ALA A 69 -0.06 -2.39 -11.07
C ALA A 69 -0.07 -0.89 -10.87
N LEU A 70 -0.17 -0.50 -9.61
CA LEU A 70 -0.19 0.98 -9.31
C LEU A 70 1.16 1.29 -8.62
N GLN A 71 2.24 0.72 -9.07
CA GLN A 71 3.60 0.94 -8.47
C GLN A 71 4.17 2.33 -8.82
N GLY A 72 3.37 3.29 -9.16
CA GLY A 72 3.96 4.63 -9.50
C GLY A 72 2.82 5.59 -9.85
N PHE A 73 1.95 5.79 -8.92
CA PHE A 73 0.81 6.72 -9.23
C PHE A 73 1.41 8.14 -9.17
N LYS A 74 2.12 8.50 -10.21
CA LYS A 74 2.77 9.81 -10.34
C LYS A 74 1.68 10.89 -10.28
N ILE A 75 1.30 11.24 -9.09
CA ILE A 75 0.24 12.28 -8.87
C ILE A 75 0.64 13.50 -9.69
N THR A 76 1.93 13.64 -9.86
CA THR A 76 2.43 14.82 -10.65
C THR A 76 3.49 14.25 -11.62
N GLN A 77 4.48 13.65 -11.05
CA GLN A 77 5.63 13.01 -11.76
C GLN A 77 6.81 13.05 -10.76
N ASN A 78 6.82 14.12 -10.02
CA ASN A 78 7.86 14.35 -8.95
C ASN A 78 7.20 13.81 -7.65
N ASN A 79 5.91 13.95 -7.65
CA ASN A 79 5.03 13.49 -6.52
C ASN A 79 4.37 12.17 -7.02
N ALA A 80 4.79 11.08 -6.51
CA ALA A 80 4.17 9.77 -6.98
C ALA A 80 3.84 9.00 -5.69
N MET A 81 2.69 8.44 -5.66
CA MET A 81 2.24 7.64 -4.46
C MET A 81 3.37 6.84 -3.88
N LYS A 82 3.59 6.74 -2.57
CA LYS A 82 4.69 5.94 -2.01
C LYS A 82 4.04 4.95 -0.98
N ILE A 83 4.18 3.71 -1.35
CA ILE A 83 3.62 2.50 -0.70
C ILE A 83 4.84 1.61 -0.37
N SER A 84 4.92 1.34 0.87
CA SER A 84 6.05 0.58 1.49
C SER A 84 5.53 -0.69 2.15
N PHE A 85 5.76 -1.77 1.51
CA PHE A 85 5.34 -3.11 2.06
C PHE A 85 5.67 -3.15 3.54
N ALA A 86 5.02 -3.91 4.36
CA ALA A 86 5.36 -3.91 5.79
C ALA A 86 6.85 -4.19 6.05
N LYS A 87 7.54 -4.65 5.07
CA LYS A 87 9.01 -4.96 5.12
C LYS A 87 9.61 -4.63 6.47
N LYS A 88 9.77 -5.67 7.24
CA LYS A 88 10.30 -5.58 8.63
C LYS A 88 11.69 -6.15 8.75
N MET A 1 3.71 -16.05 19.23
CA MET A 1 4.66 -17.14 19.51
C MET A 1 6.03 -16.72 18.98
N ALA A 2 6.14 -16.57 17.70
CA ALA A 2 7.44 -16.15 17.07
C ALA A 2 7.49 -14.63 17.09
N PRO A 3 8.50 -14.06 17.69
CA PRO A 3 8.65 -12.60 17.77
C PRO A 3 8.93 -12.07 16.35
N ALA A 4 9.55 -12.90 15.56
CA ALA A 4 9.89 -12.56 14.15
C ALA A 4 10.63 -11.20 14.13
N GLN A 5 11.92 -11.25 14.34
CA GLN A 5 12.79 -10.04 14.35
C GLN A 5 12.49 -9.13 13.16
N PRO A 6 11.86 -8.01 13.38
CA PRO A 6 11.52 -7.06 12.32
C PRO A 6 12.41 -5.80 12.39
N LEU A 7 13.67 -6.03 12.28
CA LEU A 7 14.62 -4.89 12.33
C LEU A 7 15.81 -5.14 11.40
N SER A 8 16.49 -6.26 11.55
CA SER A 8 17.67 -6.55 10.67
C SER A 8 17.32 -7.65 9.65
N GLU A 9 17.32 -7.35 8.40
CA GLU A 9 17.00 -8.31 7.31
C GLU A 9 15.55 -8.74 7.40
N ASN A 10 14.75 -8.28 6.48
CA ASN A 10 13.31 -8.64 6.49
C ASN A 10 12.97 -9.17 5.09
N PRO A 11 12.33 -10.29 5.04
CA PRO A 11 11.92 -10.95 3.80
C PRO A 11 11.09 -10.00 2.90
N PRO A 12 10.71 -10.55 1.78
CA PRO A 12 9.91 -9.86 0.76
C PRO A 12 8.70 -9.23 1.48
N ASN A 13 8.25 -8.11 0.97
CA ASN A 13 7.11 -7.45 1.63
C ASN A 13 5.79 -7.56 0.87
N HIS A 14 4.75 -7.61 1.64
CA HIS A 14 3.34 -7.69 1.18
C HIS A 14 2.54 -6.60 1.96
N ILE A 15 3.26 -5.64 2.50
CA ILE A 15 2.74 -4.50 3.30
C ILE A 15 3.46 -3.25 2.74
N LEU A 16 2.69 -2.39 2.11
CA LEU A 16 3.24 -1.16 1.48
C LEU A 16 2.49 0.09 2.03
N PHE A 17 3.30 0.84 2.78
CA PHE A 17 2.92 2.02 3.54
C PHE A 17 3.76 3.19 2.96
N LEU A 18 3.07 4.22 2.69
CA LEU A 18 3.68 5.39 2.13
C LEU A 18 2.53 6.31 1.78
N THR A 19 2.90 7.36 1.28
CA THR A 19 2.04 8.52 0.93
C THR A 19 1.64 8.57 -0.52
N ASN A 20 0.40 8.33 -0.70
CA ASN A 20 -0.20 8.44 -2.08
C ASN A 20 -0.41 9.97 -2.24
N LEU A 21 -0.84 10.56 -1.17
CA LEU A 21 -1.02 12.01 -1.03
C LEU A 21 -2.45 12.51 -1.29
N PRO A 22 -2.81 12.87 -2.46
CA PRO A 22 -4.16 13.43 -2.71
C PRO A 22 -5.00 12.62 -3.66
N GLU A 23 -5.93 13.26 -4.29
CA GLU A 23 -6.87 12.68 -5.28
C GLU A 23 -8.18 12.29 -4.55
N GLU A 24 -8.26 12.78 -3.35
CA GLU A 24 -9.49 12.46 -2.55
C GLU A 24 -9.49 10.91 -2.44
N THR A 25 -8.33 10.36 -2.56
CA THR A 25 -8.10 8.88 -2.48
C THR A 25 -8.97 8.33 -1.36
N ASN A 26 -10.15 7.93 -1.76
CA ASN A 26 -11.15 7.38 -0.77
C ASN A 26 -10.66 6.03 -0.27
N GLU A 27 -10.87 5.72 0.99
CA GLU A 27 -10.44 4.42 1.56
C GLU A 27 -11.11 3.18 0.92
N LEU A 28 -12.38 3.28 0.67
CA LEU A 28 -13.20 2.19 0.04
C LEU A 28 -12.86 2.16 -1.46
N MET A 29 -12.38 3.30 -1.93
CA MET A 29 -11.98 3.42 -3.39
C MET A 29 -10.74 2.57 -3.60
N LEU A 30 -9.73 2.93 -2.85
CA LEU A 30 -8.44 2.17 -2.91
C LEU A 30 -8.72 0.81 -2.26
N SER A 31 -9.70 0.69 -1.42
CA SER A 31 -10.00 -0.65 -0.81
C SER A 31 -10.65 -1.52 -1.92
N MET A 32 -11.38 -0.94 -2.81
CA MET A 32 -11.97 -1.81 -3.89
C MET A 32 -10.89 -2.06 -4.92
N LEU A 33 -10.00 -1.10 -5.13
CA LEU A 33 -8.90 -1.26 -6.16
C LEU A 33 -7.92 -2.27 -5.57
N PHE A 34 -7.86 -2.21 -4.27
CA PHE A 34 -6.94 -3.16 -3.53
C PHE A 34 -7.69 -4.50 -3.45
N ASN A 35 -8.99 -4.36 -3.43
CA ASN A 35 -9.92 -5.51 -3.37
C ASN A 35 -9.74 -6.36 -4.64
N GLN A 36 -9.56 -5.68 -5.74
CA GLN A 36 -9.32 -6.39 -7.02
C GLN A 36 -8.36 -7.59 -6.80
N PHE A 37 -7.47 -7.36 -5.86
CA PHE A 37 -6.39 -8.32 -5.39
C PHE A 37 -6.82 -9.31 -4.32
N PRO A 38 -6.56 -10.58 -4.57
CA PRO A 38 -6.92 -11.66 -3.61
C PRO A 38 -6.29 -11.53 -2.23
N GLY A 39 -5.33 -10.66 -2.12
CA GLY A 39 -4.67 -10.47 -0.80
C GLY A 39 -5.20 -9.20 -0.13
N PHE A 40 -6.24 -8.60 -0.66
CA PHE A 40 -6.83 -7.37 -0.10
C PHE A 40 -7.02 -7.50 1.41
N LYS A 41 -6.14 -6.91 2.18
CA LYS A 41 -6.28 -7.02 3.65
C LYS A 41 -6.45 -5.72 4.39
N GLU A 42 -5.57 -4.77 4.26
CA GLU A 42 -5.71 -3.52 5.02
C GLU A 42 -5.48 -2.34 4.06
N VAL A 43 -6.17 -1.27 4.34
CA VAL A 43 -6.17 -0.03 3.58
C VAL A 43 -6.35 1.12 4.57
N ARG A 44 -5.35 1.93 4.55
CA ARG A 44 -5.21 3.11 5.46
C ARG A 44 -5.17 4.38 4.60
N LEU A 45 -6.31 4.96 4.46
CA LEU A 45 -6.52 6.20 3.69
C LEU A 45 -7.62 7.01 4.44
N VAL A 46 -7.27 7.84 5.36
CA VAL A 46 -8.20 8.65 6.20
C VAL A 46 -8.58 9.94 5.46
N PRO A 47 -9.79 9.95 5.02
CA PRO A 47 -10.45 11.06 4.26
C PRO A 47 -10.17 12.43 4.85
N GLY A 48 -10.00 12.60 6.15
CA GLY A 48 -9.72 14.00 6.59
C GLY A 48 -8.34 14.35 5.99
N ARG A 49 -7.62 13.33 5.59
CA ARG A 49 -6.29 13.41 4.98
C ARG A 49 -6.22 12.89 3.54
N HIS A 50 -6.39 11.59 3.40
CA HIS A 50 -6.27 10.82 2.08
C HIS A 50 -4.74 10.95 1.77
N ASP A 51 -3.99 11.41 2.73
CA ASP A 51 -2.55 11.71 2.64
C ASP A 51 -1.56 10.66 3.09
N ILE A 52 -1.95 9.58 3.75
CA ILE A 52 -1.08 8.50 4.19
C ILE A 52 -1.79 7.22 3.70
N ALA A 53 -1.10 6.49 2.90
CA ALA A 53 -1.68 5.27 2.23
C ALA A 53 -0.93 4.00 2.67
N PHE A 54 -1.66 3.26 3.50
CA PHE A 54 -1.17 1.99 4.11
C PHE A 54 -1.99 0.77 3.63
N VAL A 55 -1.31 0.03 2.75
CA VAL A 55 -1.86 -1.13 2.04
C VAL A 55 -1.16 -2.46 2.37
N GLU A 56 -1.92 -3.19 3.17
CA GLU A 56 -1.60 -4.53 3.71
C GLU A 56 -2.28 -5.64 2.86
N PHE A 57 -1.47 -6.22 2.01
CA PHE A 57 -1.85 -7.24 1.02
C PHE A 57 -1.38 -8.66 1.40
N ASP A 58 -2.33 -9.40 1.85
CA ASP A 58 -2.16 -10.80 2.34
C ASP A 58 -0.85 -11.41 1.91
N ASN A 59 -0.61 -11.39 0.63
CA ASN A 59 0.63 -11.95 0.04
C ASN A 59 1.19 -10.93 -0.98
N GLU A 60 2.49 -10.87 -1.01
CA GLU A 60 3.26 -9.94 -1.92
C GLU A 60 3.01 -10.16 -3.41
N VAL A 61 2.51 -11.29 -3.88
CA VAL A 61 2.23 -11.44 -5.36
C VAL A 61 0.98 -10.55 -5.62
N GLN A 62 0.09 -10.64 -4.66
CA GLN A 62 -1.14 -9.81 -4.73
C GLN A 62 -0.84 -8.39 -4.24
N ALA A 63 0.08 -8.20 -3.36
CA ALA A 63 0.43 -6.84 -2.82
C ALA A 63 1.13 -6.17 -4.02
N GLY A 64 1.98 -6.97 -4.60
CA GLY A 64 2.79 -6.58 -5.80
C GLY A 64 1.82 -6.41 -6.96
N ALA A 65 0.79 -7.19 -7.03
CA ALA A 65 -0.23 -7.09 -8.12
C ALA A 65 -0.90 -5.74 -8.01
N ALA A 66 -1.55 -5.44 -6.89
CA ALA A 66 -2.23 -4.16 -6.63
C ALA A 66 -1.22 -3.01 -6.73
N ARG A 67 -0.11 -3.13 -6.06
CA ARG A 67 0.97 -2.13 -6.04
C ARG A 67 1.44 -1.88 -7.48
N ASP A 68 1.90 -2.87 -8.17
CA ASP A 68 2.38 -2.75 -9.57
C ASP A 68 1.24 -2.31 -10.54
N ALA A 69 0.02 -2.70 -10.30
CA ALA A 69 -1.09 -2.29 -11.24
C ALA A 69 -1.40 -0.80 -11.05
N LEU A 70 -1.31 -0.37 -9.82
CA LEU A 70 -1.60 1.09 -9.52
C LEU A 70 -0.29 1.80 -9.24
N GLN A 71 0.79 1.10 -9.41
CA GLN A 71 2.18 1.59 -9.18
C GLN A 71 2.45 2.76 -10.15
N GLY A 72 2.40 3.93 -9.63
CA GLY A 72 2.65 5.09 -10.52
C GLY A 72 1.30 5.82 -10.68
N PHE A 73 0.51 5.80 -9.66
CA PHE A 73 -0.83 6.48 -9.64
C PHE A 73 -0.53 7.99 -9.62
N LYS A 74 0.10 8.44 -10.67
CA LYS A 74 0.50 9.85 -10.84
C LYS A 74 -0.67 10.82 -10.83
N ILE A 75 -1.18 11.07 -9.66
CA ILE A 75 -2.31 12.02 -9.42
C ILE A 75 -2.01 13.27 -10.29
N THR A 76 -0.73 13.55 -10.43
CA THR A 76 -0.37 14.72 -11.27
C THR A 76 0.93 14.47 -12.08
N GLN A 77 1.95 14.10 -11.39
CA GLN A 77 3.30 13.81 -11.98
C GLN A 77 4.29 13.89 -10.78
N ASN A 78 4.01 14.85 -9.95
CA ASN A 78 4.79 15.07 -8.67
C ASN A 78 3.93 14.35 -7.60
N ASN A 79 2.65 14.65 -7.70
CA ASN A 79 1.63 13.97 -6.82
C ASN A 79 1.54 12.56 -7.45
N ALA A 80 1.68 11.49 -6.73
CA ALA A 80 1.69 10.20 -7.48
C ALA A 80 1.86 9.10 -6.42
N MET A 81 0.92 8.23 -6.38
CA MET A 81 0.99 7.15 -5.38
C MET A 81 2.42 6.79 -4.96
N LYS A 82 2.85 7.14 -3.78
CA LYS A 82 4.19 6.73 -3.25
C LYS A 82 3.94 5.83 -2.00
N ILE A 83 4.13 4.54 -2.22
CA ILE A 83 3.89 3.43 -1.30
C ILE A 83 5.22 2.65 -1.23
N SER A 84 5.61 2.49 -0.03
CA SER A 84 6.91 1.88 0.43
C SER A 84 6.61 0.53 1.11
N PHE A 85 6.89 -0.51 0.42
CA PHE A 85 6.67 -1.89 0.90
C PHE A 85 7.18 -2.18 2.28
N ALA A 86 7.49 -1.24 3.12
CA ALA A 86 7.96 -1.60 4.50
C ALA A 86 9.27 -2.34 4.50
N LYS A 87 10.23 -1.83 3.76
CA LYS A 87 11.54 -2.58 3.77
C LYS A 87 12.24 -2.28 5.08
N LYS A 88 12.79 -3.30 5.66
CA LYS A 88 13.52 -3.17 6.95
C LYS A 88 14.80 -3.97 6.86
N MET A 1 24.99 -6.09 13.66
CA MET A 1 25.06 -6.98 12.46
C MET A 1 23.66 -7.33 11.97
N ALA A 2 22.89 -7.95 12.81
CA ALA A 2 21.50 -8.34 12.44
C ALA A 2 20.54 -7.82 13.53
N PRO A 3 19.96 -6.67 13.28
CA PRO A 3 19.02 -6.04 14.22
C PRO A 3 17.61 -6.65 14.01
N ALA A 4 16.66 -6.18 14.76
CA ALA A 4 15.25 -6.67 14.69
C ALA A 4 15.18 -8.11 15.21
N GLN A 5 14.42 -8.28 16.26
CA GLN A 5 14.27 -9.64 16.87
C GLN A 5 13.76 -10.60 15.81
N PRO A 6 13.93 -11.86 16.09
CA PRO A 6 13.51 -12.95 15.21
C PRO A 6 12.07 -13.36 15.54
N LEU A 7 11.16 -12.52 15.12
CA LEU A 7 9.71 -12.77 15.37
C LEU A 7 8.97 -12.94 14.04
N SER A 8 8.70 -14.17 13.67
CA SER A 8 7.99 -14.49 12.40
C SER A 8 8.78 -13.89 11.22
N GLU A 9 10.07 -13.77 11.40
CA GLU A 9 10.96 -13.21 10.33
C GLU A 9 10.41 -11.83 9.94
N ASN A 10 9.75 -11.71 8.83
CA ASN A 10 9.22 -10.35 8.45
C ASN A 10 8.60 -10.49 7.05
N PRO A 11 9.38 -10.77 6.05
CA PRO A 11 8.90 -10.95 4.67
C PRO A 11 7.72 -11.93 4.71
N PRO A 12 6.88 -11.93 3.73
CA PRO A 12 6.95 -11.07 2.54
C PRO A 12 6.21 -9.73 2.75
N ASN A 13 5.94 -9.09 1.66
CA ASN A 13 5.22 -7.78 1.74
C ASN A 13 3.75 -7.87 1.35
N HIS A 14 2.91 -7.88 2.35
CA HIS A 14 1.44 -7.95 2.15
C HIS A 14 0.77 -6.78 2.90
N ILE A 15 1.51 -5.74 3.25
CA ILE A 15 0.96 -4.57 3.98
C ILE A 15 1.83 -3.38 3.50
N LEU A 16 1.20 -2.49 2.77
CA LEU A 16 1.91 -1.29 2.22
C LEU A 16 1.22 0.00 2.77
N PHE A 17 2.05 0.68 3.57
CA PHE A 17 1.72 1.87 4.34
C PHE A 17 2.63 3.01 3.81
N LEU A 18 1.97 4.04 3.43
CA LEU A 18 2.69 5.20 2.97
C LEU A 18 1.62 6.19 2.58
N THR A 19 2.03 7.27 2.14
CA THR A 19 1.16 8.37 1.84
C THR A 19 1.70 8.95 0.52
N ASN A 20 1.06 9.91 0.15
CA ASN A 20 1.35 10.74 -1.07
C ASN A 20 0.14 10.71 -2.03
N LEU A 21 -1.00 10.93 -1.43
CA LEU A 21 -2.30 10.99 -2.19
C LEU A 21 -2.90 12.37 -1.82
N PRO A 22 -2.53 13.34 -2.60
CA PRO A 22 -2.89 14.74 -2.53
C PRO A 22 -4.11 15.04 -1.68
N GLU A 23 -5.31 14.81 -2.16
CA GLU A 23 -6.51 15.13 -1.37
C GLU A 23 -7.73 14.79 -2.22
N GLU A 24 -7.57 14.99 -3.52
CA GLU A 24 -8.69 14.69 -4.47
C GLU A 24 -8.86 13.15 -4.45
N THR A 25 -7.88 12.47 -3.92
CA THR A 25 -7.90 10.98 -3.83
C THR A 25 -9.16 10.47 -3.15
N ASN A 26 -9.43 9.21 -3.19
CA ASN A 26 -10.69 8.75 -2.50
C ASN A 26 -10.44 7.36 -1.89
N GLU A 27 -11.07 7.08 -0.78
CA GLU A 27 -10.97 5.83 -0.01
C GLU A 27 -11.50 4.61 -0.81
N LEU A 28 -12.66 4.79 -1.38
CA LEU A 28 -13.36 3.74 -2.18
C LEU A 28 -12.63 3.65 -3.54
N MET A 29 -11.94 4.73 -3.86
CA MET A 29 -11.16 4.79 -5.16
C MET A 29 -10.00 3.81 -5.03
N LEU A 30 -9.21 4.07 -4.00
CA LEU A 30 -8.04 3.25 -3.65
C LEU A 30 -8.60 1.89 -3.20
N SER A 31 -9.80 1.89 -2.65
CA SER A 31 -10.41 0.60 -2.21
C SER A 31 -10.77 -0.27 -3.43
N MET A 32 -11.26 0.37 -4.44
CA MET A 32 -11.62 -0.44 -5.65
C MET A 32 -10.33 -0.78 -6.39
N LEU A 33 -9.34 0.09 -6.25
CA LEU A 33 -8.01 -0.11 -6.95
C LEU A 33 -7.33 -1.30 -6.23
N PHE A 34 -7.62 -1.31 -4.94
CA PHE A 34 -7.05 -2.45 -4.14
C PHE A 34 -7.92 -3.70 -4.34
N ASN A 35 -9.17 -3.41 -4.66
CA ASN A 35 -10.18 -4.46 -4.92
C ASN A 35 -9.77 -5.25 -6.19
N GLN A 36 -9.33 -4.55 -7.21
CA GLN A 36 -8.89 -5.13 -8.50
C GLN A 36 -8.23 -6.52 -8.32
N PHE A 37 -7.56 -6.66 -7.19
CA PHE A 37 -6.81 -7.90 -6.77
C PHE A 37 -7.58 -8.90 -5.92
N PRO A 38 -7.76 -10.09 -6.44
CA PRO A 38 -8.47 -11.23 -5.79
C PRO A 38 -7.78 -11.59 -4.46
N GLY A 39 -8.06 -10.78 -3.49
CA GLY A 39 -7.46 -11.00 -2.15
C GLY A 39 -7.70 -9.75 -1.26
N PHE A 40 -7.72 -8.63 -1.88
CA PHE A 40 -7.94 -7.30 -1.26
C PHE A 40 -8.39 -7.42 0.18
N LYS A 41 -7.46 -7.25 1.09
CA LYS A 41 -7.85 -7.42 2.51
C LYS A 41 -8.36 -6.15 3.19
N GLU A 42 -7.52 -5.21 3.42
CA GLU A 42 -7.92 -3.97 4.10
C GLU A 42 -7.22 -2.79 3.39
N VAL A 43 -7.82 -1.65 3.57
CA VAL A 43 -7.39 -0.37 3.00
C VAL A 43 -7.89 0.74 3.92
N ARG A 44 -6.95 1.47 4.36
CA ARG A 44 -7.16 2.55 5.37
C ARG A 44 -6.70 3.87 4.73
N LEU A 45 -7.67 4.53 4.19
CA LEU A 45 -7.52 5.88 3.59
C LEU A 45 -8.84 6.60 3.75
N VAL A 46 -9.08 7.34 4.81
CA VAL A 46 -10.42 7.97 4.93
C VAL A 46 -10.60 8.88 6.14
N PRO A 47 -9.66 9.66 6.54
CA PRO A 47 -9.82 10.57 7.69
C PRO A 47 -9.79 12.00 7.10
N GLY A 48 -9.41 13.00 7.85
CA GLY A 48 -9.39 14.34 7.17
C GLY A 48 -8.26 14.24 6.10
N ARG A 49 -7.42 13.26 6.28
CA ARG A 49 -6.28 12.95 5.41
C ARG A 49 -6.68 12.55 3.99
N HIS A 50 -6.88 11.26 3.79
CA HIS A 50 -7.19 10.74 2.38
C HIS A 50 -5.83 10.87 1.63
N ASP A 51 -4.78 11.00 2.43
CA ASP A 51 -3.38 11.19 1.95
C ASP A 51 -2.43 10.18 2.57
N ILE A 52 -2.87 9.35 3.50
CA ILE A 52 -2.07 8.32 4.18
C ILE A 52 -2.84 7.00 3.94
N ALA A 53 -2.22 6.13 3.16
CA ALA A 53 -2.85 4.88 2.74
C ALA A 53 -2.14 3.67 3.38
N PHE A 54 -2.94 2.96 4.09
CA PHE A 54 -2.57 1.66 4.76
C PHE A 54 -3.34 0.49 4.10
N VAL A 55 -2.60 -0.20 3.23
CA VAL A 55 -3.10 -1.29 2.39
C VAL A 55 -2.58 -2.69 2.75
N GLU A 56 -3.52 -3.39 3.30
CA GLU A 56 -3.42 -4.81 3.76
C GLU A 56 -3.95 -5.76 2.65
N PHE A 57 -2.98 -6.34 1.97
CA PHE A 57 -3.18 -7.21 0.80
C PHE A 57 -3.05 -8.71 1.14
N ASP A 58 -4.18 -9.31 1.22
CA ASP A 58 -4.34 -10.76 1.57
C ASP A 58 -3.07 -11.55 1.31
N ASN A 59 -2.48 -11.32 0.18
CA ASN A 59 -1.22 -12.05 -0.12
C ASN A 59 -0.26 -11.15 -0.93
N GLU A 60 0.98 -11.21 -0.61
CA GLU A 60 2.10 -10.42 -1.27
C GLU A 60 2.16 -10.56 -2.80
N VAL A 61 1.58 -11.59 -3.39
CA VAL A 61 1.63 -11.67 -4.89
C VAL A 61 0.55 -10.65 -5.36
N GLN A 62 -0.49 -10.60 -4.55
CA GLN A 62 -1.61 -9.65 -4.83
C GLN A 62 -1.19 -8.25 -4.33
N ALA A 63 -0.41 -8.18 -3.28
CA ALA A 63 0.04 -6.86 -2.73
C ALA A 63 1.05 -6.38 -3.77
N GLY A 64 1.90 -7.29 -4.13
CA GLY A 64 2.97 -7.09 -5.15
C GLY A 64 2.31 -6.82 -6.48
N ALA A 65 1.17 -7.37 -6.75
CA ALA A 65 0.47 -7.11 -8.05
C ALA A 65 -0.03 -5.69 -7.99
N ALA A 66 -0.87 -5.32 -7.05
CA ALA A 66 -1.42 -3.92 -6.92
C ALA A 66 -0.29 -2.94 -6.80
N ARG A 67 0.67 -3.30 -6.03
CA ARG A 67 1.87 -2.43 -5.81
C ARG A 67 2.62 -2.34 -7.14
N ASP A 68 2.92 -3.42 -7.79
CA ASP A 68 3.63 -3.45 -9.09
C ASP A 68 2.87 -2.69 -10.19
N ALA A 69 1.57 -2.66 -10.04
CA ALA A 69 0.76 -1.95 -11.05
C ALA A 69 0.83 -0.44 -10.74
N LEU A 70 0.80 -0.13 -9.46
CA LEU A 70 0.87 1.34 -9.12
C LEU A 70 1.82 1.44 -7.89
N GLN A 71 3.09 1.17 -8.13
CA GLN A 71 4.12 1.22 -7.04
C GLN A 71 4.56 2.68 -6.87
N GLY A 72 4.07 3.49 -7.76
CA GLY A 72 4.43 4.93 -7.69
C GLY A 72 3.49 5.66 -8.68
N PHE A 73 2.24 5.54 -8.39
CA PHE A 73 1.16 6.17 -9.22
C PHE A 73 1.55 7.65 -9.40
N LYS A 74 2.17 7.89 -10.52
CA LYS A 74 2.62 9.25 -10.87
C LYS A 74 1.40 10.19 -10.88
N ILE A 75 1.10 10.70 -9.72
CA ILE A 75 -0.06 11.62 -9.61
C ILE A 75 0.24 12.83 -10.50
N THR A 76 1.52 13.11 -10.66
CA THR A 76 1.98 14.25 -11.51
C THR A 76 3.06 13.81 -12.52
N GLN A 77 3.92 12.98 -12.06
CA GLN A 77 5.07 12.40 -12.83
C GLN A 77 6.29 12.48 -11.88
N ASN A 78 6.37 13.59 -11.22
CA ASN A 78 7.47 13.88 -10.23
C ASN A 78 6.87 13.52 -8.86
N ASN A 79 5.57 13.66 -8.80
CA ASN A 79 4.75 13.36 -7.58
C ASN A 79 4.06 12.00 -7.85
N ALA A 80 4.58 10.99 -7.23
CA ALA A 80 4.05 9.61 -7.39
C ALA A 80 3.56 9.18 -5.98
N MET A 81 2.49 8.46 -5.89
CA MET A 81 2.05 8.07 -4.51
C MET A 81 3.16 7.33 -3.79
N LYS A 82 3.22 7.25 -2.48
CA LYS A 82 4.28 6.51 -1.77
C LYS A 82 3.57 5.54 -0.77
N ILE A 83 3.79 4.30 -1.07
CA ILE A 83 3.22 3.09 -0.42
C ILE A 83 4.42 2.17 -0.14
N SER A 84 4.73 2.03 1.13
CA SER A 84 5.89 1.27 1.62
C SER A 84 5.42 -0.03 2.32
N PHE A 85 5.59 -1.10 1.66
CA PHE A 85 5.30 -2.46 2.22
C PHE A 85 5.82 -2.50 3.62
N ALA A 86 5.32 -3.30 4.52
CA ALA A 86 5.79 -3.29 5.91
C ALA A 86 6.79 -4.37 6.25
N LYS A 87 7.13 -5.30 5.42
CA LYS A 87 8.13 -6.33 5.86
C LYS A 87 9.29 -6.45 4.83
N LYS A 88 10.11 -5.45 4.84
CA LYS A 88 11.31 -5.30 3.98
C LYS A 88 11.55 -6.45 3.05
N MET A 1 20.61 -7.88 22.47
CA MET A 1 21.16 -7.87 21.08
C MET A 1 20.24 -7.06 20.15
N ALA A 2 20.52 -5.81 19.89
CA ALA A 2 19.60 -5.06 18.99
C ALA A 2 19.98 -5.22 17.52
N PRO A 3 21.22 -5.03 17.17
CA PRO A 3 21.72 -5.15 15.78
C PRO A 3 22.25 -6.57 15.56
N ALA A 4 23.51 -6.84 15.72
CA ALA A 4 24.04 -8.19 15.52
C ALA A 4 23.75 -8.70 14.09
N GLN A 5 24.00 -9.95 13.90
CA GLN A 5 23.81 -10.70 12.63
C GLN A 5 23.66 -9.81 11.41
N PRO A 6 22.56 -9.20 11.13
CA PRO A 6 21.30 -9.18 11.81
C PRO A 6 20.29 -10.08 11.06
N LEU A 7 19.08 -10.16 11.51
CA LEU A 7 18.10 -11.03 10.82
C LEU A 7 17.66 -10.42 9.47
N SER A 8 16.79 -9.46 9.49
CA SER A 8 16.32 -8.81 8.24
C SER A 8 15.49 -9.77 7.35
N GLU A 9 14.66 -10.56 7.96
CA GLU A 9 13.82 -11.52 7.18
C GLU A 9 12.39 -11.36 7.69
N ASN A 10 11.45 -11.68 6.85
CA ASN A 10 10.00 -11.57 7.23
C ASN A 10 9.13 -12.29 6.19
N PRO A 11 8.05 -12.87 6.61
CA PRO A 11 7.14 -13.59 5.69
C PRO A 11 6.49 -12.65 4.68
N PRO A 12 5.94 -13.24 3.64
CA PRO A 12 5.26 -12.47 2.57
C PRO A 12 4.20 -11.60 3.27
N ASN A 13 4.26 -10.32 3.22
CA ASN A 13 3.22 -9.53 3.92
C ASN A 13 1.84 -9.60 3.24
N HIS A 14 1.56 -8.65 2.43
CA HIS A 14 0.29 -8.49 1.67
C HIS A 14 -0.50 -7.27 2.26
N ILE A 15 0.21 -6.39 2.94
CA ILE A 15 -0.34 -5.17 3.62
C ILE A 15 0.60 -4.03 3.20
N LEU A 16 0.08 -3.13 2.40
CA LEU A 16 0.88 -1.94 1.90
C LEU A 16 0.26 -0.64 2.49
N PHE A 17 1.06 -0.10 3.43
CA PHE A 17 0.76 1.06 4.25
C PHE A 17 1.84 2.11 3.91
N LEU A 18 1.35 3.25 3.62
CA LEU A 18 2.22 4.35 3.30
C LEU A 18 1.31 5.45 2.84
N THR A 19 1.88 6.49 2.50
CA THR A 19 1.16 7.69 2.14
C THR A 19 1.93 8.30 0.99
N ASN A 20 1.43 9.34 0.61
CA ASN A 20 1.95 10.22 -0.51
C ASN A 20 0.89 10.33 -1.61
N LEU A 21 -0.33 10.45 -1.21
CA LEU A 21 -1.47 10.58 -2.18
C LEU A 21 -2.04 11.99 -1.90
N PRO A 22 -1.27 13.01 -2.07
CA PRO A 22 -1.58 14.42 -1.85
C PRO A 22 -3.02 14.74 -1.54
N GLU A 23 -3.79 15.38 -2.40
CA GLU A 23 -5.21 15.72 -2.07
C GLU A 23 -6.12 15.41 -3.27
N GLU A 24 -5.55 14.83 -4.28
CA GLU A 24 -6.34 14.49 -5.50
C GLU A 24 -6.55 12.96 -5.46
N THR A 25 -6.88 12.50 -4.29
CA THR A 25 -7.10 11.02 -4.08
C THR A 25 -8.45 10.73 -3.45
N ASN A 26 -9.02 9.58 -3.71
CA ASN A 26 -10.36 9.26 -3.09
C ASN A 26 -10.32 7.87 -2.44
N GLU A 27 -11.00 7.71 -1.32
CA GLU A 27 -11.07 6.45 -0.54
C GLU A 27 -11.68 5.26 -1.33
N LEU A 28 -12.81 5.53 -1.94
CA LEU A 28 -13.57 4.51 -2.75
C LEU A 28 -12.79 4.33 -4.08
N MET A 29 -11.96 5.31 -4.37
CA MET A 29 -11.11 5.27 -5.63
C MET A 29 -10.07 4.16 -5.41
N LEU A 30 -9.34 4.37 -4.34
CA LEU A 30 -8.28 3.42 -3.92
C LEU A 30 -8.98 2.11 -3.52
N SER A 31 -10.20 2.21 -3.04
CA SER A 31 -11.02 1.04 -2.62
C SER A 31 -11.35 0.22 -3.89
N MET A 32 -11.71 0.86 -4.97
CA MET A 32 -12.03 0.10 -6.21
C MET A 32 -10.74 -0.36 -6.90
N LEU A 33 -9.67 0.40 -6.72
CA LEU A 33 -8.36 0.06 -7.37
C LEU A 33 -7.80 -1.15 -6.59
N PHE A 34 -8.08 -1.08 -5.32
CA PHE A 34 -7.62 -2.25 -4.46
C PHE A 34 -8.60 -3.40 -4.63
N ASN A 35 -9.82 -3.00 -4.94
CA ASN A 35 -10.94 -3.94 -5.15
C ASN A 35 -10.67 -4.76 -6.42
N GLN A 36 -10.12 -4.14 -7.43
CA GLN A 36 -9.77 -4.80 -8.72
C GLN A 36 -9.37 -6.28 -8.53
N PHE A 37 -8.74 -6.51 -7.42
CA PHE A 37 -8.20 -7.85 -6.94
C PHE A 37 -9.19 -8.65 -6.10
N PRO A 38 -9.45 -9.88 -6.48
CA PRO A 38 -10.39 -10.83 -5.83
C PRO A 38 -10.18 -10.98 -4.32
N GLY A 39 -8.92 -10.82 -3.95
CA GLY A 39 -8.59 -10.93 -2.50
C GLY A 39 -9.14 -9.76 -1.67
N PHE A 40 -9.34 -8.66 -2.32
CA PHE A 40 -9.86 -7.39 -1.73
C PHE A 40 -10.07 -7.49 -0.25
N LYS A 41 -9.19 -7.00 0.60
CA LYS A 41 -9.47 -7.19 2.04
C LYS A 41 -9.70 -5.92 2.84
N GLU A 42 -8.78 -4.99 2.82
CA GLU A 42 -8.94 -3.78 3.61
C GLU A 42 -8.23 -2.62 2.89
N VAL A 43 -8.78 -1.46 3.11
CA VAL A 43 -8.31 -0.20 2.54
C VAL A 43 -8.69 0.91 3.52
N ARG A 44 -7.66 1.56 3.92
CA ARG A 44 -7.74 2.59 4.95
C ARG A 44 -7.23 3.93 4.37
N LEU A 45 -8.18 4.71 4.01
CA LEU A 45 -8.00 6.09 3.50
C LEU A 45 -9.08 6.97 4.19
N VAL A 46 -8.74 7.51 5.31
CA VAL A 46 -9.63 8.30 6.21
C VAL A 46 -9.39 9.81 6.14
N PRO A 47 -10.38 10.46 5.63
CA PRO A 47 -10.45 11.90 5.43
C PRO A 47 -9.72 12.73 6.49
N GLY A 48 -9.34 13.92 6.03
CA GLY A 48 -8.52 14.84 6.87
C GLY A 48 -7.06 14.60 6.38
N ARG A 49 -6.88 13.41 5.84
CA ARG A 49 -5.63 12.91 5.27
C ARG A 49 -5.80 12.90 3.73
N HIS A 50 -6.61 11.98 3.28
CA HIS A 50 -6.77 11.81 1.77
C HIS A 50 -5.30 11.52 1.34
N ASP A 51 -4.51 11.05 2.28
CA ASP A 51 -3.08 10.86 1.92
C ASP A 51 -2.36 9.69 2.56
N ILE A 52 -2.92 9.01 3.55
CA ILE A 52 -2.31 7.87 4.26
C ILE A 52 -3.17 6.63 3.91
N ALA A 53 -2.58 5.74 3.13
CA ALA A 53 -3.28 4.57 2.61
C ALA A 53 -2.68 3.28 3.20
N PHE A 54 -3.54 2.60 3.87
CA PHE A 54 -3.28 1.25 4.51
C PHE A 54 -4.21 0.19 3.84
N VAL A 55 -3.58 -0.60 2.97
CA VAL A 55 -4.24 -1.60 2.13
C VAL A 55 -3.73 -3.00 2.42
N GLU A 56 -4.67 -3.74 2.94
CA GLU A 56 -4.56 -5.15 3.38
C GLU A 56 -5.23 -6.02 2.28
N PHE A 57 -4.40 -6.76 1.64
CA PHE A 57 -4.75 -7.63 0.47
C PHE A 57 -4.56 -9.12 0.88
N ASP A 58 -5.68 -9.73 1.01
CA ASP A 58 -5.77 -11.19 1.40
C ASP A 58 -4.50 -11.94 1.04
N ASN A 59 -3.81 -11.62 -0.04
CA ASN A 59 -2.55 -12.35 -0.35
C ASN A 59 -1.57 -11.47 -1.15
N GLU A 60 -0.31 -11.58 -0.87
CA GLU A 60 0.78 -10.80 -1.58
C GLU A 60 0.83 -11.01 -3.09
N VAL A 61 0.29 -12.05 -3.70
CA VAL A 61 0.34 -12.18 -5.20
C VAL A 61 -0.61 -11.07 -5.72
N GLN A 62 -1.74 -11.02 -5.03
CA GLN A 62 -2.73 -9.94 -5.40
C GLN A 62 -2.33 -8.62 -4.77
N ALA A 63 -1.69 -8.58 -3.66
CA ALA A 63 -1.30 -7.28 -3.04
C ALA A 63 -0.19 -6.73 -3.96
N GLY A 64 0.65 -7.65 -4.33
CA GLY A 64 1.82 -7.36 -5.23
C GLY A 64 1.25 -7.06 -6.58
N ALA A 65 0.17 -7.67 -6.97
CA ALA A 65 -0.44 -7.40 -8.30
C ALA A 65 -0.94 -5.95 -8.29
N ALA A 66 -1.78 -5.57 -7.35
CA ALA A 66 -2.33 -4.20 -7.20
C ALA A 66 -1.18 -3.21 -7.07
N ARG A 67 -0.24 -3.54 -6.24
CA ARG A 67 0.94 -2.70 -5.99
C ARG A 67 1.75 -2.57 -7.28
N ASP A 68 1.86 -3.62 -8.04
CA ASP A 68 2.62 -3.62 -9.33
C ASP A 68 1.82 -2.84 -10.38
N ALA A 69 0.52 -2.88 -10.22
CA ALA A 69 -0.38 -2.17 -11.17
C ALA A 69 -0.32 -0.66 -10.90
N LEU A 70 -0.18 -0.33 -9.65
CA LEU A 70 -0.10 1.13 -9.30
C LEU A 70 1.29 1.35 -8.67
N GLN A 71 2.26 0.68 -9.25
CA GLN A 71 3.67 0.72 -8.81
C GLN A 71 4.34 2.08 -9.10
N GLY A 72 3.65 3.10 -9.47
CA GLY A 72 4.28 4.42 -9.76
C GLY A 72 3.14 5.46 -9.83
N PHE A 73 2.33 5.46 -8.81
CA PHE A 73 1.21 6.46 -8.83
C PHE A 73 1.86 7.84 -8.61
N LYS A 74 2.39 8.35 -9.71
CA LYS A 74 3.08 9.65 -9.72
C LYS A 74 1.98 10.74 -9.63
N ILE A 75 1.68 11.13 -8.43
CA ILE A 75 0.62 12.17 -8.24
C ILE A 75 1.08 13.39 -9.07
N THR A 76 2.37 13.53 -9.22
CA THR A 76 2.87 14.70 -10.02
C THR A 76 4.04 14.29 -10.94
N GLN A 77 4.88 13.48 -10.40
CA GLN A 77 6.10 12.94 -11.07
C GLN A 77 7.25 13.17 -10.06
N ASN A 78 7.29 14.39 -9.59
CA ASN A 78 8.31 14.80 -8.56
C ASN A 78 7.76 14.22 -7.23
N ASN A 79 6.45 14.18 -7.20
CA ASN A 79 5.67 13.64 -6.05
C ASN A 79 5.09 12.29 -6.54
N ALA A 80 5.44 11.22 -5.90
CA ALA A 80 4.92 9.89 -6.34
C ALA A 80 4.55 9.16 -5.03
N MET A 81 3.41 8.54 -5.05
CA MET A 81 2.91 7.80 -3.86
C MET A 81 3.98 7.00 -3.15
N LYS A 82 3.74 6.71 -1.88
CA LYS A 82 4.65 5.87 -1.07
C LYS A 82 3.73 4.86 -0.30
N ILE A 83 3.96 3.64 -0.69
CA ILE A 83 3.23 2.41 -0.27
C ILE A 83 4.32 1.40 0.12
N SER A 84 4.42 1.14 1.41
CA SER A 84 5.46 0.28 2.03
C SER A 84 4.70 -0.90 2.66
N PHE A 85 4.94 -2.04 2.13
CA PHE A 85 4.27 -3.30 2.62
C PHE A 85 4.45 -3.37 4.11
N ALA A 86 3.84 -4.28 4.77
CA ALA A 86 4.05 -4.34 6.22
C ALA A 86 5.54 -4.67 6.44
N LYS A 87 6.30 -4.94 5.42
CA LYS A 87 7.75 -5.28 5.48
C LYS A 87 8.32 -4.67 6.75
N LYS A 88 8.31 -5.52 7.76
CA LYS A 88 8.75 -5.14 9.14
C LYS A 88 9.69 -6.16 9.75
N MET A 1 19.22 -18.83 10.66
CA MET A 1 19.31 -17.86 9.51
C MET A 1 20.37 -16.83 9.87
N ALA A 2 20.03 -15.65 10.29
CA ALA A 2 21.04 -14.60 10.66
C ALA A 2 21.91 -14.31 9.44
N PRO A 3 21.31 -13.62 8.50
CA PRO A 3 22.00 -13.23 7.25
C PRO A 3 22.98 -12.08 7.53
N ALA A 4 22.75 -11.31 8.58
CA ALA A 4 23.69 -10.19 8.86
C ALA A 4 23.45 -9.70 10.29
N GLN A 5 22.30 -9.11 10.49
CA GLN A 5 21.94 -8.59 11.82
C GLN A 5 20.89 -9.53 12.41
N PRO A 6 20.94 -9.70 13.71
CA PRO A 6 20.01 -10.56 14.42
C PRO A 6 18.59 -9.99 14.23
N LEU A 7 17.76 -10.71 13.52
CA LEU A 7 16.36 -10.27 13.26
C LEU A 7 16.37 -9.02 12.36
N SER A 8 15.32 -8.26 12.33
CA SER A 8 15.23 -7.03 11.50
C SER A 8 15.04 -7.42 10.02
N GLU A 9 13.85 -7.85 9.66
CA GLU A 9 13.57 -8.25 8.25
C GLU A 9 12.18 -7.75 7.90
N ASN A 10 11.71 -8.13 6.74
CA ASN A 10 10.35 -7.69 6.33
C ASN A 10 9.57 -8.90 5.79
N PRO A 11 9.07 -9.65 6.70
CA PRO A 11 8.28 -10.88 6.44
C PRO A 11 6.94 -10.57 5.79
N PRO A 12 5.96 -11.42 5.89
CA PRO A 12 4.64 -11.17 5.27
C PRO A 12 3.91 -10.00 5.92
N ASN A 13 4.27 -8.82 5.54
CA ASN A 13 3.63 -7.62 6.11
C ASN A 13 2.12 -7.54 5.82
N HIS A 14 1.72 -7.89 4.65
CA HIS A 14 0.33 -7.86 4.16
C HIS A 14 -0.35 -6.49 4.46
N ILE A 15 0.48 -5.49 4.72
CA ILE A 15 -0.08 -4.17 5.08
C ILE A 15 0.87 -3.11 4.48
N LEU A 16 0.38 -2.40 3.51
CA LEU A 16 1.15 -1.27 2.87
C LEU A 16 0.41 0.07 3.15
N PHE A 17 1.09 0.83 4.01
CA PHE A 17 0.65 2.10 4.57
C PHE A 17 1.73 3.13 4.18
N LEU A 18 1.26 4.21 3.70
CA LEU A 18 2.13 5.28 3.32
C LEU A 18 1.22 6.34 2.75
N THR A 19 1.79 7.36 2.35
CA THR A 19 1.07 8.52 1.89
C THR A 19 1.88 9.04 0.71
N ASN A 20 1.38 10.03 0.22
CA ASN A 20 1.94 10.83 -0.93
C ASN A 20 0.97 10.78 -2.11
N LEU A 21 -0.28 10.89 -1.78
CA LEU A 21 -1.29 10.82 -2.86
C LEU A 21 -1.83 12.17 -3.27
N PRO A 22 -2.69 12.16 -4.25
CA PRO A 22 -3.35 13.32 -4.87
C PRO A 22 -4.45 13.92 -4.02
N GLU A 23 -5.20 14.86 -4.54
CA GLU A 23 -6.30 15.47 -3.72
C GLU A 23 -7.66 15.01 -4.22
N GLU A 24 -7.73 14.63 -5.46
CA GLU A 24 -9.04 14.15 -6.00
C GLU A 24 -9.24 12.66 -5.81
N THR A 25 -8.24 11.95 -5.42
CA THR A 25 -8.28 10.47 -5.19
C THR A 25 -9.59 10.03 -4.54
N ASN A 26 -10.06 8.88 -4.89
CA ASN A 26 -11.35 8.36 -4.33
C ASN A 26 -11.15 7.07 -3.54
N GLU A 27 -11.80 6.84 -2.41
CA GLU A 27 -11.64 5.59 -1.62
C GLU A 27 -12.32 4.43 -2.31
N LEU A 28 -13.43 4.55 -3.01
CA LEU A 28 -14.05 3.38 -3.73
C LEU A 28 -13.15 3.07 -4.95
N MET A 29 -12.43 4.10 -5.37
CA MET A 29 -11.47 3.98 -6.52
C MET A 29 -10.29 3.12 -6.09
N LEU A 30 -9.62 3.59 -5.07
CA LEU A 30 -8.43 2.91 -4.50
C LEU A 30 -8.95 1.59 -3.90
N SER A 31 -10.16 1.61 -3.42
CA SER A 31 -10.85 0.44 -2.82
C SER A 31 -10.93 -0.70 -3.86
N MET A 32 -11.37 -0.29 -5.03
CA MET A 32 -11.51 -1.21 -6.19
C MET A 32 -10.17 -1.64 -6.74
N LEU A 33 -9.23 -0.71 -6.70
CA LEU A 33 -7.84 -0.94 -7.23
C LEU A 33 -7.16 -1.91 -6.25
N PHE A 34 -7.55 -1.72 -5.01
CA PHE A 34 -6.97 -2.62 -3.95
C PHE A 34 -7.74 -3.95 -3.99
N ASN A 35 -8.97 -3.84 -4.44
CA ASN A 35 -9.89 -4.99 -4.56
C ASN A 35 -9.34 -5.93 -5.64
N GLN A 36 -8.81 -5.36 -6.71
CA GLN A 36 -8.21 -6.13 -7.80
C GLN A 36 -7.46 -7.40 -7.31
N PHE A 37 -6.89 -7.25 -6.14
CA PHE A 37 -6.06 -8.27 -5.40
C PHE A 37 -6.83 -9.26 -4.54
N PRO A 38 -6.96 -10.47 -5.02
CA PRO A 38 -7.68 -11.57 -4.30
C PRO A 38 -7.08 -11.63 -2.87
N GLY A 39 -7.88 -11.32 -1.89
CA GLY A 39 -7.37 -11.36 -0.49
C GLY A 39 -7.50 -9.94 0.10
N PHE A 40 -7.83 -9.01 -0.72
CA PHE A 40 -8.03 -7.58 -0.38
C PHE A 40 -8.59 -7.51 1.03
N LYS A 41 -8.04 -6.74 1.93
CA LYS A 41 -8.60 -6.72 3.29
C LYS A 41 -8.95 -5.33 3.82
N GLU A 42 -8.06 -4.41 3.77
CA GLU A 42 -8.27 -3.03 4.26
C GLU A 42 -7.79 -2.08 3.14
N VAL A 43 -8.52 -1.02 2.97
CA VAL A 43 -8.26 0.03 1.97
C VAL A 43 -8.76 1.35 2.56
N ARG A 44 -7.85 2.21 2.85
CA ARG A 44 -8.25 3.46 3.50
C ARG A 44 -7.52 4.63 2.82
N LEU A 45 -8.20 5.21 1.89
CA LEU A 45 -7.77 6.42 1.16
C LEU A 45 -9.05 7.20 0.80
N VAL A 46 -9.41 8.06 1.70
CA VAL A 46 -10.66 8.86 1.41
C VAL A 46 -10.35 10.28 1.93
N PRO A 47 -10.58 11.21 1.07
CA PRO A 47 -10.41 12.66 1.24
C PRO A 47 -10.48 13.15 2.66
N GLY A 48 -9.89 14.31 2.85
CA GLY A 48 -9.84 14.78 4.28
C GLY A 48 -8.93 13.61 4.80
N ARG A 49 -7.85 13.47 4.10
CA ARG A 49 -6.86 12.39 4.26
C ARG A 49 -6.98 11.56 2.95
N HIS A 50 -6.80 12.28 1.87
CA HIS A 50 -6.78 11.71 0.44
C HIS A 50 -5.27 11.66 0.09
N ASP A 51 -4.48 11.55 1.13
CA ASP A 51 -2.99 11.58 1.03
C ASP A 51 -2.35 10.48 1.85
N ILE A 52 -2.98 9.93 2.87
CA ILE A 52 -2.48 8.83 3.70
C ILE A 52 -3.32 7.59 3.35
N ALA A 53 -2.67 6.63 2.74
CA ALA A 53 -3.33 5.42 2.24
C ALA A 53 -2.83 4.19 3.05
N PHE A 54 -3.80 3.59 3.66
CA PHE A 54 -3.64 2.34 4.50
C PHE A 54 -4.39 1.16 3.84
N VAL A 55 -3.55 0.29 3.27
CA VAL A 55 -4.01 -0.86 2.47
C VAL A 55 -3.40 -2.19 2.93
N GLU A 56 -4.29 -2.92 3.59
CA GLU A 56 -4.06 -4.23 4.21
C GLU A 56 -4.57 -5.37 3.30
N PHE A 57 -3.61 -6.01 2.70
CA PHE A 57 -3.81 -7.11 1.70
C PHE A 57 -3.40 -8.48 2.29
N ASP A 58 -4.40 -9.19 2.67
CA ASP A 58 -4.31 -10.53 3.32
C ASP A 58 -2.92 -11.15 3.19
N ASN A 59 -2.29 -11.17 2.05
CA ASN A 59 -0.94 -11.79 1.98
C ASN A 59 -0.02 -10.90 1.10
N GLU A 60 1.24 -10.98 1.42
CA GLU A 60 2.34 -10.21 0.71
C GLU A 60 2.44 -10.55 -0.78
N VAL A 61 1.96 -11.67 -1.29
CA VAL A 61 2.03 -11.95 -2.77
C VAL A 61 1.04 -10.94 -3.41
N GLN A 62 -0.14 -10.90 -2.83
CA GLN A 62 -1.13 -9.91 -3.40
C GLN A 62 -0.81 -8.53 -2.85
N ALA A 63 -0.20 -8.37 -1.74
CA ALA A 63 0.09 -6.99 -1.24
C ALA A 63 1.23 -6.49 -2.16
N GLY A 64 2.07 -7.43 -2.50
CA GLY A 64 3.25 -7.23 -3.38
C GLY A 64 2.70 -7.03 -4.78
N ALA A 65 1.62 -7.68 -5.12
CA ALA A 65 1.01 -7.55 -6.47
C ALA A 65 0.50 -6.09 -6.54
N ALA A 66 -0.39 -5.70 -5.66
CA ALA A 66 -0.97 -4.35 -5.55
C ALA A 66 0.16 -3.32 -5.43
N ARG A 67 1.15 -3.59 -4.63
CA ARG A 67 2.30 -2.66 -4.46
C ARG A 67 3.02 -2.53 -5.81
N ASP A 68 3.45 -3.64 -6.32
CA ASP A 68 4.16 -3.73 -7.62
C ASP A 68 3.34 -3.18 -8.79
N ALA A 69 2.04 -3.20 -8.62
CA ALA A 69 1.15 -2.68 -9.70
C ALA A 69 1.17 -1.14 -9.59
N LEU A 70 0.81 -0.65 -8.45
CA LEU A 70 0.82 0.86 -8.34
C LEU A 70 2.10 1.22 -7.57
N GLN A 71 3.20 0.57 -7.87
CA GLN A 71 4.47 0.87 -7.16
C GLN A 71 5.07 2.22 -7.53
N GLY A 72 4.32 3.26 -7.71
CA GLY A 72 4.91 4.59 -8.07
C GLY A 72 3.83 5.34 -8.88
N PHE A 73 2.68 5.37 -8.27
CA PHE A 73 1.50 6.06 -8.91
C PHE A 73 1.88 7.56 -8.93
N LYS A 74 2.67 7.88 -9.93
CA LYS A 74 3.15 9.27 -10.15
C LYS A 74 1.96 10.21 -10.36
N ILE A 75 1.41 10.65 -9.26
CA ILE A 75 0.26 11.56 -9.34
C ILE A 75 0.56 12.76 -10.26
N THR A 76 1.85 13.07 -10.31
CA THR A 76 2.27 14.21 -11.17
C THR A 76 3.53 13.87 -11.99
N GLN A 77 4.42 13.20 -11.36
CA GLN A 77 5.72 12.75 -11.93
C GLN A 77 6.74 12.76 -10.75
N ASN A 78 6.75 13.87 -10.07
CA ASN A 78 7.65 14.07 -8.87
C ASN A 78 6.78 13.67 -7.66
N ASN A 79 5.50 13.91 -7.84
CA ASN A 79 4.45 13.57 -6.82
C ASN A 79 4.04 12.11 -7.12
N ALA A 80 4.50 11.20 -6.33
CA ALA A 80 4.11 9.79 -6.62
C ALA A 80 3.68 9.17 -5.29
N MET A 81 2.62 8.42 -5.35
CA MET A 81 2.14 7.78 -4.11
C MET A 81 3.25 7.02 -3.37
N LYS A 82 3.33 7.07 -2.05
CA LYS A 82 4.33 6.31 -1.27
C LYS A 82 3.52 5.40 -0.28
N ILE A 83 3.76 4.14 -0.52
CA ILE A 83 3.11 2.96 0.12
C ILE A 83 4.28 2.10 0.65
N SER A 84 4.27 1.98 1.93
CA SER A 84 5.34 1.28 2.69
C SER A 84 4.69 0.11 3.47
N PHE A 85 4.97 -1.05 3.03
CA PHE A 85 4.52 -2.30 3.73
C PHE A 85 4.68 -2.16 5.25
N ALA A 86 4.05 -2.96 6.04
CA ALA A 86 4.12 -2.89 7.51
C ALA A 86 5.32 -3.64 8.06
N LYS A 87 5.09 -4.88 8.43
CA LYS A 87 6.23 -5.67 8.99
C LYS A 87 5.98 -7.12 8.65
N LYS A 88 5.08 -7.70 9.37
CA LYS A 88 4.76 -9.15 9.12
C LYS A 88 3.42 -9.53 9.75
N MET A 1 15.89 -19.08 22.05
CA MET A 1 16.18 -18.20 20.88
C MET A 1 16.76 -16.87 21.37
N ALA A 2 17.45 -16.12 20.57
CA ALA A 2 18.01 -14.83 21.05
C ALA A 2 17.87 -13.74 19.96
N PRO A 3 16.66 -13.29 19.81
CA PRO A 3 16.33 -12.24 18.82
C PRO A 3 17.02 -10.91 19.15
N ALA A 4 17.64 -10.24 18.20
CA ALA A 4 18.33 -8.95 18.46
C ALA A 4 17.68 -7.88 17.56
N GLN A 5 16.62 -8.22 16.88
CA GLN A 5 15.90 -7.28 15.97
C GLN A 5 16.71 -7.01 14.69
N PRO A 6 16.63 -7.96 13.79
CA PRO A 6 17.35 -7.85 12.49
C PRO A 6 16.53 -6.91 11.61
N LEU A 7 17.15 -6.26 10.66
CA LEU A 7 16.39 -5.34 9.78
C LEU A 7 16.34 -5.87 8.34
N SER A 8 16.53 -7.14 8.14
CA SER A 8 16.46 -7.64 6.73
C SER A 8 15.94 -9.06 6.62
N GLU A 9 15.20 -9.48 7.62
CA GLU A 9 14.66 -10.85 7.58
C GLU A 9 13.22 -10.85 7.05
N ASN A 10 12.66 -9.68 7.07
CA ASN A 10 11.25 -9.43 6.60
C ASN A 10 11.01 -10.10 5.25
N PRO A 11 10.16 -11.09 5.18
CA PRO A 11 9.85 -11.79 3.94
C PRO A 11 9.16 -10.78 2.99
N PRO A 12 8.66 -11.27 1.90
CA PRO A 12 7.96 -10.40 0.91
C PRO A 12 6.68 -9.93 1.61
N ASN A 13 6.63 -8.70 2.00
CA ASN A 13 5.38 -8.23 2.69
C ASN A 13 4.20 -8.03 1.75
N HIS A 14 3.05 -8.35 2.27
CA HIS A 14 1.76 -8.24 1.56
C HIS A 14 0.97 -7.07 2.22
N ILE A 15 1.69 -6.10 2.78
CA ILE A 15 1.13 -4.93 3.50
C ILE A 15 1.93 -3.72 2.96
N LEU A 16 1.23 -2.86 2.28
CA LEU A 16 1.86 -1.62 1.70
C LEU A 16 1.21 -0.36 2.35
N PHE A 17 2.06 0.25 3.19
CA PHE A 17 1.76 1.38 4.04
C PHE A 17 2.73 2.51 3.61
N LEU A 18 2.15 3.61 3.36
CA LEU A 18 2.91 4.75 2.95
C LEU A 18 1.91 5.77 2.50
N THR A 19 2.40 6.83 2.10
CA THR A 19 1.57 7.95 1.74
C THR A 19 2.24 8.61 0.54
N ASN A 20 1.62 9.58 0.15
CA ASN A 20 2.00 10.46 -1.02
C ASN A 20 0.89 10.41 -2.08
N LEU A 21 -0.27 9.99 -1.69
CA LEU A 21 -1.43 9.92 -2.63
C LEU A 21 -1.81 11.37 -2.94
N PRO A 22 -2.57 11.58 -3.96
CA PRO A 22 -2.97 12.95 -4.31
C PRO A 22 -3.58 13.73 -3.14
N GLU A 23 -4.82 13.53 -2.86
CA GLU A 23 -5.55 14.20 -1.76
C GLU A 23 -7.04 14.23 -2.18
N GLU A 24 -7.34 14.11 -3.44
CA GLU A 24 -8.76 14.12 -3.90
C GLU A 24 -9.15 12.64 -4.15
N THR A 25 -8.63 11.79 -3.30
CA THR A 25 -8.90 10.33 -3.38
C THR A 25 -9.95 9.94 -2.36
N ASN A 26 -10.29 8.67 -2.36
CA ASN A 26 -11.32 8.27 -1.33
C ASN A 26 -11.11 6.82 -0.86
N GLU A 27 -11.68 6.47 0.28
CA GLU A 27 -11.55 5.11 0.86
C GLU A 27 -12.20 3.97 0.05
N LEU A 28 -13.37 4.12 -0.52
CA LEU A 28 -14.04 3.05 -1.33
C LEU A 28 -13.33 3.01 -2.71
N MET A 29 -12.66 4.10 -3.00
CA MET A 29 -11.91 4.26 -4.28
C MET A 29 -10.66 3.38 -4.15
N LEU A 30 -9.92 3.60 -3.09
CA LEU A 30 -8.68 2.83 -2.81
C LEU A 30 -9.10 1.40 -2.51
N SER A 31 -10.26 1.28 -1.89
CA SER A 31 -10.83 -0.04 -1.54
C SER A 31 -11.20 -0.78 -2.84
N MET A 32 -11.70 -0.10 -3.83
CA MET A 32 -12.07 -0.76 -5.12
C MET A 32 -10.84 -1.03 -5.96
N LEU A 33 -9.87 -0.16 -5.87
CA LEU A 33 -8.59 -0.27 -6.65
C LEU A 33 -7.80 -1.42 -5.99
N PHE A 34 -7.98 -1.46 -4.69
CA PHE A 34 -7.28 -2.57 -3.94
C PHE A 34 -8.10 -3.85 -4.13
N ASN A 35 -9.38 -3.63 -4.30
CA ASN A 35 -10.37 -4.72 -4.51
C ASN A 35 -10.04 -5.48 -5.80
N GLN A 36 -9.74 -4.73 -6.82
CA GLN A 36 -9.36 -5.26 -8.15
C GLN A 36 -8.58 -6.60 -8.06
N PHE A 37 -7.81 -6.66 -7.02
CA PHE A 37 -6.88 -7.80 -6.66
C PHE A 37 -7.48 -8.92 -5.81
N PRO A 38 -7.73 -10.07 -6.43
CA PRO A 38 -8.29 -11.29 -5.80
C PRO A 38 -7.53 -11.52 -4.46
N GLY A 39 -8.15 -11.06 -3.42
CA GLY A 39 -7.54 -11.21 -2.07
C GLY A 39 -8.02 -10.01 -1.23
N PHE A 40 -7.85 -8.86 -1.77
CA PHE A 40 -8.23 -7.55 -1.17
C PHE A 40 -8.59 -7.69 0.28
N LYS A 41 -7.63 -7.51 1.16
CA LYS A 41 -7.99 -7.69 2.58
C LYS A 41 -8.40 -6.42 3.32
N GLU A 42 -7.59 -5.42 3.35
CA GLU A 42 -7.95 -4.20 4.09
C GLU A 42 -7.24 -3.01 3.42
N VAL A 43 -7.93 -1.90 3.54
CA VAL A 43 -7.54 -0.61 2.98
C VAL A 43 -7.81 0.45 4.06
N ARG A 44 -6.75 1.12 4.34
CA ARG A 44 -6.66 2.15 5.42
C ARG A 44 -6.42 3.50 4.74
N LEU A 45 -7.51 4.12 4.45
CA LEU A 45 -7.60 5.47 3.85
C LEU A 45 -8.78 6.19 4.54
N VAL A 46 -8.52 6.86 5.62
CA VAL A 46 -9.65 7.50 6.35
C VAL A 46 -9.38 9.00 6.40
N PRO A 47 -10.32 9.71 5.88
CA PRO A 47 -10.33 11.19 5.80
C PRO A 47 -9.60 11.83 6.96
N GLY A 48 -9.27 13.07 6.74
CA GLY A 48 -8.43 13.70 7.83
C GLY A 48 -7.19 12.78 7.65
N ARG A 49 -6.77 12.74 6.44
CA ARG A 49 -5.68 11.87 5.93
C ARG A 49 -6.25 10.88 4.88
N HIS A 50 -6.45 11.42 3.69
CA HIS A 50 -6.93 10.64 2.47
C HIS A 50 -5.64 10.59 1.59
N ASP A 51 -4.52 10.53 2.30
CA ASP A 51 -3.16 10.54 1.67
C ASP A 51 -2.19 9.55 2.32
N ILE A 52 -2.47 9.02 3.50
CA ILE A 52 -1.69 7.98 4.19
C ILE A 52 -2.50 6.67 4.02
N ALA A 53 -1.96 5.78 3.20
CA ALA A 53 -2.63 4.54 2.85
C ALA A 53 -1.90 3.32 3.37
N PHE A 54 -2.66 2.59 4.12
CA PHE A 54 -2.26 1.26 4.72
C PHE A 54 -3.12 0.14 4.07
N VAL A 55 -2.45 -0.59 3.18
CA VAL A 55 -3.03 -1.64 2.34
C VAL A 55 -2.52 -3.06 2.63
N GLU A 56 -3.43 -3.76 3.24
CA GLU A 56 -3.33 -5.18 3.67
C GLU A 56 -3.99 -6.09 2.62
N PHE A 57 -3.13 -6.70 1.84
CA PHE A 57 -3.47 -7.54 0.68
C PHE A 57 -3.29 -9.05 0.98
N ASP A 58 -4.40 -9.66 1.12
CA ASP A 58 -4.53 -11.13 1.45
C ASP A 58 -3.19 -11.85 1.30
N ASN A 59 -2.57 -11.67 0.15
CA ASN A 59 -1.24 -12.29 -0.13
C ASN A 59 -0.39 -11.33 -1.01
N GLU A 60 0.87 -11.36 -0.78
CA GLU A 60 1.91 -10.53 -1.48
C GLU A 60 1.89 -10.63 -3.01
N VAL A 61 1.34 -11.65 -3.64
CA VAL A 61 1.32 -11.69 -5.15
C VAL A 61 0.22 -10.66 -5.55
N GLN A 62 -0.81 -10.69 -4.72
CA GLN A 62 -1.97 -9.75 -4.94
C GLN A 62 -1.57 -8.40 -4.38
N ALA A 63 -0.78 -8.31 -3.36
CA ALA A 63 -0.37 -7.00 -2.77
C ALA A 63 0.59 -6.43 -3.83
N GLY A 64 1.42 -7.33 -4.29
CA GLY A 64 2.46 -7.06 -5.33
C GLY A 64 1.75 -6.68 -6.62
N ALA A 65 0.63 -7.25 -6.92
CA ALA A 65 -0.14 -6.96 -8.14
C ALA A 65 -0.74 -5.59 -7.97
N ALA A 66 -1.52 -5.29 -6.98
CA ALA A 66 -2.14 -3.98 -6.71
C ALA A 66 -1.07 -2.90 -6.66
N ARG A 67 0.00 -3.27 -5.99
CA ARG A 67 1.18 -2.39 -5.83
C ARG A 67 1.78 -2.16 -7.23
N ASP A 68 2.09 -3.19 -7.96
CA ASP A 68 2.66 -3.08 -9.34
C ASP A 68 1.71 -2.33 -10.31
N ALA A 69 0.45 -2.40 -9.98
CA ALA A 69 -0.64 -1.75 -10.79
C ALA A 69 -0.53 -0.23 -10.51
N LEU A 70 -0.47 0.17 -9.26
CA LEU A 70 -0.36 1.65 -8.97
C LEU A 70 1.00 1.81 -8.26
N GLN A 71 2.00 1.19 -8.81
CA GLN A 71 3.41 1.22 -8.25
C GLN A 71 4.14 2.52 -8.54
N GLY A 72 3.50 3.38 -9.27
CA GLY A 72 4.18 4.67 -9.60
C GLY A 72 3.06 5.65 -9.99
N PHE A 73 2.09 5.71 -9.13
CA PHE A 73 0.95 6.62 -9.39
C PHE A 73 1.51 8.05 -9.38
N LYS A 74 1.98 8.44 -10.55
CA LYS A 74 2.55 9.82 -10.71
C LYS A 74 1.34 10.78 -10.57
N ILE A 75 1.02 11.05 -9.34
CA ILE A 75 -0.13 11.96 -9.05
C ILE A 75 -0.08 13.22 -9.92
N THR A 76 1.14 13.63 -10.22
CA THR A 76 1.25 14.86 -11.06
C THR A 76 2.27 14.67 -12.21
N GLN A 77 3.34 14.04 -11.87
CA GLN A 77 4.48 13.76 -12.80
C GLN A 77 5.75 13.87 -11.91
N ASN A 78 5.72 14.89 -11.10
CA ASN A 78 6.82 15.18 -10.13
C ASN A 78 6.37 14.61 -8.77
N ASN A 79 5.07 14.56 -8.64
CA ASN A 79 4.41 14.04 -7.40
C ASN A 79 4.02 12.58 -7.70
N ALA A 80 4.63 11.64 -7.06
CA ALA A 80 4.36 10.18 -7.24
C ALA A 80 4.05 9.57 -5.86
N MET A 81 3.00 8.81 -5.82
CA MET A 81 2.61 8.16 -4.52
C MET A 81 3.75 7.40 -3.88
N LYS A 82 3.80 7.24 -2.56
CA LYS A 82 4.87 6.48 -1.90
C LYS A 82 4.16 5.47 -0.93
N ILE A 83 4.38 4.23 -1.29
CA ILE A 83 3.80 3.01 -0.69
C ILE A 83 5.01 2.12 -0.33
N SER A 84 5.04 1.85 0.92
CA SER A 84 6.16 1.10 1.60
C SER A 84 5.61 -0.23 2.17
N PHE A 85 5.89 -1.27 1.48
CA PHE A 85 5.45 -2.65 1.90
C PHE A 85 5.73 -2.92 3.38
N ALA A 86 5.09 -2.30 4.30
CA ALA A 86 5.30 -2.49 5.74
C ALA A 86 6.76 -2.57 6.15
N LYS A 87 7.72 -2.17 5.35
CA LYS A 87 9.17 -2.23 5.67
C LYS A 87 9.91 -2.23 4.30
N LYS A 88 11.11 -1.74 4.29
CA LYS A 88 11.93 -1.69 3.05
C LYS A 88 11.08 -0.94 2.00
N MET A 1 23.77 -12.47 14.59
CA MET A 1 23.73 -11.43 15.66
C MET A 1 23.27 -10.13 15.03
N ALA A 2 22.08 -9.74 15.35
CA ALA A 2 21.50 -8.49 14.81
C ALA A 2 20.44 -8.01 15.83
N PRO A 3 20.72 -6.96 16.56
CA PRO A 3 19.80 -6.40 17.58
C PRO A 3 18.81 -5.48 16.89
N ALA A 4 19.07 -5.20 15.64
CA ALA A 4 18.14 -4.30 14.88
C ALA A 4 17.27 -5.24 14.03
N GLN A 5 16.47 -6.02 14.65
CA GLN A 5 15.59 -6.95 13.88
C GLN A 5 14.30 -6.28 13.41
N PRO A 6 13.71 -6.78 12.37
CA PRO A 6 14.16 -7.93 11.58
C PRO A 6 15.02 -7.51 10.38
N LEU A 7 14.41 -7.17 9.29
CA LEU A 7 15.22 -6.76 8.11
C LEU A 7 14.48 -5.70 7.29
N SER A 8 15.11 -5.29 6.22
CA SER A 8 14.49 -4.26 5.31
C SER A 8 13.44 -4.98 4.47
N GLU A 9 13.73 -6.19 4.05
CA GLU A 9 12.77 -6.98 3.22
C GLU A 9 11.60 -7.38 4.11
N ASN A 10 11.83 -8.21 5.08
CA ASN A 10 10.78 -8.70 6.02
C ASN A 10 9.60 -9.26 5.23
N PRO A 11 9.79 -10.27 4.46
CA PRO A 11 8.70 -10.88 3.65
C PRO A 11 7.92 -11.83 4.55
N PRO A 12 6.86 -12.42 4.09
CA PRO A 12 6.30 -12.27 2.75
C PRO A 12 5.39 -11.07 2.59
N ASN A 13 5.06 -10.41 3.65
CA ASN A 13 4.18 -9.22 3.65
C ASN A 13 2.70 -9.55 3.31
N HIS A 14 1.96 -8.53 3.00
CA HIS A 14 0.52 -8.57 2.69
C HIS A 14 -0.25 -7.28 3.12
N ILE A 15 0.39 -6.32 3.77
CA ILE A 15 -0.22 -5.07 4.27
C ILE A 15 0.79 -3.97 3.86
N LEU A 16 0.35 -3.08 3.02
CA LEU A 16 1.22 -1.97 2.51
C LEU A 16 0.67 -0.61 3.05
N PHE A 17 1.52 -0.07 3.94
CA PHE A 17 1.29 1.14 4.72
C PHE A 17 2.33 2.17 4.22
N LEU A 18 1.81 3.29 3.89
CA LEU A 18 2.64 4.37 3.41
C LEU A 18 1.68 5.42 2.96
N THR A 19 2.18 6.45 2.51
CA THR A 19 1.39 7.58 2.15
C THR A 19 2.12 8.22 0.96
N ASN A 20 1.56 9.21 0.55
CA ASN A 20 2.02 10.10 -0.58
C ASN A 20 0.89 10.32 -1.59
N LEU A 21 -0.25 10.64 -1.06
CA LEU A 21 -1.46 10.88 -1.90
C LEU A 21 -2.02 12.24 -1.53
N PRO A 22 -2.08 13.19 -2.44
CA PRO A 22 -2.59 14.54 -2.16
C PRO A 22 -4.07 14.53 -1.77
N GLU A 23 -4.79 15.63 -1.90
CA GLU A 23 -6.24 15.65 -1.51
C GLU A 23 -7.05 15.37 -2.77
N GLU A 24 -6.40 15.21 -3.88
CA GLU A 24 -7.20 14.92 -5.12
C GLU A 24 -7.46 13.40 -5.13
N THR A 25 -6.75 12.68 -4.31
CA THR A 25 -6.89 11.20 -4.20
C THR A 25 -8.18 10.92 -3.42
N ASN A 26 -8.51 9.66 -3.34
CA ASN A 26 -9.77 9.37 -2.57
C ASN A 26 -9.79 7.92 -2.06
N GLU A 27 -10.54 7.67 -1.01
CA GLU A 27 -10.67 6.33 -0.37
C GLU A 27 -11.27 5.26 -1.28
N LEU A 28 -12.26 5.64 -2.05
CA LEU A 28 -12.98 4.74 -3.01
C LEU A 28 -12.04 4.51 -4.21
N MET A 29 -11.12 5.43 -4.35
CA MET A 29 -10.11 5.35 -5.50
C MET A 29 -9.13 4.27 -5.12
N LEU A 30 -8.54 4.48 -3.97
CA LEU A 30 -7.53 3.49 -3.45
C LEU A 30 -8.25 2.18 -3.14
N SER A 31 -9.48 2.29 -2.68
CA SER A 31 -10.31 1.10 -2.34
C SER A 31 -10.61 0.32 -3.63
N MET A 32 -11.05 0.97 -4.66
CA MET A 32 -11.32 0.18 -5.91
C MET A 32 -9.99 -0.24 -6.59
N LEU A 33 -8.91 0.49 -6.37
CA LEU A 33 -7.58 0.13 -7.00
C LEU A 33 -7.09 -1.11 -6.24
N PHE A 34 -7.40 -1.07 -4.98
CA PHE A 34 -7.01 -2.26 -4.14
C PHE A 34 -8.02 -3.39 -4.36
N ASN A 35 -9.19 -3.00 -4.76
CA ASN A 35 -10.32 -3.92 -5.03
C ASN A 35 -9.96 -4.75 -6.28
N GLN A 36 -9.42 -4.12 -7.27
CA GLN A 36 -8.97 -4.72 -8.54
C GLN A 36 -8.62 -6.22 -8.40
N PHE A 37 -7.99 -6.50 -7.30
CA PHE A 37 -7.49 -7.86 -6.86
C PHE A 37 -8.43 -8.62 -5.91
N PRO A 38 -8.46 -9.93 -6.10
CA PRO A 38 -9.30 -10.88 -5.29
C PRO A 38 -8.76 -10.86 -3.84
N GLY A 39 -7.54 -10.40 -3.72
CA GLY A 39 -6.79 -10.28 -2.43
C GLY A 39 -7.30 -9.04 -1.68
N PHE A 40 -8.08 -8.25 -2.35
CA PHE A 40 -8.67 -7.01 -1.80
C PHE A 40 -9.26 -7.27 -0.41
N LYS A 41 -8.53 -6.90 0.62
CA LYS A 41 -9.02 -7.12 2.02
C LYS A 41 -9.36 -5.84 2.76
N GLU A 42 -8.43 -4.98 3.00
CA GLU A 42 -8.72 -3.75 3.74
C GLU A 42 -8.01 -2.58 3.03
N VAL A 43 -8.61 -1.45 3.17
CA VAL A 43 -8.17 -0.17 2.59
C VAL A 43 -8.53 0.94 3.59
N ARG A 44 -7.46 1.53 4.06
CA ARG A 44 -7.47 2.56 5.11
C ARG A 44 -6.87 3.85 4.56
N LEU A 45 -7.78 4.71 4.16
CA LEU A 45 -7.45 6.04 3.63
C LEU A 45 -8.31 7.08 4.38
N VAL A 46 -7.74 7.55 5.45
CA VAL A 46 -8.35 8.53 6.40
C VAL A 46 -8.84 9.78 5.66
N PRO A 47 -10.10 9.89 5.45
CA PRO A 47 -10.69 11.07 4.74
C PRO A 47 -10.16 12.39 5.24
N GLY A 48 -9.77 12.54 6.49
CA GLY A 48 -9.24 13.90 6.84
C GLY A 48 -7.97 14.06 5.97
N ARG A 49 -7.30 12.94 5.83
CA ARG A 49 -6.07 12.85 5.03
C ARG A 49 -6.33 12.53 3.54
N HIS A 50 -6.68 11.29 3.29
CA HIS A 50 -6.88 10.72 1.87
C HIS A 50 -5.41 10.59 1.34
N ASP A 51 -4.47 10.77 2.24
CA ASP A 51 -3.01 10.79 1.93
C ASP A 51 -2.17 9.72 2.62
N ILE A 52 -2.67 9.01 3.61
CA ILE A 52 -2.00 7.94 4.34
C ILE A 52 -2.80 6.66 4.04
N ALA A 53 -2.17 5.76 3.31
CA ALA A 53 -2.81 4.54 2.83
C ALA A 53 -2.25 3.28 3.53
N PHE A 54 -3.17 2.63 4.16
CA PHE A 54 -2.96 1.31 4.85
C PHE A 54 -3.86 0.25 4.14
N VAL A 55 -3.17 -0.53 3.30
CA VAL A 55 -3.77 -1.53 2.42
C VAL A 55 -3.38 -2.97 2.74
N GLU A 56 -4.41 -3.62 3.24
CA GLU A 56 -4.44 -5.04 3.67
C GLU A 56 -4.92 -5.95 2.51
N PHE A 57 -3.97 -6.60 1.94
CA PHE A 57 -4.13 -7.49 0.75
C PHE A 57 -3.96 -8.98 1.11
N ASP A 58 -5.08 -9.60 1.21
CA ASP A 58 -5.22 -11.04 1.57
C ASP A 58 -3.89 -11.76 1.62
N ASN A 59 -3.19 -11.73 0.51
CA ASN A 59 -1.87 -12.42 0.52
C ASN A 59 -0.93 -11.55 -0.36
N GLU A 60 0.33 -11.73 -0.12
CA GLU A 60 1.44 -11.01 -0.86
C GLU A 60 1.42 -11.22 -2.39
N VAL A 61 0.79 -12.24 -2.92
CA VAL A 61 0.73 -12.43 -4.41
C VAL A 61 -0.17 -11.27 -4.94
N GLN A 62 -1.27 -11.13 -4.22
CA GLN A 62 -2.20 -10.02 -4.58
C GLN A 62 -1.68 -8.68 -4.01
N ALA A 63 -1.00 -8.66 -2.94
CA ALA A 63 -0.49 -7.38 -2.35
C ALA A 63 0.61 -6.92 -3.32
N GLY A 64 1.33 -7.91 -3.75
CA GLY A 64 2.49 -7.75 -4.72
C GLY A 64 1.90 -7.44 -6.07
N ALA A 65 0.75 -7.98 -6.40
CA ALA A 65 0.14 -7.70 -7.73
C ALA A 65 -0.27 -6.22 -7.71
N ALA A 66 -1.07 -5.80 -6.74
CA ALA A 66 -1.52 -4.37 -6.61
C ALA A 66 -0.32 -3.48 -6.41
N ARG A 67 0.58 -3.82 -5.52
CA ARG A 67 1.79 -3.00 -5.26
C ARG A 67 2.63 -2.95 -6.53
N ASP A 68 2.96 -4.06 -7.13
CA ASP A 68 3.77 -4.11 -8.39
C ASP A 68 3.04 -3.42 -9.55
N ALA A 69 1.73 -3.40 -9.50
CA ALA A 69 0.88 -2.77 -10.56
C ALA A 69 1.01 -1.25 -10.40
N LEU A 70 0.89 -0.82 -9.18
CA LEU A 70 0.99 0.66 -8.86
C LEU A 70 2.06 0.81 -7.75
N GLN A 71 3.28 0.40 -8.05
CA GLN A 71 4.37 0.51 -7.01
C GLN A 71 4.84 1.94 -6.79
N GLY A 72 4.38 2.84 -7.60
CA GLY A 72 4.85 4.24 -7.39
C GLY A 72 3.92 5.14 -8.23
N PHE A 73 2.65 4.98 -8.00
CA PHE A 73 1.60 5.76 -8.72
C PHE A 73 1.98 7.23 -8.76
N LYS A 74 2.60 7.62 -9.83
CA LYS A 74 3.06 9.04 -10.05
C LYS A 74 1.79 9.89 -10.09
N ILE A 75 1.24 10.18 -8.94
CA ILE A 75 0.00 11.00 -8.83
C ILE A 75 0.13 12.27 -9.65
N THR A 76 1.33 12.74 -9.78
CA THR A 76 1.55 14.00 -10.57
C THR A 76 2.66 13.80 -11.63
N GLN A 77 3.71 13.22 -11.16
CA GLN A 77 4.94 12.94 -11.98
C GLN A 77 6.13 13.02 -11.01
N ASN A 78 6.09 14.04 -10.21
CA ASN A 78 7.15 14.33 -9.18
C ASN A 78 6.59 13.76 -7.85
N ASN A 79 5.28 13.69 -7.81
CA ASN A 79 4.53 13.18 -6.63
C ASN A 79 4.05 11.75 -7.01
N ALA A 80 4.63 10.79 -6.36
CA ALA A 80 4.31 9.34 -6.60
C ALA A 80 3.99 8.73 -5.23
N MET A 81 2.85 8.13 -5.15
CA MET A 81 2.41 7.50 -3.88
C MET A 81 3.47 6.60 -3.24
N LYS A 82 3.53 6.45 -1.93
CA LYS A 82 4.51 5.59 -1.26
C LYS A 82 3.69 4.62 -0.34
N ILE A 83 3.90 3.39 -0.68
CA ILE A 83 3.24 2.16 -0.11
C ILE A 83 4.40 1.22 0.27
N SER A 84 4.52 1.04 1.54
CA SER A 84 5.62 0.24 2.15
C SER A 84 4.97 -0.88 2.99
N PHE A 85 5.11 -2.06 2.52
CA PHE A 85 4.60 -3.28 3.25
C PHE A 85 4.78 -3.17 4.76
N ALA A 86 3.98 -3.81 5.54
CA ALA A 86 4.01 -3.73 7.01
C ALA A 86 4.75 -4.85 7.70
N LYS A 87 4.19 -6.01 7.89
CA LYS A 87 4.86 -7.13 8.61
C LYS A 87 5.16 -8.31 7.71
N LYS A 88 5.27 -9.47 8.32
CA LYS A 88 5.57 -10.73 7.57
C LYS A 88 4.47 -11.76 7.86
N MET A 1 5.73 -15.97 11.85
CA MET A 1 5.93 -15.01 12.96
C MET A 1 6.72 -15.72 14.06
N ALA A 2 7.96 -15.34 14.18
CA ALA A 2 8.85 -15.95 15.22
C ALA A 2 8.83 -15.03 16.44
N PRO A 3 8.85 -15.61 17.62
CA PRO A 3 8.82 -14.86 18.88
C PRO A 3 10.23 -14.38 19.24
N ALA A 4 11.24 -14.99 18.69
CA ALA A 4 12.62 -14.55 19.03
C ALA A 4 13.56 -15.00 17.90
N GLN A 5 14.85 -15.05 18.12
CA GLN A 5 15.84 -15.46 17.10
C GLN A 5 15.49 -16.86 16.58
N PRO A 6 15.98 -17.25 15.45
CA PRO A 6 16.87 -16.43 14.61
C PRO A 6 16.06 -15.85 13.44
N LEU A 7 16.39 -16.12 12.21
CA LEU A 7 15.61 -15.57 11.06
C LEU A 7 15.76 -14.03 10.98
N SER A 8 15.40 -13.46 9.86
CA SER A 8 15.51 -11.99 9.70
C SER A 8 14.60 -11.23 10.68
N GLU A 9 15.09 -10.11 11.18
CA GLU A 9 14.28 -9.31 12.13
C GLU A 9 13.35 -8.40 11.32
N ASN A 10 13.67 -8.11 10.09
CA ASN A 10 12.78 -7.22 9.26
C ASN A 10 11.96 -8.05 8.30
N PRO A 11 10.68 -8.14 8.51
CA PRO A 11 9.76 -8.90 7.66
C PRO A 11 9.77 -8.40 6.20
N PRO A 12 9.15 -9.20 5.39
CA PRO A 12 9.03 -8.91 3.95
C PRO A 12 8.08 -7.68 3.84
N ASN A 13 8.03 -7.03 2.73
CA ASN A 13 7.14 -5.84 2.66
C ASN A 13 5.66 -6.14 2.81
N HIS A 14 4.94 -6.49 1.79
CA HIS A 14 3.47 -6.78 1.83
C HIS A 14 2.72 -5.65 2.61
N ILE A 15 3.37 -4.51 2.73
CA ILE A 15 2.89 -3.32 3.49
C ILE A 15 3.46 -2.13 2.68
N LEU A 16 2.56 -1.34 2.17
CA LEU A 16 2.95 -0.14 1.35
C LEU A 16 2.27 1.12 1.95
N PHE A 17 3.16 1.94 2.50
CA PHE A 17 2.85 3.17 3.24
C PHE A 17 3.54 4.32 2.47
N LEU A 18 2.75 5.28 2.20
CA LEU A 18 3.23 6.46 1.51
C LEU A 18 2.00 7.25 1.20
N THR A 19 2.18 8.31 0.59
CA THR A 19 1.12 9.22 0.32
C THR A 19 1.35 9.77 -1.07
N ASN A 20 0.49 10.57 -1.39
CA ASN A 20 0.42 11.32 -2.70
C ASN A 20 -0.92 10.88 -3.31
N LEU A 21 -1.95 11.14 -2.55
CA LEU A 21 -3.31 10.78 -3.02
C LEU A 21 -4.11 12.11 -3.02
N PRO A 22 -4.66 12.50 -4.12
CA PRO A 22 -5.47 13.75 -4.26
C PRO A 22 -6.67 13.75 -3.31
N GLU A 23 -7.56 14.70 -3.42
CA GLU A 23 -8.76 14.77 -2.53
C GLU A 23 -9.89 13.92 -3.11
N GLU A 24 -9.63 13.32 -4.23
CA GLU A 24 -10.64 12.45 -4.91
C GLU A 24 -10.32 10.99 -4.61
N THR A 25 -9.59 10.74 -3.56
CA THR A 25 -9.22 9.37 -3.16
C THR A 25 -9.97 8.92 -1.89
N ASN A 26 -10.11 7.63 -1.73
CA ASN A 26 -10.84 7.20 -0.48
C ASN A 26 -10.45 5.78 -0.08
N GLU A 27 -10.91 5.31 1.07
CA GLU A 27 -10.58 3.93 1.54
C GLU A 27 -11.37 2.89 0.72
N LEU A 28 -12.53 3.14 0.19
CA LEU A 28 -13.26 2.10 -0.64
C LEU A 28 -12.55 2.05 -2.02
N MET A 29 -11.95 3.18 -2.35
CA MET A 29 -11.20 3.34 -3.62
C MET A 29 -9.95 2.47 -3.57
N LEU A 30 -9.15 2.77 -2.57
CA LEU A 30 -7.88 2.03 -2.35
C LEU A 30 -8.25 0.64 -1.89
N SER A 31 -9.41 0.49 -1.29
CA SER A 31 -9.91 -0.81 -0.80
C SER A 31 -10.15 -1.73 -2.02
N MET A 32 -10.85 -1.23 -3.00
CA MET A 32 -11.15 -2.00 -4.25
C MET A 32 -9.95 -2.14 -5.17
N LEU A 33 -9.12 -1.13 -5.18
CA LEU A 33 -7.89 -1.11 -6.07
C LEU A 33 -6.93 -2.13 -5.44
N PHE A 34 -6.96 -2.09 -4.13
CA PHE A 34 -6.10 -3.11 -3.41
C PHE A 34 -6.83 -4.44 -3.40
N ASN A 35 -8.12 -4.37 -3.50
CA ASN A 35 -9.03 -5.54 -3.55
C ASN A 35 -8.69 -6.34 -4.81
N GLN A 36 -8.37 -5.64 -5.85
CA GLN A 36 -7.92 -6.24 -7.14
C GLN A 36 -7.05 -7.46 -6.77
N PHE A 37 -6.32 -7.28 -5.68
CA PHE A 37 -5.40 -8.27 -5.05
C PHE A 37 -6.10 -9.07 -3.95
N PRO A 38 -6.16 -10.37 -4.14
CA PRO A 38 -6.81 -11.29 -3.17
C PRO A 38 -6.20 -11.10 -1.78
N GLY A 39 -5.00 -10.60 -1.77
CA GLY A 39 -4.23 -10.36 -0.50
C GLY A 39 -4.76 -9.13 0.27
N PHE A 40 -5.59 -8.38 -0.36
CA PHE A 40 -6.22 -7.15 0.17
C PHE A 40 -6.45 -7.36 1.65
N LYS A 41 -5.66 -6.72 2.48
CA LYS A 41 -5.82 -6.91 3.95
C LYS A 41 -6.00 -5.65 4.75
N GLU A 42 -5.16 -4.68 4.63
CA GLU A 42 -5.27 -3.43 5.40
C GLU A 42 -5.21 -2.28 4.38
N VAL A 43 -6.07 -1.34 4.56
CA VAL A 43 -6.22 -0.15 3.71
C VAL A 43 -6.60 1.02 4.64
N ARG A 44 -5.67 1.92 4.66
CA ARG A 44 -5.71 3.14 5.50
C ARG A 44 -5.62 4.38 4.58
N LEU A 45 -6.77 4.80 4.19
CA LEU A 45 -6.96 6.00 3.34
C LEU A 45 -8.30 6.65 3.76
N VAL A 46 -8.31 7.54 4.70
CA VAL A 46 -9.63 8.10 5.16
C VAL A 46 -9.86 9.53 4.70
N PRO A 47 -10.92 9.74 3.97
CA PRO A 47 -11.38 11.02 3.41
C PRO A 47 -11.03 12.22 4.30
N GLY A 48 -10.89 12.05 5.59
CA GLY A 48 -10.51 13.28 6.37
C GLY A 48 -9.12 13.67 5.80
N ARG A 49 -8.31 12.66 5.68
CA ARG A 49 -6.95 12.77 5.11
C ARG A 49 -7.10 12.72 3.57
N HIS A 50 -7.33 11.54 3.07
CA HIS A 50 -7.43 11.19 1.59
C HIS A 50 -6.03 11.56 1.03
N ASP A 51 -5.09 11.65 1.96
CA ASP A 51 -3.71 12.02 1.56
C ASP A 51 -2.59 11.19 2.17
N ILE A 52 -2.85 10.05 2.75
CA ILE A 52 -1.82 9.18 3.32
C ILE A 52 -2.41 7.76 3.18
N ALA A 53 -1.69 6.95 2.45
CA ALA A 53 -2.15 5.58 2.12
C ALA A 53 -1.22 4.53 2.77
N PHE A 54 -1.85 3.80 3.65
CA PHE A 54 -1.24 2.64 4.40
C PHE A 54 -2.02 1.36 4.01
N VAL A 55 -1.39 0.62 3.10
CA VAL A 55 -1.95 -0.59 2.47
C VAL A 55 -1.08 -1.83 2.61
N GLU A 56 -1.59 -2.66 3.50
CA GLU A 56 -1.03 -3.94 3.94
C GLU A 56 -1.72 -5.12 3.21
N PHE A 57 -0.99 -5.65 2.26
CA PHE A 57 -1.42 -6.72 1.34
C PHE A 57 -0.85 -8.11 1.76
N ASP A 58 -1.70 -8.85 2.35
CA ASP A 58 -1.42 -10.23 2.87
C ASP A 58 -0.11 -10.78 2.37
N ASN A 59 0.22 -10.74 1.09
CA ASN A 59 1.56 -11.26 0.63
C ASN A 59 2.17 -10.29 -0.40
N GLU A 60 3.45 -10.11 -0.29
CA GLU A 60 4.28 -9.22 -1.15
C GLU A 60 4.16 -9.52 -2.68
N VAL A 61 3.71 -10.68 -3.10
CA VAL A 61 3.56 -10.96 -4.57
C VAL A 61 2.34 -10.09 -5.01
N GLN A 62 1.36 -10.15 -4.12
CA GLN A 62 0.14 -9.35 -4.38
C GLN A 62 0.40 -7.88 -3.99
N ALA A 63 1.20 -7.62 -3.02
CA ALA A 63 1.40 -6.17 -2.67
C ALA A 63 2.29 -5.59 -3.78
N GLY A 64 3.18 -6.44 -4.21
CA GLY A 64 4.18 -6.12 -5.28
C GLY A 64 3.39 -6.03 -6.56
N ALA A 65 2.37 -6.83 -6.72
CA ALA A 65 1.52 -6.81 -7.94
C ALA A 65 0.82 -5.44 -7.93
N ALA A 66 0.08 -5.12 -6.89
CA ALA A 66 -0.63 -3.82 -6.73
C ALA A 66 0.35 -2.68 -6.84
N ARG A 67 1.51 -2.79 -6.26
CA ARG A 67 2.54 -1.71 -6.32
C ARG A 67 2.97 -1.58 -7.77
N ASP A 68 3.47 -2.63 -8.39
CA ASP A 68 3.93 -2.57 -9.81
C ASP A 68 2.79 -2.20 -10.78
N ALA A 69 1.57 -2.46 -10.39
CA ALA A 69 0.45 -2.11 -11.32
C ALA A 69 0.19 -0.60 -11.18
N LEU A 70 0.07 -0.07 -9.99
CA LEU A 70 -0.19 1.41 -9.90
C LEU A 70 1.12 2.06 -9.40
N GLN A 71 2.23 1.62 -9.91
CA GLN A 71 3.58 2.13 -9.55
C GLN A 71 3.86 3.52 -10.15
N GLY A 72 2.94 4.43 -10.09
CA GLY A 72 3.10 5.81 -10.66
C GLY A 72 1.67 6.31 -10.94
N PHE A 73 0.87 6.19 -9.90
CA PHE A 73 -0.55 6.61 -10.00
C PHE A 73 -0.52 8.14 -10.22
N LYS A 74 -0.34 8.53 -11.44
CA LYS A 74 -0.29 9.91 -11.90
C LYS A 74 -0.92 10.97 -11.02
N ILE A 75 -0.60 11.13 -9.79
CA ILE A 75 -1.26 12.32 -9.13
C ILE A 75 -0.58 13.36 -10.10
N THR A 76 0.60 13.01 -10.62
CA THR A 76 1.37 13.75 -11.62
C THR A 76 0.39 14.42 -12.55
N GLN A 77 -0.77 13.84 -12.57
CA GLN A 77 -1.83 14.54 -13.38
C GLN A 77 -1.61 15.98 -12.81
N ASN A 78 -0.90 15.98 -11.69
CA ASN A 78 -0.43 17.15 -10.95
C ASN A 78 0.97 16.66 -10.43
N ASN A 79 1.03 15.48 -9.82
CA ASN A 79 2.27 14.85 -9.36
C ASN A 79 2.48 13.37 -9.52
N ALA A 80 2.24 12.50 -8.55
CA ALA A 80 2.51 11.03 -8.70
C ALA A 80 2.25 10.31 -7.39
N MET A 81 1.47 9.29 -7.41
CA MET A 81 1.27 8.61 -6.08
C MET A 81 2.57 8.16 -5.45
N LYS A 82 2.75 8.10 -4.13
CA LYS A 82 4.00 7.63 -3.52
C LYS A 82 3.61 6.61 -2.40
N ILE A 83 4.03 5.41 -2.69
CA ILE A 83 3.76 4.17 -1.93
C ILE A 83 5.15 3.51 -1.73
N SER A 84 5.49 3.46 -0.47
CA SER A 84 6.80 2.95 0.06
C SER A 84 6.53 1.66 0.87
N PHE A 85 6.82 0.57 0.27
CA PHE A 85 6.65 -0.77 0.92
C PHE A 85 7.26 -0.74 2.31
N ALA A 86 6.99 -1.70 3.16
CA ALA A 86 7.54 -1.68 4.53
C ALA A 86 9.04 -1.95 4.59
N LYS A 87 9.77 -2.03 3.52
CA LYS A 87 11.26 -2.29 3.56
C LYS A 87 11.87 -1.27 4.55
N LYS A 88 12.28 -1.81 5.66
CA LYS A 88 12.91 -1.03 6.79
C LYS A 88 14.35 -1.45 6.98
N MET A 1 25.05 -13.13 -2.76
CA MET A 1 24.86 -12.39 -1.50
C MET A 1 23.36 -12.12 -1.31
N ALA A 2 22.64 -12.94 -0.62
CA ALA A 2 21.17 -12.68 -0.44
C ALA A 2 20.98 -11.42 0.38
N PRO A 3 19.80 -10.85 0.26
CA PRO A 3 19.47 -9.62 1.00
C PRO A 3 19.58 -9.80 2.50
N ALA A 4 18.86 -10.75 3.08
CA ALA A 4 18.93 -10.97 4.56
C ALA A 4 18.50 -9.67 5.21
N GLN A 5 18.65 -9.54 6.49
CA GLN A 5 18.23 -8.26 7.17
C GLN A 5 19.05 -7.98 8.41
N PRO A 6 18.96 -6.79 8.92
CA PRO A 6 19.71 -6.38 10.14
C PRO A 6 18.87 -6.81 11.34
N LEU A 7 17.88 -6.06 11.69
CA LEU A 7 16.99 -6.36 12.86
C LEU A 7 15.57 -5.98 12.42
N SER A 8 15.35 -6.02 11.13
CA SER A 8 14.03 -5.67 10.55
C SER A 8 13.38 -6.99 10.08
N GLU A 9 13.01 -7.84 11.00
CA GLU A 9 12.38 -9.14 10.68
C GLU A 9 10.96 -9.10 11.27
N ASN A 10 10.20 -8.12 10.85
CA ASN A 10 8.79 -7.96 11.34
C ASN A 10 7.90 -9.03 10.67
N PRO A 11 7.05 -9.65 11.42
CA PRO A 11 6.15 -10.67 10.90
C PRO A 11 5.24 -10.18 9.77
N PRO A 12 4.68 -11.12 9.07
CA PRO A 12 3.75 -10.88 7.93
C PRO A 12 2.67 -9.87 8.29
N ASN A 13 2.87 -8.64 7.87
CA ASN A 13 1.85 -7.62 8.21
C ASN A 13 0.56 -7.72 7.36
N HIS A 14 0.67 -7.82 6.07
CA HIS A 14 -0.46 -7.87 5.12
C HIS A 14 -1.28 -6.55 5.29
N ILE A 15 -0.61 -5.47 5.68
CA ILE A 15 -1.21 -4.14 5.95
C ILE A 15 -0.11 -3.15 5.49
N LEU A 16 -0.44 -2.35 4.52
CA LEU A 16 0.49 -1.29 4.01
C LEU A 16 -0.19 0.10 4.16
N PHE A 17 0.41 0.83 5.10
CA PHE A 17 -0.02 2.14 5.58
C PHE A 17 1.18 3.10 5.32
N LEU A 18 0.84 4.15 4.66
CA LEU A 18 1.82 5.15 4.38
C LEU A 18 1.07 6.21 3.60
N THR A 19 1.76 7.18 3.26
CA THR A 19 1.18 8.31 2.63
C THR A 19 2.13 8.76 1.53
N ASN A 20 1.72 9.73 0.93
CA ASN A 20 2.44 10.47 -0.17
C ASN A 20 1.37 10.62 -1.28
N LEU A 21 0.25 11.15 -0.91
CA LEU A 21 -0.86 11.30 -1.91
C LEU A 21 -1.49 12.70 -1.83
N PRO A 22 -1.34 13.50 -2.85
CA PRO A 22 -1.90 14.87 -2.89
C PRO A 22 -3.42 14.80 -3.00
N GLU A 23 -4.10 15.76 -3.56
CA GLU A 23 -5.58 15.69 -3.67
C GLU A 23 -5.90 15.03 -5.00
N GLU A 24 -4.96 14.60 -5.77
CA GLU A 24 -5.25 13.94 -7.10
C GLU A 24 -5.27 12.41 -6.95
N THR A 25 -5.65 11.97 -5.80
CA THR A 25 -5.71 10.51 -5.53
C THR A 25 -7.18 10.08 -5.44
N ASN A 26 -7.51 8.85 -5.71
CA ASN A 26 -8.96 8.47 -5.61
C ASN A 26 -9.07 7.12 -4.90
N GLU A 27 -10.03 7.01 -4.01
CA GLU A 27 -10.31 5.81 -3.19
C GLU A 27 -10.84 4.66 -4.08
N LEU A 28 -11.68 4.89 -5.05
CA LEU A 28 -12.24 3.81 -5.93
C LEU A 28 -11.11 3.38 -6.90
N MET A 29 -10.18 4.30 -7.08
CA MET A 29 -8.99 4.04 -7.96
C MET A 29 -8.11 3.01 -7.25
N LEU A 30 -7.68 3.42 -6.08
CA LEU A 30 -6.82 2.50 -5.27
C LEU A 30 -7.68 1.32 -4.79
N SER A 31 -8.97 1.53 -4.74
CA SER A 31 -9.98 0.54 -4.31
C SER A 31 -9.91 -0.68 -5.26
N MET A 32 -10.13 -0.36 -6.50
CA MET A 32 -10.11 -1.38 -7.58
C MET A 32 -8.67 -1.83 -7.87
N LEU A 33 -7.68 -0.97 -7.67
CA LEU A 33 -6.24 -1.35 -7.94
C LEU A 33 -5.86 -2.34 -6.83
N PHE A 34 -6.46 -2.06 -5.69
CA PHE A 34 -6.20 -2.99 -4.53
C PHE A 34 -7.10 -4.22 -4.72
N ASN A 35 -8.20 -3.96 -5.36
CA ASN A 35 -9.24 -4.98 -5.66
C ASN A 35 -8.65 -6.03 -6.60
N GLN A 36 -7.81 -5.61 -7.49
CA GLN A 36 -7.18 -6.58 -8.42
C GLN A 36 -6.69 -7.86 -7.71
N PHE A 37 -6.51 -7.83 -6.42
CA PHE A 37 -6.05 -8.98 -5.55
C PHE A 37 -7.17 -9.73 -4.81
N PRO A 38 -7.28 -11.00 -5.09
CA PRO A 38 -8.28 -11.95 -4.49
C PRO A 38 -7.96 -12.07 -2.98
N GLY A 39 -8.46 -11.09 -2.27
CA GLY A 39 -8.22 -11.05 -0.80
C GLY A 39 -8.60 -9.65 -0.31
N PHE A 40 -8.39 -8.69 -1.15
CA PHE A 40 -8.67 -7.25 -0.91
C PHE A 40 -9.41 -7.03 0.39
N LYS A 41 -8.78 -6.67 1.45
CA LYS A 41 -9.53 -6.50 2.73
C LYS A 41 -10.03 -5.10 3.01
N GLU A 42 -9.18 -4.14 3.21
CA GLU A 42 -9.62 -2.76 3.49
C GLU A 42 -8.72 -1.82 2.68
N VAL A 43 -9.25 -0.68 2.36
CA VAL A 43 -8.59 0.36 1.55
C VAL A 43 -9.26 1.69 1.89
N ARG A 44 -8.44 2.51 2.47
CA ARG A 44 -8.87 3.84 2.91
C ARG A 44 -7.82 4.84 2.37
N LEU A 45 -8.26 5.52 1.38
CA LEU A 45 -7.47 6.53 0.64
C LEU A 45 -8.44 7.52 -0.05
N VAL A 46 -8.70 8.60 0.62
CA VAL A 46 -9.55 9.72 0.18
C VAL A 46 -10.92 9.80 0.85
N PRO A 47 -11.05 9.53 2.11
CA PRO A 47 -12.37 9.63 2.79
C PRO A 47 -12.48 11.07 3.34
N GLY A 48 -11.71 11.99 2.84
CA GLY A 48 -11.72 13.41 3.30
C GLY A 48 -10.22 13.81 3.36
N ARG A 49 -9.44 12.80 3.68
CA ARG A 49 -7.97 12.90 3.77
C ARG A 49 -7.40 13.01 2.32
N HIS A 50 -7.38 11.88 1.67
CA HIS A 50 -6.79 11.69 0.26
C HIS A 50 -5.26 11.91 0.48
N ASP A 51 -4.87 11.85 1.74
CA ASP A 51 -3.42 12.08 2.05
C ASP A 51 -2.72 10.96 2.78
N ILE A 52 -3.36 10.03 3.46
CA ILE A 52 -2.74 8.93 4.21
C ILE A 52 -3.50 7.68 3.74
N ALA A 53 -2.76 6.78 3.14
CA ALA A 53 -3.34 5.55 2.55
C ALA A 53 -3.06 4.29 3.39
N PHE A 54 -4.15 3.77 3.86
CA PHE A 54 -4.22 2.53 4.70
C PHE A 54 -4.96 1.39 3.97
N VAL A 55 -4.12 0.45 3.53
CA VAL A 55 -4.54 -0.69 2.70
C VAL A 55 -4.14 -2.02 3.36
N GLU A 56 -5.21 -2.67 3.78
CA GLU A 56 -5.25 -3.96 4.48
C GLU A 56 -5.57 -5.09 3.47
N PHE A 57 -4.56 -5.86 3.23
CA PHE A 57 -4.56 -6.99 2.25
C PHE A 57 -4.48 -8.35 2.97
N ASP A 58 -5.61 -8.96 3.00
CA ASP A 58 -5.83 -10.29 3.67
C ASP A 58 -4.55 -11.09 3.80
N ASN A 59 -3.76 -11.10 2.77
CA ASN A 59 -2.48 -11.86 2.82
C ASN A 59 -1.39 -10.92 2.23
N GLU A 60 -0.21 -11.06 2.69
CA GLU A 60 1.00 -10.29 2.29
C GLU A 60 1.50 -10.72 0.91
N VAL A 61 1.19 -11.88 0.36
CA VAL A 61 1.68 -12.17 -1.05
C VAL A 61 0.76 -11.29 -1.96
N GLN A 62 -0.46 -11.20 -1.46
CA GLN A 62 -1.47 -10.36 -2.16
C GLN A 62 -1.23 -8.88 -1.79
N ALA A 63 -0.79 -8.60 -0.61
CA ALA A 63 -0.57 -7.20 -0.14
C ALA A 63 0.68 -6.78 -0.95
N GLY A 64 1.62 -7.67 -0.90
CA GLY A 64 2.93 -7.56 -1.61
C GLY A 64 2.65 -7.47 -3.10
N ALA A 65 1.67 -8.15 -3.60
CA ALA A 65 1.42 -8.02 -5.07
C ALA A 65 0.84 -6.65 -5.34
N ALA A 66 -0.25 -6.25 -4.70
CA ALA A 66 -0.90 -4.93 -4.90
C ALA A 66 0.08 -3.82 -4.64
N ARG A 67 0.89 -4.01 -3.66
CA ARG A 67 1.94 -3.02 -3.27
C ARG A 67 2.97 -3.08 -4.40
N ASP A 68 3.50 -4.21 -4.75
CA ASP A 68 4.50 -4.38 -5.83
C ASP A 68 4.05 -3.76 -7.18
N ALA A 69 2.74 -3.74 -7.33
CA ALA A 69 2.13 -3.15 -8.58
C ALA A 69 2.21 -1.62 -8.39
N LEU A 70 1.61 -1.16 -7.31
CA LEU A 70 1.66 0.33 -7.04
C LEU A 70 2.61 0.47 -5.82
N GLN A 71 3.85 0.10 -6.06
CA GLN A 71 4.93 0.15 -5.03
C GLN A 71 5.60 1.52 -4.93
N GLY A 72 4.98 2.48 -5.56
CA GLY A 72 5.50 3.88 -5.56
C GLY A 72 4.74 4.62 -6.69
N PHE A 73 3.45 4.45 -6.61
CA PHE A 73 2.48 5.04 -7.58
C PHE A 73 2.89 6.50 -7.87
N LYS A 74 3.67 6.65 -8.90
CA LYS A 74 4.18 7.99 -9.34
C LYS A 74 2.94 8.82 -9.65
N ILE A 75 2.39 9.40 -8.62
CA ILE A 75 1.16 10.26 -8.76
C ILE A 75 1.45 11.34 -9.80
N THR A 76 2.72 11.68 -9.89
CA THR A 76 3.07 12.72 -10.90
C THR A 76 4.29 12.27 -11.74
N GLN A 77 5.36 12.00 -11.06
CA GLN A 77 6.65 11.54 -11.68
C GLN A 77 7.71 11.63 -10.56
N ASN A 78 7.63 12.73 -9.86
CA ASN A 78 8.53 13.04 -8.71
C ASN A 78 7.70 12.73 -7.44
N ASN A 79 6.42 12.95 -7.59
CA ASN A 79 5.42 12.70 -6.48
C ASN A 79 4.99 11.22 -6.64
N ALA A 80 5.44 10.39 -5.75
CA ALA A 80 5.07 8.95 -5.84
C ALA A 80 4.60 8.51 -4.46
N MET A 81 3.44 7.90 -4.44
CA MET A 81 2.86 7.44 -3.16
C MET A 81 3.82 6.61 -2.33
N LYS A 82 3.77 6.63 -1.01
CA LYS A 82 4.66 5.82 -0.15
C LYS A 82 3.74 5.08 0.87
N ILE A 83 3.83 3.78 0.76
CA ILE A 83 3.05 2.75 1.48
C ILE A 83 4.10 1.91 2.24
N SER A 84 3.88 1.92 3.51
CA SER A 84 4.76 1.29 4.54
C SER A 84 4.00 0.18 5.27
N PHE A 85 4.33 -1.02 4.95
CA PHE A 85 3.74 -2.23 5.61
C PHE A 85 3.55 -2.02 7.12
N ALA A 86 2.65 -2.69 7.75
CA ALA A 86 2.44 -2.51 9.22
C ALA A 86 3.49 -3.26 9.99
N LYS A 87 3.18 -4.45 10.44
CA LYS A 87 4.15 -5.29 11.20
C LYS A 87 3.39 -6.52 11.73
N LYS A 88 2.35 -6.29 12.46
CA LYS A 88 1.58 -7.48 12.99
C LYS A 88 2.46 -8.33 13.89
N MET A 1 13.09 -3.41 13.29
CA MET A 1 13.13 -4.19 12.03
C MET A 1 14.40 -5.03 11.95
N ALA A 2 14.83 -5.39 10.79
CA ALA A 2 16.08 -6.21 10.67
C ALA A 2 17.14 -5.45 9.90
N PRO A 3 18.04 -4.82 10.58
CA PRO A 3 19.11 -4.05 9.94
C PRO A 3 20.46 -4.80 9.90
N ALA A 4 21.42 -4.17 9.24
CA ALA A 4 22.77 -4.78 9.11
C ALA A 4 22.71 -6.22 8.61
N GLN A 5 22.67 -7.21 9.44
CA GLN A 5 22.62 -8.63 8.96
C GLN A 5 22.58 -9.58 10.15
N PRO A 6 22.19 -10.81 9.97
CA PRO A 6 21.76 -11.40 8.70
C PRO A 6 20.24 -11.27 8.55
N LEU A 7 19.62 -12.08 7.75
CA LEU A 7 18.15 -12.00 7.58
C LEU A 7 17.51 -12.25 8.95
N SER A 8 16.37 -11.71 9.26
CA SER A 8 15.78 -11.99 10.62
C SER A 8 14.25 -12.07 10.55
N GLU A 9 13.58 -10.97 10.36
CA GLU A 9 12.08 -11.02 10.29
C GLU A 9 11.57 -10.24 9.09
N ASN A 10 10.52 -9.50 9.22
CA ASN A 10 9.98 -8.71 8.08
C ASN A 10 9.63 -9.65 6.91
N PRO A 11 8.54 -10.32 7.12
CA PRO A 11 8.04 -11.28 6.11
C PRO A 11 7.57 -10.52 4.84
N PRO A 12 6.85 -11.19 4.00
CA PRO A 12 6.30 -10.66 2.74
C PRO A 12 5.21 -9.62 3.07
N ASN A 13 4.78 -9.62 4.30
CA ASN A 13 3.78 -8.70 4.86
C ASN A 13 2.33 -9.01 4.45
N HIS A 14 1.60 -8.07 3.94
CA HIS A 14 0.19 -8.18 3.52
C HIS A 14 -0.55 -6.87 3.97
N ILE A 15 0.07 -5.99 4.72
CA ILE A 15 -0.52 -4.71 5.22
C ILE A 15 0.50 -3.62 4.82
N LEU A 16 0.08 -2.78 3.90
CA LEU A 16 0.97 -1.70 3.38
C LEU A 16 0.35 -0.32 3.75
N PHE A 17 1.10 0.32 4.67
CA PHE A 17 0.77 1.59 5.32
C PHE A 17 1.87 2.57 4.88
N LEU A 18 1.40 3.67 4.42
CA LEU A 18 2.32 4.69 3.98
C LEU A 18 1.46 5.81 3.46
N THR A 19 2.08 6.78 3.02
CA THR A 19 1.39 7.96 2.60
C THR A 19 2.18 8.53 1.44
N ASN A 20 1.70 9.54 1.00
CA ASN A 20 2.24 10.36 -0.15
C ASN A 20 1.21 10.32 -1.29
N LEU A 21 -0.02 10.41 -0.92
CA LEU A 21 -1.17 10.35 -1.89
C LEU A 21 -1.88 11.71 -1.81
N PRO A 22 -1.19 12.72 -2.21
CA PRO A 22 -1.59 14.12 -2.24
C PRO A 22 -3.06 14.39 -2.03
N GLU A 23 -3.80 14.89 -3.00
CA GLU A 23 -5.24 15.17 -2.86
C GLU A 23 -5.98 14.73 -4.12
N GLU A 24 -5.35 14.17 -5.10
CA GLU A 24 -6.06 13.71 -6.34
C GLU A 24 -6.35 12.21 -6.15
N THR A 25 -6.04 11.72 -4.97
CA THR A 25 -6.25 10.29 -4.62
C THR A 25 -7.57 10.18 -3.86
N ASN A 26 -8.06 8.98 -3.68
CA ASN A 26 -9.35 8.87 -2.92
C ASN A 26 -9.62 7.41 -2.47
N GLU A 27 -10.59 7.21 -1.59
CA GLU A 27 -10.91 5.85 -1.09
C GLU A 27 -11.43 4.88 -2.19
N LEU A 28 -12.30 5.31 -3.07
CA LEU A 28 -12.88 4.39 -4.13
C LEU A 28 -11.76 4.13 -5.18
N MET A 29 -10.84 5.08 -5.20
CA MET A 29 -9.67 5.01 -6.14
C MET A 29 -8.76 3.88 -5.69
N LEU A 30 -8.29 4.04 -4.48
CA LEU A 30 -7.38 3.02 -3.90
C LEU A 30 -8.25 1.79 -3.58
N SER A 31 -9.52 1.94 -3.41
CA SER A 31 -10.48 0.86 -3.09
C SER A 31 -10.50 -0.11 -4.28
N MET A 32 -10.67 0.49 -5.42
CA MET A 32 -10.76 -0.27 -6.69
C MET A 32 -9.41 -0.73 -7.20
N LEU A 33 -8.40 0.07 -6.92
CA LEU A 33 -7.00 -0.27 -7.37
C LEU A 33 -6.53 -1.42 -6.45
N PHE A 34 -7.03 -1.31 -5.24
CA PHE A 34 -6.67 -2.40 -4.28
C PHE A 34 -7.59 -3.60 -4.58
N ASN A 35 -8.76 -3.25 -5.06
CA ASN A 35 -9.81 -4.22 -5.45
C ASN A 35 -9.29 -5.10 -6.60
N GLN A 36 -8.56 -4.51 -7.49
CA GLN A 36 -7.99 -5.25 -8.65
C GLN A 36 -7.47 -6.65 -8.25
N PHE A 37 -7.10 -6.77 -7.01
CA PHE A 37 -6.55 -8.04 -6.36
C PHE A 37 -7.56 -8.86 -5.59
N PRO A 38 -7.90 -10.05 -6.06
CA PRO A 38 -8.83 -11.03 -5.50
C PRO A 38 -8.88 -10.98 -3.96
N GLY A 39 -7.74 -10.64 -3.40
CA GLY A 39 -7.63 -10.55 -1.92
C GLY A 39 -8.50 -9.40 -1.40
N PHE A 40 -8.32 -8.23 -1.91
CA PHE A 40 -9.04 -6.99 -1.56
C PHE A 40 -9.59 -7.05 -0.14
N LYS A 41 -8.81 -6.76 0.85
CA LYS A 41 -9.35 -6.85 2.23
C LYS A 41 -9.72 -5.52 2.86
N GLU A 42 -8.80 -4.61 3.00
CA GLU A 42 -9.13 -3.32 3.63
C GLU A 42 -8.32 -2.21 2.93
N VAL A 43 -8.94 -1.07 2.90
CA VAL A 43 -8.41 0.16 2.29
C VAL A 43 -8.86 1.33 3.16
N ARG A 44 -7.85 1.99 3.63
CA ARG A 44 -8.00 3.12 4.59
C ARG A 44 -7.33 4.36 3.95
N LEU A 45 -8.17 5.04 3.24
CA LEU A 45 -7.81 6.33 2.57
C LEU A 45 -9.07 7.15 2.47
N VAL A 46 -9.43 7.98 3.43
CA VAL A 46 -10.73 8.67 3.29
C VAL A 46 -10.78 10.11 3.78
N PRO A 47 -10.47 10.40 5.00
CA PRO A 47 -10.49 11.71 5.65
C PRO A 47 -10.06 12.87 4.76
N GLY A 48 -10.05 14.05 5.35
CA GLY A 48 -9.65 15.28 4.59
C GLY A 48 -8.27 14.97 3.97
N ARG A 49 -7.59 14.07 4.68
CA ARG A 49 -6.28 13.59 4.24
C ARG A 49 -6.31 12.96 2.83
N HIS A 50 -6.67 11.68 2.77
CA HIS A 50 -6.68 10.90 1.46
C HIS A 50 -5.16 10.78 1.12
N ASP A 51 -4.35 11.02 2.12
CA ASP A 51 -2.85 11.04 1.97
C ASP A 51 -2.14 9.99 2.80
N ILE A 52 -2.84 9.31 3.71
CA ILE A 52 -2.31 8.24 4.55
C ILE A 52 -3.12 6.98 4.17
N ALA A 53 -2.44 6.05 3.51
CA ALA A 53 -3.06 4.84 2.98
C ALA A 53 -2.65 3.60 3.80
N PHE A 54 -3.67 3.01 4.33
CA PHE A 54 -3.61 1.72 5.10
C PHE A 54 -4.37 0.63 4.30
N VAL A 55 -3.54 -0.24 3.71
CA VAL A 55 -3.98 -1.30 2.79
C VAL A 55 -3.65 -2.71 3.31
N GLU A 56 -4.74 -3.34 3.65
CA GLU A 56 -4.85 -4.71 4.21
C GLU A 56 -5.25 -5.68 3.07
N PHE A 57 -4.29 -6.44 2.66
CA PHE A 57 -4.35 -7.38 1.52
C PHE A 57 -4.28 -8.85 2.00
N ASP A 58 -5.41 -9.45 1.97
CA ASP A 58 -5.62 -10.87 2.42
C ASP A 58 -4.33 -11.66 2.47
N ASN A 59 -3.55 -11.54 1.43
CA ASN A 59 -2.26 -12.27 1.45
C ASN A 59 -1.22 -11.42 0.69
N GLU A 60 -0.01 -11.56 1.09
CA GLU A 60 1.19 -10.87 0.51
C GLU A 60 1.38 -11.06 -1.00
N VAL A 61 0.78 -12.08 -1.59
CA VAL A 61 0.90 -12.31 -3.06
C VAL A 61 0.08 -11.17 -3.72
N GLN A 62 -1.08 -11.00 -3.13
CA GLN A 62 -2.05 -9.95 -3.55
C GLN A 62 -1.63 -8.60 -2.96
N ALA A 63 -1.00 -8.57 -1.83
CA ALA A 63 -0.59 -7.27 -1.22
C ALA A 63 0.60 -6.81 -2.09
N GLY A 64 1.38 -7.80 -2.42
CA GLY A 64 2.61 -7.66 -3.25
C GLY A 64 2.17 -7.28 -4.65
N ALA A 65 1.13 -7.90 -5.16
CA ALA A 65 0.62 -7.58 -6.51
C ALA A 65 0.12 -6.15 -6.50
N ALA A 66 -0.79 -5.77 -5.64
CA ALA A 66 -1.33 -4.39 -5.53
C ALA A 66 -0.19 -3.42 -5.23
N ARG A 67 0.65 -3.71 -4.29
CA ARG A 67 1.79 -2.87 -3.91
C ARG A 67 2.69 -2.65 -5.14
N ASP A 68 3.18 -3.72 -5.71
CA ASP A 68 4.05 -3.70 -6.91
C ASP A 68 3.35 -3.05 -8.12
N ALA A 69 2.06 -3.15 -8.18
CA ALA A 69 1.30 -2.56 -9.33
C ALA A 69 1.21 -1.05 -9.09
N LEU A 70 1.10 -0.64 -7.85
CA LEU A 70 1.01 0.85 -7.60
C LEU A 70 2.09 1.13 -6.51
N GLN A 71 3.24 0.61 -6.78
CA GLN A 71 4.44 0.73 -5.89
C GLN A 71 5.13 2.08 -5.97
N GLY A 72 4.56 2.97 -6.71
CA GLY A 72 5.16 4.34 -6.86
C GLY A 72 4.14 5.14 -7.71
N PHE A 73 2.92 5.05 -7.25
CA PHE A 73 1.77 5.72 -7.92
C PHE A 73 2.18 7.18 -8.15
N LYS A 74 2.66 7.43 -9.33
CA LYS A 74 3.08 8.83 -9.65
C LYS A 74 1.83 9.72 -9.54
N ILE A 75 1.61 10.21 -8.34
CA ILE A 75 0.45 11.10 -8.05
C ILE A 75 0.54 12.30 -9.00
N THR A 76 1.74 12.64 -9.41
CA THR A 76 1.86 13.81 -10.34
C THR A 76 2.77 13.47 -11.55
N GLN A 77 3.87 12.86 -11.24
CA GLN A 77 4.91 12.44 -12.22
C GLN A 77 6.27 12.61 -11.50
N ASN A 78 6.37 13.69 -10.80
CA ASN A 78 7.59 14.05 -10.00
C ASN A 78 7.30 13.61 -8.55
N ASN A 79 6.02 13.47 -8.28
CA ASN A 79 5.49 13.05 -6.95
C ASN A 79 4.89 11.64 -7.13
N ALA A 80 5.38 10.70 -6.37
CA ALA A 80 4.93 9.28 -6.41
C ALA A 80 4.62 8.90 -4.94
N MET A 81 3.58 8.15 -4.74
CA MET A 81 3.18 7.75 -3.38
C MET A 81 4.19 6.87 -2.67
N LYS A 82 4.00 6.74 -1.36
CA LYS A 82 4.85 5.89 -0.51
C LYS A 82 3.89 4.97 0.31
N ILE A 83 4.10 3.71 0.03
CA ILE A 83 3.33 2.52 0.53
C ILE A 83 4.36 1.64 1.20
N SER A 84 4.22 1.48 2.47
CA SER A 84 5.22 0.73 3.28
C SER A 84 4.56 -0.52 3.90
N PHE A 85 4.79 -1.63 3.29
CA PHE A 85 4.27 -2.95 3.79
C PHE A 85 4.55 -3.02 5.27
N ALA A 86 3.82 -3.81 5.98
CA ALA A 86 3.95 -3.97 7.44
C ALA A 86 4.34 -5.41 7.79
N LYS A 87 5.41 -5.58 8.49
CA LYS A 87 5.92 -6.91 8.91
C LYS A 87 4.77 -7.81 9.40
N LYS A 88 4.55 -8.86 8.64
CA LYS A 88 3.46 -9.86 8.92
C LYS A 88 3.68 -10.51 10.29
N MET A 1 13.46 -8.22 25.60
CA MET A 1 14.32 -9.36 25.21
C MET A 1 13.79 -10.03 23.94
N ALA A 2 12.49 -9.97 23.76
CA ALA A 2 11.89 -10.60 22.54
C ALA A 2 12.38 -9.85 21.32
N PRO A 3 13.05 -10.52 20.41
CA PRO A 3 13.57 -9.90 19.18
C PRO A 3 12.44 -9.82 18.13
N ALA A 4 11.33 -9.22 18.48
CA ALA A 4 10.18 -9.09 17.54
C ALA A 4 10.25 -7.68 16.94
N GLN A 5 11.44 -7.30 16.59
CA GLN A 5 11.58 -5.95 16.02
C GLN A 5 12.68 -6.02 14.92
N PRO A 6 12.49 -5.33 13.84
CA PRO A 6 11.32 -4.50 13.59
C PRO A 6 10.14 -5.42 13.23
N LEU A 7 10.41 -6.37 12.39
CA LEU A 7 9.37 -7.34 11.95
C LEU A 7 10.03 -8.33 10.98
N SER A 8 10.10 -9.58 11.35
CA SER A 8 10.72 -10.63 10.47
C SER A 8 9.57 -11.39 9.81
N GLU A 9 8.99 -10.81 8.77
CA GLU A 9 7.87 -11.49 8.09
C GLU A 9 8.12 -11.61 6.56
N ASN A 10 8.68 -10.59 6.00
CA ASN A 10 9.01 -10.48 4.55
C ASN A 10 9.13 -11.87 3.92
N PRO A 11 8.09 -12.34 3.25
CA PRO A 11 7.99 -13.65 2.63
C PRO A 11 8.29 -13.71 1.16
N PRO A 12 8.76 -12.75 0.48
CA PRO A 12 9.17 -11.41 0.77
C PRO A 12 8.02 -10.51 0.23
N ASN A 13 7.89 -9.43 0.90
CA ASN A 13 6.84 -8.41 0.63
C ASN A 13 5.41 -9.01 0.64
N HIS A 14 4.47 -8.12 0.45
CA HIS A 14 3.01 -8.38 0.46
C HIS A 14 2.36 -7.21 1.26
N ILE A 15 3.13 -6.38 1.95
CA ILE A 15 2.66 -5.23 2.77
C ILE A 15 3.38 -3.98 2.22
N LEU A 16 2.63 -3.13 1.54
CA LEU A 16 3.20 -1.90 0.92
C LEU A 16 2.54 -0.65 1.57
N PHE A 17 3.43 0.04 2.30
CA PHE A 17 3.15 1.19 3.14
C PHE A 17 3.96 2.36 2.52
N LEU A 18 3.27 3.41 2.35
CA LEU A 18 3.88 4.60 1.80
C LEU A 18 2.75 5.56 1.60
N THR A 19 3.09 6.65 1.13
CA THR A 19 2.13 7.71 0.98
C THR A 19 2.50 8.45 -0.29
N ASN A 20 1.75 9.39 -0.51
CA ASN A 20 1.85 10.35 -1.67
C ASN A 20 0.45 10.45 -2.28
N LEU A 21 -0.57 10.62 -1.48
CA LEU A 21 -1.98 10.71 -1.98
C LEU A 21 -2.72 11.85 -1.25
N PRO A 22 -2.25 13.02 -1.54
CA PRO A 22 -2.70 14.33 -1.06
C PRO A 22 -3.96 14.27 -0.20
N GLU A 23 -5.08 14.84 -0.61
CA GLU A 23 -6.33 14.82 0.17
C GLU A 23 -7.54 14.55 -0.76
N GLU A 24 -7.36 14.53 -2.05
CA GLU A 24 -8.56 14.27 -2.90
C GLU A 24 -8.77 12.75 -2.96
N THR A 25 -7.71 12.04 -2.67
CA THR A 25 -7.71 10.56 -2.66
C THR A 25 -8.78 10.11 -1.65
N ASN A 26 -9.35 8.94 -1.84
CA ASN A 26 -10.40 8.48 -0.86
C ASN A 26 -9.98 7.10 -0.36
N GLU A 27 -10.22 6.83 0.89
CA GLU A 27 -9.88 5.57 1.59
C GLU A 27 -10.65 4.36 1.00
N LEU A 28 -11.91 4.55 0.76
CA LEU A 28 -12.81 3.50 0.19
C LEU A 28 -12.45 3.36 -1.31
N MET A 29 -11.87 4.44 -1.82
CA MET A 29 -11.45 4.44 -3.27
C MET A 29 -10.25 3.51 -3.42
N LEU A 30 -9.24 3.84 -2.64
CA LEU A 30 -7.98 3.05 -2.62
C LEU A 30 -8.28 1.68 -2.03
N SER A 31 -9.33 1.61 -1.21
CA SER A 31 -9.77 0.35 -0.57
C SER A 31 -10.36 -0.53 -1.69
N MET A 32 -11.16 0.03 -2.55
CA MET A 32 -11.78 -0.77 -3.67
C MET A 32 -10.73 -1.11 -4.72
N LEU A 33 -9.79 -0.20 -4.87
CA LEU A 33 -8.69 -0.37 -5.91
C LEU A 33 -7.75 -1.44 -5.36
N PHE A 34 -7.62 -1.40 -4.06
CA PHE A 34 -6.71 -2.44 -3.44
C PHE A 34 -7.52 -3.75 -3.34
N ASN A 35 -8.82 -3.56 -3.27
CA ASN A 35 -9.78 -4.68 -3.15
C ASN A 35 -9.73 -5.50 -4.46
N GLN A 36 -9.67 -4.80 -5.56
CA GLN A 36 -9.60 -5.36 -6.92
C GLN A 36 -9.02 -6.81 -6.96
N PHE A 37 -8.01 -6.97 -6.13
CA PHE A 37 -7.27 -8.26 -6.01
C PHE A 37 -7.86 -9.31 -5.08
N PRO A 38 -7.95 -10.53 -5.65
CA PRO A 38 -8.47 -11.75 -4.95
C PRO A 38 -7.38 -12.17 -3.92
N GLY A 39 -7.48 -11.46 -2.80
CA GLY A 39 -6.50 -11.72 -1.73
C GLY A 39 -6.39 -10.43 -0.87
N PHE A 40 -6.73 -9.32 -1.41
CA PHE A 40 -6.71 -7.99 -0.74
C PHE A 40 -6.85 -8.17 0.76
N LYS A 41 -5.98 -7.65 1.58
CA LYS A 41 -6.15 -7.92 3.03
C LYS A 41 -6.36 -6.70 3.90
N GLU A 42 -5.52 -5.71 3.84
CA GLU A 42 -5.69 -4.54 4.71
C GLU A 42 -5.39 -3.28 3.89
N VAL A 43 -6.06 -2.24 4.30
CA VAL A 43 -5.97 -0.90 3.70
C VAL A 43 -6.10 0.12 4.85
N ARG A 44 -5.05 0.85 4.96
CA ARG A 44 -4.84 1.85 6.04
C ARG A 44 -4.67 3.23 5.38
N LEU A 45 -5.77 3.90 5.33
CA LEU A 45 -5.90 5.27 4.77
C LEU A 45 -6.89 6.02 5.69
N VAL A 46 -6.46 6.68 6.71
CA VAL A 46 -7.45 7.36 7.62
C VAL A 46 -7.59 8.85 7.35
N PRO A 47 -8.81 9.26 7.23
CA PRO A 47 -9.20 10.66 6.99
C PRO A 47 -8.39 11.54 7.97
N GLY A 48 -8.39 12.82 7.62
CA GLY A 48 -7.54 13.74 8.46
C GLY A 48 -6.17 13.81 7.73
N ARG A 49 -5.99 12.86 6.85
CA ARG A 49 -4.79 12.69 6.01
C ARG A 49 -5.33 12.24 4.63
N HIS A 50 -5.81 11.02 4.64
CA HIS A 50 -6.28 10.35 3.33
C HIS A 50 -4.97 10.30 2.48
N ASP A 51 -3.86 10.47 3.17
CA ASP A 51 -2.55 10.55 2.48
C ASP A 51 -1.47 9.58 2.91
N ILE A 52 -1.75 8.53 3.66
CA ILE A 52 -0.77 7.52 4.07
C ILE A 52 -1.48 6.18 3.82
N ALA A 53 -0.92 5.42 2.90
CA ALA A 53 -1.52 4.15 2.46
C ALA A 53 -0.70 2.93 2.90
N PHE A 54 -1.35 2.17 3.72
CA PHE A 54 -0.86 0.85 4.26
C PHE A 54 -1.73 -0.31 3.69
N VAL A 55 -1.10 -0.99 2.74
CA VAL A 55 -1.70 -2.07 1.94
C VAL A 55 -1.08 -3.44 2.12
N GLU A 56 -1.86 -4.22 2.83
CA GLU A 56 -1.61 -5.62 3.20
C GLU A 56 -2.38 -6.57 2.27
N PHE A 57 -1.63 -7.15 1.38
CA PHE A 57 -2.11 -8.04 0.29
C PHE A 57 -1.63 -9.50 0.50
N ASP A 58 -2.55 -10.27 0.93
CA ASP A 58 -2.37 -11.73 1.26
C ASP A 58 -1.08 -12.28 0.68
N ASN A 59 -0.80 -12.04 -0.59
CA ASN A 59 0.49 -12.57 -1.17
C ASN A 59 1.05 -11.52 -2.15
N GLU A 60 2.34 -11.47 -2.17
CA GLU A 60 3.14 -10.53 -3.05
C GLU A 60 2.81 -10.64 -4.55
N VAL A 61 2.24 -11.69 -5.08
CA VAL A 61 1.89 -11.75 -6.55
C VAL A 61 0.74 -10.72 -6.72
N GLN A 62 -0.15 -10.81 -5.76
CA GLN A 62 -1.31 -9.89 -5.76
C GLN A 62 -0.89 -8.53 -5.17
N ALA A 63 0.00 -8.47 -4.25
CA ALA A 63 0.41 -7.16 -3.65
C ALA A 63 1.19 -6.45 -4.75
N GLY A 64 1.97 -7.26 -5.41
CA GLY A 64 2.84 -6.78 -6.54
C GLY A 64 1.96 -6.49 -7.73
N ALA A 65 0.92 -7.21 -7.95
CA ALA A 65 -0.02 -6.99 -9.10
C ALA A 65 -0.66 -5.63 -8.83
N ALA A 66 -1.36 -5.45 -7.73
CA ALA A 66 -2.00 -4.13 -7.37
C ALA A 66 -0.95 -3.06 -7.32
N ARG A 67 0.11 -3.21 -6.61
CA ARG A 67 1.20 -2.24 -6.48
C ARG A 67 1.70 -1.84 -7.86
N ASP A 68 2.17 -2.77 -8.62
CA ASP A 68 2.70 -2.51 -10.01
C ASP A 68 1.57 -2.02 -10.95
N ALA A 69 0.32 -2.32 -10.67
CA ALA A 69 -0.81 -1.89 -11.53
C ALA A 69 -1.04 -0.39 -11.27
N LEU A 70 -0.88 0.00 -10.01
CA LEU A 70 -1.07 1.45 -9.66
C LEU A 70 0.33 1.98 -9.28
N GLN A 71 1.37 1.32 -9.71
CA GLN A 71 2.76 1.81 -9.37
C GLN A 71 3.01 3.06 -10.23
N GLY A 72 2.29 4.11 -10.00
CA GLY A 72 2.48 5.36 -10.78
C GLY A 72 1.18 6.16 -10.68
N PHE A 73 0.55 6.21 -9.53
CA PHE A 73 -0.71 6.99 -9.43
C PHE A 73 -0.32 8.48 -9.41
N LYS A 74 0.07 8.95 -10.57
CA LYS A 74 0.47 10.37 -10.75
C LYS A 74 -0.76 11.22 -10.40
N ILE A 75 -0.88 11.51 -9.15
CA ILE A 75 -2.02 12.31 -8.59
C ILE A 75 -2.13 13.60 -9.46
N THR A 76 -0.97 14.16 -9.77
CA THR A 76 -1.01 15.38 -10.60
C THR A 76 0.07 15.41 -11.70
N GLN A 77 0.99 14.50 -11.69
CA GLN A 77 2.11 14.40 -12.65
C GLN A 77 3.38 14.89 -11.92
N ASN A 78 3.13 15.85 -11.07
CA ASN A 78 4.20 16.47 -10.21
C ASN A 78 4.07 15.79 -8.83
N ASN A 79 2.98 15.12 -8.64
CA ASN A 79 2.63 14.37 -7.39
C ASN A 79 2.30 12.92 -7.83
N ALA A 80 2.98 11.93 -7.34
CA ALA A 80 2.68 10.54 -7.76
C ALA A 80 2.75 9.60 -6.56
N MET A 81 1.68 8.94 -6.29
CA MET A 81 1.53 7.98 -5.17
C MET A 81 2.79 7.18 -4.88
N LYS A 82 3.27 7.04 -3.66
CA LYS A 82 4.48 6.25 -3.36
C LYS A 82 4.10 5.26 -2.21
N ILE A 83 4.22 4.02 -2.56
CA ILE A 83 3.86 2.82 -1.78
C ILE A 83 5.12 1.93 -1.79
N SER A 84 5.53 1.67 -0.60
CA SER A 84 6.79 0.93 -0.30
C SER A 84 6.48 -0.41 0.36
N PHE A 85 6.56 -1.44 -0.41
CA PHE A 85 6.38 -2.83 0.10
C PHE A 85 7.12 -3.07 1.41
N ALA A 86 6.90 -4.20 2.05
CA ALA A 86 7.57 -4.47 3.33
C ALA A 86 9.08 -4.63 3.20
N LYS A 87 9.68 -4.46 2.07
CA LYS A 87 11.15 -4.59 1.86
C LYS A 87 11.59 -6.07 1.84
N LYS A 88 12.75 -6.28 1.30
CA LYS A 88 13.42 -7.59 1.15
C LYS A 88 13.30 -7.96 -0.35
N MET A 1 8.43 -14.28 21.89
CA MET A 1 7.21 -15.16 21.96
C MET A 1 7.73 -16.60 21.98
N ALA A 2 6.91 -17.54 21.59
CA ALA A 2 7.36 -18.97 21.58
C ALA A 2 6.64 -19.72 20.46
N PRO A 3 7.34 -20.52 19.71
CA PRO A 3 8.79 -20.74 19.86
C PRO A 3 9.52 -19.53 19.25
N ALA A 4 10.74 -19.72 18.83
CA ALA A 4 11.44 -18.54 18.23
C ALA A 4 11.15 -18.49 16.72
N GLN A 5 10.95 -17.33 16.17
CA GLN A 5 10.67 -17.28 14.72
C GLN A 5 11.45 -16.12 14.13
N PRO A 6 12.41 -16.35 13.28
CA PRO A 6 13.23 -15.31 12.64
C PRO A 6 12.30 -14.37 11.87
N LEU A 7 12.41 -13.09 12.12
CA LEU A 7 11.58 -12.06 11.46
C LEU A 7 12.49 -10.95 10.90
N SER A 8 13.46 -10.57 11.68
CA SER A 8 14.44 -9.52 11.31
C SER A 8 13.83 -8.12 11.29
N GLU A 9 14.58 -7.15 11.72
CA GLU A 9 14.04 -5.74 11.73
C GLU A 9 14.04 -5.32 10.24
N ASN A 10 12.91 -5.01 9.70
CA ASN A 10 12.70 -4.60 8.30
C ASN A 10 12.46 -5.86 7.47
N PRO A 11 11.23 -6.32 7.36
CA PRO A 11 10.94 -7.54 6.57
C PRO A 11 11.04 -7.19 5.08
N PRO A 12 10.50 -8.03 4.25
CA PRO A 12 10.47 -7.88 2.79
C PRO A 12 9.41 -6.80 2.49
N ASN A 13 8.73 -6.87 1.37
CA ASN A 13 7.69 -5.79 1.13
C ASN A 13 6.30 -6.27 1.59
N HIS A 14 5.34 -6.40 0.74
CA HIS A 14 3.95 -6.83 1.14
C HIS A 14 3.37 -5.73 2.05
N ILE A 15 4.07 -4.61 2.03
CA ILE A 15 3.62 -3.45 2.87
C ILE A 15 4.12 -2.18 2.17
N LEU A 16 3.21 -1.49 1.50
CA LEU A 16 3.55 -0.20 0.83
C LEU A 16 2.72 0.95 1.50
N PHE A 17 3.51 1.77 2.20
CA PHE A 17 3.08 2.88 3.03
C PHE A 17 3.68 4.15 2.41
N LEU A 18 2.83 5.08 2.21
CA LEU A 18 3.24 6.35 1.67
C LEU A 18 1.94 7.07 1.36
N THR A 19 2.08 8.19 0.88
CA THR A 19 0.96 9.05 0.63
C THR A 19 1.24 9.73 -0.70
N ASN A 20 0.35 10.50 -1.02
CA ASN A 20 0.33 11.36 -2.26
C ASN A 20 -0.84 10.97 -3.15
N LEU A 21 -1.94 10.55 -2.55
CA LEU A 21 -3.17 10.17 -3.30
C LEU A 21 -4.03 11.43 -3.40
N PRO A 22 -4.97 11.39 -4.29
CA PRO A 22 -5.93 12.45 -4.58
C PRO A 22 -6.67 12.95 -3.33
N GLU A 23 -7.65 13.82 -3.46
CA GLU A 23 -8.39 14.32 -2.26
C GLU A 23 -9.74 13.65 -2.10
N GLU A 24 -10.28 13.12 -3.16
CA GLU A 24 -11.62 12.45 -3.02
C GLU A 24 -11.40 10.97 -2.74
N THR A 25 -10.18 10.63 -2.45
CA THR A 25 -9.77 9.23 -2.14
C THR A 25 -10.71 8.56 -1.12
N ASN A 26 -11.13 7.36 -1.37
CA ASN A 26 -12.05 6.63 -0.43
C ASN A 26 -11.35 5.38 0.09
N GLU A 27 -11.59 5.01 1.34
CA GLU A 27 -10.97 3.83 1.99
C GLU A 27 -11.38 2.49 1.33
N LEU A 28 -12.63 2.38 1.01
CA LEU A 28 -13.22 1.15 0.35
C LEU A 28 -12.75 1.17 -1.13
N MET A 29 -12.41 2.36 -1.56
CA MET A 29 -11.91 2.53 -2.98
C MET A 29 -10.50 1.90 -3.02
N LEU A 30 -9.66 2.43 -2.17
CA LEU A 30 -8.25 1.97 -2.04
C LEU A 30 -8.26 0.49 -1.59
N SER A 31 -9.26 0.19 -0.78
CA SER A 31 -9.43 -1.18 -0.25
C SER A 31 -9.94 -2.05 -1.41
N MET A 32 -10.66 -1.53 -2.33
CA MET A 32 -11.12 -2.42 -3.45
C MET A 32 -9.98 -2.60 -4.45
N LEU A 33 -9.17 -1.56 -4.53
CA LEU A 33 -8.00 -1.52 -5.48
C LEU A 33 -6.96 -2.49 -4.88
N PHE A 34 -6.91 -2.41 -3.57
CA PHE A 34 -5.94 -3.34 -2.89
C PHE A 34 -6.59 -4.72 -2.79
N ASN A 35 -7.88 -4.71 -2.79
CA ASN A 35 -8.71 -5.95 -2.71
C ASN A 35 -8.46 -6.76 -4.00
N GLN A 36 -8.35 -6.07 -5.10
CA GLN A 36 -8.05 -6.67 -6.41
C GLN A 36 -7.18 -7.95 -6.26
N PHE A 37 -6.29 -7.87 -5.29
CA PHE A 37 -5.31 -8.97 -4.92
C PHE A 37 -5.82 -9.96 -3.87
N PRO A 38 -5.78 -11.23 -4.21
CA PRO A 38 -6.22 -12.39 -3.41
C PRO A 38 -5.80 -12.41 -1.95
N GLY A 39 -4.69 -11.86 -1.56
CA GLY A 39 -4.28 -11.90 -0.15
C GLY A 39 -4.50 -10.57 0.60
N PHE A 40 -5.14 -9.66 -0.03
CA PHE A 40 -5.45 -8.30 0.53
C PHE A 40 -5.37 -8.32 2.03
N LYS A 41 -4.38 -7.72 2.62
CA LYS A 41 -4.32 -7.82 4.10
C LYS A 41 -4.83 -6.61 4.86
N GLU A 42 -4.20 -5.48 4.72
CA GLU A 42 -4.66 -4.29 5.46
C GLU A 42 -4.49 -3.07 4.53
N VAL A 43 -5.26 -2.05 4.80
CA VAL A 43 -5.30 -0.81 4.04
C VAL A 43 -5.72 0.30 5.01
N ARG A 44 -4.86 1.25 5.05
CA ARG A 44 -4.91 2.42 5.97
C ARG A 44 -5.09 3.69 5.13
N LEU A 45 -6.32 4.03 4.99
CA LEU A 45 -6.77 5.27 4.31
C LEU A 45 -7.87 5.89 5.22
N VAL A 46 -7.45 6.73 6.11
CA VAL A 46 -8.44 7.30 7.07
C VAL A 46 -8.65 8.76 6.71
N PRO A 47 -9.87 9.04 6.34
CA PRO A 47 -10.22 10.43 6.00
C PRO A 47 -9.59 11.41 7.01
N GLY A 48 -9.44 12.61 6.54
CA GLY A 48 -8.75 13.70 7.30
C GLY A 48 -7.38 13.82 6.58
N ARG A 49 -6.98 12.69 6.05
CA ARG A 49 -5.78 12.51 5.23
C ARG A 49 -6.32 12.38 3.77
N HIS A 50 -6.99 11.28 3.55
CA HIS A 50 -7.49 11.02 2.12
C HIS A 50 -6.17 11.04 1.30
N ASP A 51 -5.06 10.84 2.00
CA ASP A 51 -3.79 10.92 1.23
C ASP A 51 -2.64 10.09 1.77
N ILE A 52 -2.72 9.47 2.93
CA ILE A 52 -1.69 8.62 3.54
C ILE A 52 -2.23 7.18 3.53
N ALA A 53 -1.63 6.36 2.67
CA ALA A 53 -2.08 4.98 2.45
C ALA A 53 -1.03 3.98 2.97
N PHE A 54 -1.50 3.21 3.88
CA PHE A 54 -0.75 2.05 4.51
C PHE A 54 -1.42 0.72 4.09
N VAL A 55 -0.80 0.16 3.04
CA VAL A 55 -1.27 -1.05 2.35
C VAL A 55 -0.37 -2.26 2.47
N GLU A 56 -0.89 -3.16 3.28
CA GLU A 56 -0.33 -4.46 3.67
C GLU A 56 -0.99 -5.56 2.80
N PHE A 57 -0.20 -6.09 1.94
CA PHE A 57 -0.62 -7.13 0.94
C PHE A 57 0.15 -8.45 1.21
N ASP A 58 -0.57 -9.35 1.77
CA ASP A 58 -0.10 -10.72 2.14
C ASP A 58 1.14 -11.13 1.36
N ASN A 59 1.34 -10.79 0.12
CA ASN A 59 2.58 -11.23 -0.55
C ASN A 59 3.10 -10.18 -1.55
N GLU A 60 4.40 -10.05 -1.59
CA GLU A 60 5.12 -9.10 -2.50
C GLU A 60 4.80 -9.32 -4.02
N VAL A 61 4.31 -10.45 -4.43
CA VAL A 61 3.97 -10.69 -5.88
C VAL A 61 2.71 -9.82 -6.14
N GLN A 62 1.80 -9.95 -5.20
CA GLN A 62 0.54 -9.16 -5.29
C GLN A 62 0.84 -7.75 -4.79
N ALA A 63 1.77 -7.55 -3.95
CA ALA A 63 2.10 -6.19 -3.40
C ALA A 63 2.74 -5.47 -4.59
N GLY A 64 3.50 -6.25 -5.31
CA GLY A 64 4.25 -5.77 -6.52
C GLY A 64 3.27 -5.64 -7.65
N ALA A 65 2.26 -6.47 -7.71
CA ALA A 65 1.23 -6.43 -8.77
C ALA A 65 0.48 -5.09 -8.60
N ALA A 66 -0.05 -4.89 -7.41
CA ALA A 66 -0.80 -3.64 -7.05
C ALA A 66 0.13 -2.45 -7.17
N ARG A 67 1.27 -2.48 -6.56
CA ARG A 67 2.27 -1.40 -6.59
C ARG A 67 2.64 -1.08 -8.04
N ASP A 68 2.98 -2.09 -8.80
CA ASP A 68 3.35 -1.89 -10.23
C ASP A 68 2.13 -1.43 -11.06
N ALA A 69 0.97 -1.90 -10.69
CA ALA A 69 -0.28 -1.52 -11.43
C ALA A 69 -0.63 -0.06 -11.13
N LEU A 70 -0.28 0.40 -9.96
CA LEU A 70 -0.59 1.81 -9.59
C LEU A 70 0.74 2.49 -9.23
N GLN A 71 1.78 2.07 -9.93
CA GLN A 71 3.15 2.63 -9.68
C GLN A 71 3.30 4.07 -10.20
N GLY A 72 2.25 4.68 -10.64
CA GLY A 72 2.41 6.06 -11.15
C GLY A 72 0.99 6.68 -11.18
N PHE A 73 0.28 6.47 -10.13
CA PHE A 73 -1.12 7.01 -9.96
C PHE A 73 -0.95 8.55 -9.93
N LYS A 74 -0.89 9.09 -11.11
CA LYS A 74 -0.74 10.53 -11.38
C LYS A 74 -2.01 11.22 -10.84
N ILE A 75 -1.99 11.58 -9.61
CA ILE A 75 -3.14 12.28 -8.92
C ILE A 75 -3.57 13.39 -9.90
N THR A 76 -2.59 13.96 -10.57
CA THR A 76 -2.95 15.03 -11.53
C THR A 76 -2.25 14.86 -12.90
N GLN A 77 -1.08 14.34 -12.85
CA GLN A 77 -0.18 14.09 -14.01
C GLN A 77 1.17 14.75 -13.61
N ASN A 78 1.01 15.79 -12.83
CA ASN A 78 2.15 16.58 -12.26
C ASN A 78 2.37 16.01 -10.84
N ASN A 79 1.26 15.60 -10.28
CA ASN A 79 1.20 14.99 -8.90
C ASN A 79 1.07 13.47 -9.12
N ALA A 80 1.93 12.68 -8.57
CA ALA A 80 1.91 11.21 -8.72
C ALA A 80 2.15 10.60 -7.31
N MET A 81 1.27 9.73 -6.92
CA MET A 81 1.30 9.04 -5.62
C MET A 81 2.69 8.62 -5.17
N LYS A 82 2.84 8.49 -3.86
CA LYS A 82 4.10 8.02 -3.24
C LYS A 82 3.72 6.89 -2.23
N ILE A 83 4.13 5.71 -2.59
CA ILE A 83 3.86 4.41 -1.94
C ILE A 83 5.22 3.70 -1.84
N SER A 84 5.66 3.59 -0.61
CA SER A 84 6.97 3.02 -0.22
C SER A 84 6.79 1.63 0.44
N PHE A 85 7.05 0.63 -0.30
CA PHE A 85 6.98 -0.78 0.18
C PHE A 85 7.79 -0.87 1.49
N ALA A 86 7.66 -1.93 2.22
CA ALA A 86 8.34 -2.13 3.52
C ALA A 86 9.84 -2.26 3.41
N LYS A 87 10.41 -3.27 2.82
CA LYS A 87 11.89 -3.32 2.76
C LYS A 87 12.36 -2.18 1.83
N LYS A 88 12.93 -1.14 2.36
CA LYS A 88 13.42 0.02 1.55
C LYS A 88 14.67 0.56 2.24
N MET A 1 25.43 -12.54 0.82
CA MET A 1 25.28 -13.55 1.92
C MET A 1 24.85 -12.86 3.22
N ALA A 2 25.09 -13.51 4.33
CA ALA A 2 24.73 -12.96 5.67
C ALA A 2 23.21 -12.89 5.74
N PRO A 3 22.53 -14.02 5.66
CA PRO A 3 21.07 -14.04 5.72
C PRO A 3 20.62 -14.07 7.20
N ALA A 4 20.20 -12.92 7.67
CA ALA A 4 19.72 -12.83 9.09
C ALA A 4 18.20 -12.82 9.04
N GLN A 5 17.61 -12.77 10.19
CA GLN A 5 16.12 -12.75 10.27
C GLN A 5 15.58 -11.32 10.38
N PRO A 6 14.79 -10.91 9.41
CA PRO A 6 14.21 -9.53 9.42
C PRO A 6 13.54 -9.34 10.79
N LEU A 7 13.53 -8.14 11.26
CA LEU A 7 12.92 -7.77 12.57
C LEU A 7 11.52 -8.38 12.72
N SER A 8 10.63 -8.01 11.85
CA SER A 8 9.22 -8.51 11.86
C SER A 8 8.63 -8.41 13.26
N GLU A 9 8.42 -7.19 13.70
CA GLU A 9 7.85 -7.06 15.06
C GLU A 9 6.47 -7.74 15.13
N ASN A 10 5.73 -7.62 14.05
CA ASN A 10 4.38 -8.24 14.03
C ASN A 10 4.04 -8.85 12.68
N PRO A 11 4.18 -8.15 11.60
CA PRO A 11 3.83 -8.76 10.30
C PRO A 11 4.96 -8.78 9.30
N PRO A 12 4.98 -9.81 8.49
CA PRO A 12 6.01 -9.98 7.42
C PRO A 12 5.41 -9.29 6.17
N ASN A 13 4.98 -8.09 6.35
CA ASN A 13 4.34 -7.24 5.31
C ASN A 13 3.01 -7.89 4.85
N HIS A 14 2.19 -7.11 4.22
CA HIS A 14 0.85 -7.48 3.73
C HIS A 14 -0.12 -6.26 3.96
N ILE A 15 0.31 -5.28 4.74
CA ILE A 15 -0.45 -4.06 5.11
C ILE A 15 0.48 -2.90 4.67
N LEU A 16 0.00 -2.13 3.74
CA LEU A 16 0.80 -0.97 3.18
C LEU A 16 0.12 0.36 3.57
N PHE A 17 0.82 1.02 4.51
CA PHE A 17 0.43 2.26 5.18
C PHE A 17 1.46 3.33 4.76
N LEU A 18 0.95 4.35 4.18
CA LEU A 18 1.79 5.42 3.71
C LEU A 18 0.88 6.30 2.91
N THR A 19 1.41 7.29 2.41
CA THR A 19 0.64 8.29 1.71
C THR A 19 1.46 8.71 0.52
N ASN A 20 0.89 9.56 -0.15
CA ASN A 20 1.42 10.20 -1.41
C ASN A 20 0.55 9.80 -2.61
N LEU A 21 -0.69 9.48 -2.34
CA LEU A 21 -1.65 9.08 -3.42
C LEU A 21 -2.79 10.09 -3.36
N PRO A 22 -2.65 11.26 -3.92
CA PRO A 22 -3.64 12.34 -3.94
C PRO A 22 -4.23 12.56 -5.36
N GLU A 23 -4.75 13.73 -5.56
CA GLU A 23 -5.37 14.18 -6.82
C GLU A 23 -6.91 13.99 -6.74
N GLU A 24 -7.48 14.39 -5.64
CA GLU A 24 -8.96 14.23 -5.49
C GLU A 24 -9.21 12.70 -5.52
N THR A 25 -8.16 11.99 -5.15
CA THR A 25 -8.20 10.49 -5.11
C THR A 25 -9.33 10.03 -4.20
N ASN A 26 -9.78 8.82 -4.31
CA ASN A 26 -10.90 8.41 -3.39
C ASN A 26 -10.70 6.96 -2.88
N GLU A 27 -11.39 6.60 -1.82
CA GLU A 27 -11.30 5.27 -1.18
C GLU A 27 -12.02 4.18 -1.96
N LEU A 28 -13.09 4.38 -2.68
CA LEU A 28 -13.71 3.21 -3.42
C LEU A 28 -12.83 2.96 -4.67
N MET A 29 -12.09 3.99 -5.02
CA MET A 29 -11.15 3.96 -6.17
C MET A 29 -9.96 3.11 -5.73
N LEU A 30 -9.32 3.55 -4.68
CA LEU A 30 -8.13 2.85 -4.10
C LEU A 30 -8.60 1.47 -3.60
N SER A 31 -9.87 1.46 -3.26
CA SER A 31 -10.54 0.23 -2.77
C SER A 31 -10.60 -0.82 -3.90
N MET A 32 -11.08 -0.40 -5.06
CA MET A 32 -11.17 -1.36 -6.20
C MET A 32 -9.76 -1.62 -6.77
N LEU A 33 -8.86 -0.67 -6.63
CA LEU A 33 -7.45 -0.82 -7.16
C LEU A 33 -6.77 -1.85 -6.24
N PHE A 34 -7.18 -1.73 -5.00
CA PHE A 34 -6.64 -2.72 -3.99
C PHE A 34 -7.42 -4.03 -4.13
N ASN A 35 -8.63 -3.91 -4.58
CA ASN A 35 -9.56 -5.04 -4.81
C ASN A 35 -8.97 -5.96 -5.88
N GLN A 36 -8.40 -5.33 -6.86
CA GLN A 36 -7.72 -5.98 -8.01
C GLN A 36 -7.14 -7.37 -7.63
N PHE A 37 -6.64 -7.46 -6.43
CA PHE A 37 -5.99 -8.66 -5.80
C PHE A 37 -6.93 -9.59 -5.03
N PRO A 38 -6.95 -10.85 -5.46
CA PRO A 38 -7.80 -11.92 -4.83
C PRO A 38 -7.31 -12.14 -3.39
N GLY A 39 -8.17 -11.77 -2.46
CA GLY A 39 -7.81 -11.92 -1.04
C GLY A 39 -7.79 -10.53 -0.40
N PHE A 40 -7.67 -9.52 -1.19
CA PHE A 40 -7.64 -8.09 -0.79
C PHE A 40 -8.47 -7.86 0.46
N LYS A 41 -8.04 -7.08 1.44
CA LYS A 41 -8.91 -6.97 2.61
C LYS A 41 -9.48 -5.57 2.88
N GLU A 42 -8.63 -4.62 3.18
CA GLU A 42 -9.17 -3.29 3.51
C GLU A 42 -8.26 -2.23 2.94
N VAL A 43 -8.85 -1.06 2.78
CA VAL A 43 -8.22 0.14 2.25
C VAL A 43 -8.82 1.34 2.99
N ARG A 44 -7.92 2.03 3.58
CA ARG A 44 -8.18 3.20 4.47
C ARG A 44 -7.63 4.46 3.77
N LEU A 45 -8.54 5.12 3.13
CA LEU A 45 -8.29 6.38 2.39
C LEU A 45 -9.39 7.38 2.79
N VAL A 46 -9.19 8.16 3.81
CA VAL A 46 -10.23 9.11 4.31
C VAL A 46 -10.23 10.44 3.57
N PRO A 47 -11.28 10.76 2.88
CA PRO A 47 -11.48 12.01 2.10
C PRO A 47 -10.95 13.24 2.85
N GLY A 48 -10.89 13.23 4.17
CA GLY A 48 -10.34 14.49 4.79
C GLY A 48 -8.90 14.60 4.26
N ARG A 49 -8.30 13.43 4.11
CA ARG A 49 -6.95 13.25 3.58
C ARG A 49 -6.91 13.15 2.03
N HIS A 50 -7.44 12.04 1.57
CA HIS A 50 -7.36 11.75 0.07
C HIS A 50 -5.83 11.51 -0.18
N ASP A 51 -5.11 11.32 0.91
CA ASP A 51 -3.65 11.13 0.72
C ASP A 51 -2.97 10.21 1.71
N ILE A 52 -3.66 9.55 2.62
CA ILE A 52 -3.09 8.61 3.60
C ILE A 52 -3.82 7.27 3.33
N ALA A 53 -3.05 6.30 2.86
CA ALA A 53 -3.60 5.02 2.45
C ALA A 53 -3.04 3.89 3.35
N PHE A 54 -3.99 3.23 3.93
CA PHE A 54 -3.77 2.01 4.79
C PHE A 54 -4.50 0.81 4.11
N VAL A 55 -3.66 0.02 3.44
CA VAL A 55 -4.08 -1.12 2.62
C VAL A 55 -3.62 -2.49 3.11
N GLU A 56 -4.63 -3.16 3.64
CA GLU A 56 -4.59 -4.49 4.25
C GLU A 56 -4.94 -5.59 3.22
N PHE A 57 -3.92 -6.28 2.85
CA PHE A 57 -3.93 -7.37 1.81
C PHE A 57 -3.62 -8.70 2.54
N ASP A 58 -4.62 -9.50 2.59
CA ASP A 58 -4.54 -10.84 3.26
C ASP A 58 -3.13 -11.41 3.21
N ASN A 59 -2.37 -11.17 2.15
CA ASN A 59 -1.01 -11.74 2.17
C ASN A 59 -0.03 -10.91 1.31
N GLU A 60 1.20 -10.98 1.72
CA GLU A 60 2.35 -10.27 1.04
C GLU A 60 2.58 -10.69 -0.42
N VAL A 61 2.13 -11.83 -0.91
CA VAL A 61 2.36 -12.18 -2.36
C VAL A 61 1.42 -11.22 -3.16
N GLN A 62 0.22 -11.10 -2.63
CA GLN A 62 -0.78 -10.19 -3.26
C GLN A 62 -0.46 -8.77 -2.82
N ALA A 63 0.04 -8.51 -1.66
CA ALA A 63 0.31 -7.09 -1.27
C ALA A 63 1.51 -6.67 -2.13
N GLY A 64 2.40 -7.63 -2.24
CA GLY A 64 3.66 -7.48 -3.03
C GLY A 64 3.24 -7.37 -4.47
N ALA A 65 2.21 -8.06 -4.89
CA ALA A 65 1.74 -7.99 -6.31
C ALA A 65 1.25 -6.57 -6.56
N ALA A 66 0.27 -6.10 -5.79
CA ALA A 66 -0.29 -4.73 -5.92
C ALA A 66 0.80 -3.70 -5.77
N ARG A 67 1.61 -3.84 -4.76
CA ARG A 67 2.74 -2.91 -4.49
C ARG A 67 3.71 -2.96 -5.64
N ASP A 68 4.07 -4.10 -6.17
CA ASP A 68 5.03 -4.18 -7.32
C ASP A 68 4.38 -3.60 -8.58
N ALA A 69 3.08 -3.68 -8.66
CA ALA A 69 2.32 -3.14 -9.84
C ALA A 69 2.40 -1.60 -9.84
N LEU A 70 2.11 -1.06 -8.67
CA LEU A 70 2.14 0.42 -8.49
C LEU A 70 3.08 0.70 -7.30
N GLN A 71 4.32 0.32 -7.37
CA GLN A 71 5.31 0.55 -6.26
C GLN A 71 5.81 2.00 -6.19
N GLY A 72 5.38 2.77 -7.14
CA GLY A 72 5.82 4.19 -7.16
C GLY A 72 4.92 4.91 -8.19
N PHE A 73 3.64 4.71 -7.99
CA PHE A 73 2.59 5.30 -8.84
C PHE A 73 2.90 6.80 -9.00
N LYS A 74 3.60 7.10 -10.06
CA LYS A 74 4.00 8.50 -10.39
C LYS A 74 2.78 9.43 -10.41
N ILE A 75 2.35 9.88 -9.26
CA ILE A 75 1.18 10.78 -9.11
C ILE A 75 1.34 11.95 -10.11
N THR A 76 2.56 12.35 -10.31
CA THR A 76 2.78 13.47 -11.26
C THR A 76 4.05 13.25 -12.12
N GLN A 77 5.08 12.83 -11.48
CA GLN A 77 6.41 12.57 -12.14
C GLN A 77 7.46 12.62 -11.00
N ASN A 78 7.32 13.63 -10.20
CA ASN A 78 8.22 13.90 -9.03
C ASN A 78 7.48 13.29 -7.80
N ASN A 79 6.17 13.41 -7.90
CA ASN A 79 5.24 12.90 -6.85
C ASN A 79 4.89 11.45 -7.26
N ALA A 80 5.35 10.53 -6.46
CA ALA A 80 5.12 9.07 -6.67
C ALA A 80 4.49 8.56 -5.36
N MET A 81 3.49 7.75 -5.43
CA MET A 81 2.90 7.28 -4.14
C MET A 81 3.93 6.68 -3.20
N LYS A 82 3.72 6.82 -1.90
CA LYS A 82 4.62 6.25 -0.88
C LYS A 82 3.72 5.41 0.10
N ILE A 83 4.02 4.14 0.04
CA ILE A 83 3.32 3.02 0.74
C ILE A 83 4.44 2.27 1.50
N SER A 84 4.21 2.23 2.76
CA SER A 84 5.15 1.67 3.81
C SER A 84 4.46 0.50 4.51
N PHE A 85 4.86 -0.66 4.16
CA PHE A 85 4.29 -1.91 4.78
C PHE A 85 4.08 -1.81 6.27
N ALA A 86 3.26 -2.65 6.81
CA ALA A 86 2.92 -2.67 8.24
C ALA A 86 4.10 -2.86 9.16
N LYS A 87 4.93 -3.80 8.86
CA LYS A 87 6.15 -4.16 9.63
C LYS A 87 6.79 -2.86 10.12
N LYS A 88 7.17 -2.01 9.21
CA LYS A 88 7.80 -0.71 9.54
C LYS A 88 8.14 0.06 8.26
N MET A 1 24.55 -11.96 14.60
CA MET A 1 24.50 -12.45 13.19
C MET A 1 25.71 -11.86 12.47
N ALA A 2 25.76 -10.55 12.39
CA ALA A 2 26.91 -9.91 11.69
C ALA A 2 27.07 -8.45 12.15
N PRO A 3 27.49 -8.27 13.37
CA PRO A 3 27.82 -9.30 14.35
C PRO A 3 26.77 -9.37 15.48
N ALA A 4 25.55 -8.94 15.26
CA ALA A 4 24.51 -8.99 16.35
C ALA A 4 23.12 -9.14 15.78
N GLN A 5 22.16 -9.52 16.59
CA GLN A 5 20.76 -9.70 16.14
C GLN A 5 20.26 -8.50 15.32
N PRO A 6 20.16 -8.61 14.03
CA PRO A 6 19.69 -7.52 13.16
C PRO A 6 18.16 -7.57 13.11
N LEU A 7 17.61 -6.61 12.44
CA LEU A 7 16.12 -6.59 12.34
C LEU A 7 15.76 -7.02 10.91
N SER A 8 16.43 -6.47 9.94
CA SER A 8 16.19 -6.80 8.50
C SER A 8 14.86 -6.16 8.03
N GLU A 9 14.14 -6.74 7.12
CA GLU A 9 12.86 -6.16 6.64
C GLU A 9 11.90 -7.32 6.34
N ASN A 10 10.68 -7.01 5.99
CA ASN A 10 9.68 -8.07 5.69
C ASN A 10 9.30 -8.07 4.19
N PRO A 11 9.00 -9.21 3.65
CA PRO A 11 8.62 -9.44 2.27
C PRO A 11 7.11 -9.10 2.11
N PRO A 12 6.60 -9.19 0.91
CA PRO A 12 5.18 -8.91 0.58
C PRO A 12 4.35 -9.58 1.71
N ASN A 13 3.83 -8.73 2.54
CA ASN A 13 3.03 -9.25 3.70
C ASN A 13 1.58 -9.54 3.35
N HIS A 14 0.85 -8.51 3.03
CA HIS A 14 -0.56 -8.54 2.65
C HIS A 14 -1.27 -7.26 3.16
N ILE A 15 -0.67 -6.44 3.98
CA ILE A 15 -1.27 -5.18 4.54
C ILE A 15 -0.16 -4.12 4.29
N LEU A 16 -0.45 -3.19 3.42
CA LEU A 16 0.54 -2.15 3.02
C LEU A 16 -0.06 -0.75 3.32
N PHE A 17 0.62 -0.13 4.29
CA PHE A 17 0.28 1.15 4.90
C PHE A 17 1.46 2.08 4.60
N LEU A 18 1.11 3.19 4.05
CA LEU A 18 2.13 4.17 3.75
C LEU A 18 1.38 5.34 3.19
N THR A 19 2.11 6.28 2.85
CA THR A 19 1.58 7.54 2.40
C THR A 19 2.31 7.93 1.15
N ASN A 20 1.92 9.00 0.70
CA ASN A 20 2.44 9.68 -0.54
C ASN A 20 1.25 9.83 -1.52
N LEU A 21 0.10 10.15 -1.02
CA LEU A 21 -1.12 10.34 -1.88
C LEU A 21 -1.56 11.80 -1.67
N PRO A 22 -1.77 12.56 -2.71
CA PRO A 22 -2.18 13.97 -2.59
C PRO A 22 -3.57 14.14 -1.98
N GLU A 23 -4.07 15.36 -2.03
CA GLU A 23 -5.42 15.65 -1.47
C GLU A 23 -6.47 15.51 -2.55
N GLU A 24 -6.07 15.30 -3.77
CA GLU A 24 -7.02 15.16 -4.91
C GLU A 24 -7.28 13.66 -5.13
N THR A 25 -6.82 12.84 -4.22
CA THR A 25 -7.03 11.36 -4.36
C THR A 25 -8.28 11.00 -3.58
N ASN A 26 -8.78 9.79 -3.66
CA ASN A 26 -10.01 9.52 -2.88
C ASN A 26 -10.12 8.02 -2.47
N GLU A 27 -11.03 7.70 -1.56
CA GLU A 27 -11.23 6.32 -1.07
C GLU A 27 -11.85 5.41 -2.16
N LEU A 28 -12.65 5.93 -3.05
CA LEU A 28 -13.29 5.10 -4.15
C LEU A 28 -12.20 4.89 -5.24
N MET A 29 -11.22 5.79 -5.19
CA MET A 29 -10.09 5.75 -6.16
C MET A 29 -9.18 4.59 -5.72
N LEU A 30 -8.77 4.71 -4.48
CA LEU A 30 -7.90 3.71 -3.82
C LEU A 30 -8.67 2.39 -3.73
N SER A 31 -9.98 2.52 -3.54
CA SER A 31 -10.86 1.34 -3.44
C SER A 31 -10.97 0.70 -4.83
N MET A 32 -11.07 1.44 -5.88
CA MET A 32 -11.18 0.73 -7.20
C MET A 32 -9.84 0.18 -7.66
N LEU A 33 -8.78 0.89 -7.27
CA LEU A 33 -7.39 0.49 -7.68
C LEU A 33 -7.02 -0.72 -6.83
N PHE A 34 -7.47 -0.64 -5.60
CA PHE A 34 -7.17 -1.81 -4.70
C PHE A 34 -8.16 -2.93 -5.01
N ASN A 35 -9.29 -2.51 -5.54
CA ASN A 35 -10.39 -3.42 -5.92
C ASN A 35 -9.89 -4.26 -7.12
N GLN A 36 -9.19 -3.66 -8.04
CA GLN A 36 -8.63 -4.34 -9.22
C GLN A 36 -8.29 -5.83 -8.96
N PHE A 37 -7.78 -6.06 -7.76
CA PHE A 37 -7.38 -7.43 -7.25
C PHE A 37 -8.43 -8.15 -6.40
N PRO A 38 -8.54 -9.45 -6.64
CA PRO A 38 -9.52 -10.31 -5.92
C PRO A 38 -9.23 -10.25 -4.41
N GLY A 39 -8.01 -9.86 -4.13
CA GLY A 39 -7.46 -9.71 -2.73
C GLY A 39 -8.07 -8.47 -2.05
N PHE A 40 -8.81 -7.72 -2.77
CA PHE A 40 -9.50 -6.48 -2.33
C PHE A 40 -10.07 -6.75 -0.94
N LYS A 41 -9.30 -6.43 0.08
CA LYS A 41 -9.80 -6.68 1.44
C LYS A 41 -10.20 -5.39 2.19
N GLU A 42 -9.29 -4.49 2.39
CA GLU A 42 -9.57 -3.23 3.09
C GLU A 42 -8.76 -2.12 2.42
N VAL A 43 -9.36 -0.96 2.45
CA VAL A 43 -8.82 0.28 1.87
C VAL A 43 -9.17 1.42 2.84
N ARG A 44 -8.10 1.98 3.31
CA ARG A 44 -8.15 3.06 4.35
C ARG A 44 -7.51 4.32 3.74
N LEU A 45 -8.36 5.08 3.14
CA LEU A 45 -8.03 6.40 2.54
C LEU A 45 -9.25 7.32 2.79
N VAL A 46 -9.31 8.02 3.88
CA VAL A 46 -10.45 8.88 4.28
C VAL A 46 -10.15 10.38 4.01
N PRO A 47 -10.67 10.94 2.96
CA PRO A 47 -10.55 12.31 2.51
C PRO A 47 -9.69 13.21 3.39
N GLY A 48 -9.91 13.33 4.68
CA GLY A 48 -8.95 14.23 5.41
C GLY A 48 -7.60 13.48 5.28
N ARG A 49 -7.68 12.22 5.62
CA ARG A 49 -6.56 11.25 5.52
C ARG A 49 -6.57 10.66 4.08
N HIS A 50 -6.45 11.54 3.11
CA HIS A 50 -6.36 11.13 1.64
C HIS A 50 -4.84 11.15 1.33
N ASP A 51 -4.06 11.05 2.38
CA ASP A 51 -2.58 11.12 2.34
C ASP A 51 -1.92 9.95 3.06
N ILE A 52 -2.67 9.14 3.79
CA ILE A 52 -2.16 7.95 4.51
C ILE A 52 -3.11 6.81 4.05
N ALA A 53 -2.53 5.87 3.32
CA ALA A 53 -3.30 4.78 2.70
C ALA A 53 -2.89 3.43 3.33
N PHE A 54 -3.90 2.82 3.88
CA PHE A 54 -3.84 1.47 4.54
C PHE A 54 -4.67 0.44 3.72
N VAL A 55 -3.89 -0.40 3.04
CA VAL A 55 -4.39 -1.41 2.09
C VAL A 55 -4.11 -2.85 2.52
N GLU A 56 -5.20 -3.45 2.90
CA GLU A 56 -5.35 -4.84 3.38
C GLU A 56 -5.83 -5.74 2.21
N PHE A 57 -4.92 -6.53 1.75
CA PHE A 57 -5.05 -7.42 0.57
C PHE A 57 -5.02 -8.91 1.01
N ASP A 58 -6.17 -9.46 0.96
CA ASP A 58 -6.46 -10.88 1.36
C ASP A 58 -5.21 -11.74 1.39
N ASN A 59 -4.40 -11.64 0.39
CA ASN A 59 -3.15 -12.43 0.30
C ASN A 59 -2.05 -11.63 -0.44
N GLU A 60 -0.85 -11.81 -0.01
CA GLU A 60 0.38 -11.15 -0.55
C GLU A 60 0.59 -11.31 -2.06
N VAL A 61 -0.01 -12.26 -2.74
CA VAL A 61 0.18 -12.41 -4.23
C VAL A 61 -0.61 -11.21 -4.84
N GLN A 62 -1.79 -11.06 -4.25
CA GLN A 62 -2.67 -9.94 -4.67
C GLN A 62 -2.19 -8.66 -4.01
N ALA A 63 -1.67 -8.68 -2.84
CA ALA A 63 -1.23 -7.40 -2.20
C ALA A 63 0.03 -6.98 -2.97
N GLY A 64 0.78 -7.98 -3.31
CA GLY A 64 2.06 -7.88 -4.06
C GLY A 64 1.75 -7.45 -5.49
N ALA A 65 0.68 -7.94 -6.02
CA ALA A 65 0.29 -7.58 -7.41
C ALA A 65 -0.15 -6.13 -7.37
N ALA A 66 -1.14 -5.76 -6.60
CA ALA A 66 -1.64 -4.35 -6.48
C ALA A 66 -0.53 -3.45 -6.04
N ARG A 67 0.23 -3.88 -5.07
CA ARG A 67 1.38 -3.12 -4.53
C ARG A 67 2.37 -2.90 -5.67
N ASP A 68 2.89 -3.92 -6.28
CA ASP A 68 3.86 -3.80 -7.42
C ASP A 68 3.22 -3.06 -8.63
N ALA A 69 1.91 -3.06 -8.72
CA ALA A 69 1.27 -2.36 -9.88
C ALA A 69 1.28 -0.84 -9.56
N LEU A 70 1.06 -0.52 -8.30
CA LEU A 70 1.05 0.92 -7.86
C LEU A 70 2.04 1.01 -6.66
N GLN A 71 3.21 0.47 -6.82
CA GLN A 71 4.25 0.48 -5.72
C GLN A 71 4.96 1.82 -5.76
N GLY A 72 4.60 2.62 -6.73
CA GLY A 72 5.20 3.98 -6.90
C GLY A 72 4.26 4.74 -7.86
N PHE A 73 3.01 4.67 -7.53
CA PHE A 73 1.91 5.32 -8.31
C PHE A 73 2.33 6.78 -8.53
N LYS A 74 2.94 7.01 -9.65
CA LYS A 74 3.40 8.37 -10.01
C LYS A 74 2.14 9.24 -10.11
N ILE A 75 1.75 9.73 -8.97
CA ILE A 75 0.52 10.59 -8.91
C ILE A 75 0.75 11.86 -9.75
N THR A 76 1.99 12.29 -9.80
CA THR A 76 2.25 13.51 -10.60
C THR A 76 3.40 13.28 -11.62
N GLN A 77 4.43 12.69 -11.14
CA GLN A 77 5.66 12.36 -11.94
C GLN A 77 6.83 12.35 -10.91
N ASN A 78 6.73 13.32 -10.03
CA ASN A 78 7.75 13.48 -8.93
C ASN A 78 7.07 12.88 -7.66
N ASN A 79 5.78 13.15 -7.60
CA ASN A 79 4.92 12.64 -6.47
C ASN A 79 4.50 11.21 -6.88
N ALA A 80 5.03 10.28 -6.15
CA ALA A 80 4.78 8.82 -6.39
C ALA A 80 4.40 8.18 -5.03
N MET A 81 3.30 7.49 -4.99
CA MET A 81 2.77 6.81 -3.80
C MET A 81 3.81 5.96 -3.06
N LYS A 82 3.73 5.90 -1.74
CA LYS A 82 4.64 5.10 -0.92
C LYS A 82 3.76 4.31 0.10
N ILE A 83 3.82 3.02 -0.11
CA ILE A 83 3.05 1.96 0.58
C ILE A 83 4.10 1.02 1.21
N SER A 84 3.93 0.88 2.46
CA SER A 84 4.88 0.12 3.31
C SER A 84 4.12 -0.96 4.09
N PHE A 85 4.33 -2.16 3.70
CA PHE A 85 3.73 -3.36 4.38
C PHE A 85 3.60 -3.15 5.90
N ALA A 86 2.67 -3.84 6.48
CA ALA A 86 2.34 -3.76 7.91
C ALA A 86 2.95 -4.87 8.75
N LYS A 87 2.50 -6.08 8.60
CA LYS A 87 3.04 -7.24 9.40
C LYS A 87 4.55 -7.34 9.27
N LYS A 88 5.11 -8.21 10.05
CA LYS A 88 6.57 -8.51 10.11
C LYS A 88 6.84 -9.75 9.27
N MET A 1 24.94 -12.73 12.99
CA MET A 1 24.80 -14.17 13.31
C MET A 1 23.40 -14.64 12.89
N ALA A 2 23.32 -15.85 12.36
CA ALA A 2 22.04 -16.45 11.91
C ALA A 2 21.63 -15.78 10.58
N PRO A 3 20.93 -16.50 9.73
CA PRO A 3 20.49 -15.97 8.43
C PRO A 3 19.16 -15.25 8.64
N ALA A 4 18.13 -15.98 8.89
CA ALA A 4 16.81 -15.36 9.11
C ALA A 4 15.98 -16.34 9.94
N GLN A 5 16.52 -16.95 10.96
CA GLN A 5 15.72 -17.91 11.78
C GLN A 5 15.87 -17.63 13.27
N PRO A 6 14.81 -17.66 14.02
CA PRO A 6 13.43 -17.94 13.62
C PRO A 6 12.63 -16.64 13.49
N LEU A 7 13.24 -15.51 13.73
CA LEU A 7 12.54 -14.18 13.62
C LEU A 7 13.62 -13.12 13.41
N SER A 8 14.72 -13.45 12.81
CA SER A 8 15.84 -12.48 12.55
C SER A 8 15.45 -11.57 11.40
N GLU A 9 16.05 -10.40 11.36
CA GLU A 9 15.76 -9.40 10.29
C GLU A 9 14.32 -8.94 10.34
N ASN A 10 14.06 -7.81 9.74
CA ASN A 10 12.67 -7.27 9.75
C ASN A 10 11.76 -8.25 8.96
N PRO A 11 10.81 -8.83 9.60
CA PRO A 11 9.91 -9.77 8.92
C PRO A 11 9.21 -9.12 7.72
N PRO A 12 8.43 -9.94 7.08
CA PRO A 12 7.68 -9.51 5.89
C PRO A 12 6.72 -8.39 6.32
N ASN A 13 6.13 -7.76 5.35
CA ASN A 13 5.20 -6.66 5.67
C ASN A 13 3.72 -6.96 5.33
N HIS A 14 3.25 -6.48 4.23
CA HIS A 14 1.84 -6.64 3.74
C HIS A 14 0.94 -5.48 4.23
N ILE A 15 1.59 -4.44 4.73
CA ILE A 15 0.88 -3.23 5.26
C ILE A 15 1.67 -2.02 4.69
N LEU A 16 1.06 -1.33 3.75
CA LEU A 16 1.69 -0.15 3.10
C LEU A 16 0.83 1.11 3.39
N PHE A 17 1.48 1.97 4.20
CA PHE A 17 0.94 3.20 4.76
C PHE A 17 1.82 4.34 4.21
N LEU A 18 1.15 5.27 3.63
CA LEU A 18 1.82 6.43 3.11
C LEU A 18 0.73 7.25 2.49
N THR A 19 1.08 8.31 1.95
CA THR A 19 0.13 9.25 1.42
C THR A 19 0.76 9.77 0.14
N ASN A 20 0.07 10.58 -0.42
CA ASN A 20 0.41 11.32 -1.70
C ASN A 20 -0.53 10.90 -2.83
N LEU A 21 -1.79 10.79 -2.46
CA LEU A 21 -2.79 10.39 -3.47
C LEU A 21 -3.54 11.62 -4.00
N PRO A 22 -3.99 11.49 -5.20
CA PRO A 22 -4.73 12.54 -5.91
C PRO A 22 -5.97 13.02 -5.12
N GLU A 23 -6.79 13.81 -5.76
CA GLU A 23 -8.02 14.38 -5.16
C GLU A 23 -9.27 13.64 -5.59
N GLU A 24 -9.24 13.20 -6.82
CA GLU A 24 -10.46 12.43 -7.28
C GLU A 24 -10.32 11.02 -6.66
N THR A 25 -9.18 10.77 -6.07
CA THR A 25 -8.86 9.49 -5.42
C THR A 25 -9.82 9.28 -4.26
N ASN A 26 -10.54 8.19 -4.21
CA ASN A 26 -11.49 7.94 -3.11
C ASN A 26 -11.35 6.53 -2.49
N GLU A 27 -12.13 6.24 -1.46
CA GLU A 27 -12.10 4.94 -0.75
C GLU A 27 -12.66 3.82 -1.61
N LEU A 28 -13.67 3.96 -2.42
CA LEU A 28 -14.21 2.81 -3.24
C LEU A 28 -13.19 2.58 -4.40
N MET A 29 -12.55 3.67 -4.77
CA MET A 29 -11.52 3.67 -5.85
C MET A 29 -10.33 2.81 -5.41
N LEU A 30 -9.76 3.26 -4.31
CA LEU A 30 -8.60 2.58 -3.73
C LEU A 30 -9.09 1.28 -3.13
N SER A 31 -10.34 1.16 -2.75
CA SER A 31 -10.91 -0.06 -2.17
C SER A 31 -10.83 -1.21 -3.18
N MET A 32 -11.39 -0.92 -4.33
CA MET A 32 -11.44 -1.88 -5.47
C MET A 32 -10.07 -1.98 -6.14
N LEU A 33 -9.27 -0.94 -6.12
CA LEU A 33 -7.90 -0.98 -6.76
C LEU A 33 -7.05 -1.87 -5.85
N PHE A 34 -7.37 -1.75 -4.59
CA PHE A 34 -6.65 -2.61 -3.58
C PHE A 34 -7.30 -4.00 -3.61
N ASN A 35 -8.55 -4.01 -3.96
CA ASN A 35 -9.38 -5.24 -4.06
C ASN A 35 -8.79 -6.13 -5.17
N GLN A 36 -8.35 -5.50 -6.21
CA GLN A 36 -7.71 -6.15 -7.37
C GLN A 36 -6.91 -7.42 -6.95
N PHE A 37 -6.35 -7.30 -5.79
CA PHE A 37 -5.49 -8.34 -5.09
C PHE A 37 -6.25 -9.33 -4.20
N PRO A 38 -6.19 -10.62 -4.54
CA PRO A 38 -6.86 -11.73 -3.82
C PRO A 38 -6.36 -11.71 -2.35
N GLY A 39 -7.28 -11.37 -1.48
CA GLY A 39 -6.93 -11.31 -0.03
C GLY A 39 -7.09 -9.88 0.52
N PHE A 40 -7.21 -8.95 -0.35
CA PHE A 40 -7.39 -7.50 -0.07
C PHE A 40 -8.00 -7.42 1.32
N LYS A 41 -7.36 -6.80 2.25
CA LYS A 41 -7.95 -6.81 3.60
C LYS A 41 -8.36 -5.46 4.16
N GLU A 42 -7.48 -4.54 4.31
CA GLU A 42 -7.84 -3.24 4.88
C GLU A 42 -7.24 -2.15 3.98
N VAL A 43 -7.97 -1.08 3.87
CA VAL A 43 -7.63 0.08 3.04
C VAL A 43 -8.25 1.31 3.72
N ARG A 44 -7.36 2.18 4.02
CA ARG A 44 -7.64 3.45 4.75
C ARG A 44 -7.31 4.62 3.79
N LEU A 45 -8.33 5.01 3.11
CA LEU A 45 -8.31 6.11 2.13
C LEU A 45 -9.64 6.88 2.30
N VAL A 46 -9.71 7.87 3.13
CA VAL A 46 -11.03 8.56 3.34
C VAL A 46 -11.15 9.82 2.49
N PRO A 47 -12.11 9.87 1.61
CA PRO A 47 -12.40 11.01 0.71
C PRO A 47 -12.13 12.36 1.39
N GLY A 48 -12.27 12.48 2.69
CA GLY A 48 -11.96 13.84 3.26
C GLY A 48 -10.45 14.04 2.98
N ARG A 49 -9.72 12.99 3.31
CA ARG A 49 -8.27 12.90 3.11
C ARG A 49 -8.03 12.85 1.57
N HIS A 50 -8.22 11.68 1.01
CA HIS A 50 -7.99 11.32 -0.44
C HIS A 50 -6.44 11.38 -0.62
N ASP A 51 -5.76 11.44 0.51
CA ASP A 51 -4.28 11.53 0.42
C ASP A 51 -3.48 10.70 1.39
N ILE A 52 -4.06 9.94 2.30
CA ILE A 52 -3.37 9.07 3.25
C ILE A 52 -3.97 7.66 3.05
N ALA A 53 -3.14 6.77 2.51
CA ALA A 53 -3.56 5.40 2.20
C ALA A 53 -2.80 4.39 3.09
N PHE A 54 -3.60 3.71 3.83
CA PHE A 54 -3.18 2.59 4.75
C PHE A 54 -3.84 1.26 4.27
N VAL A 55 -3.00 0.49 3.57
CA VAL A 55 -3.39 -0.77 2.90
C VAL A 55 -2.66 -2.00 3.43
N GLU A 56 -3.48 -2.76 4.10
CA GLU A 56 -3.16 -4.06 4.76
C GLU A 56 -3.75 -5.17 3.87
N PHE A 57 -2.85 -5.86 3.23
CA PHE A 57 -3.12 -6.92 2.23
C PHE A 57 -2.68 -8.26 2.86
N ASP A 58 -3.64 -9.07 3.06
CA ASP A 58 -3.44 -10.44 3.63
C ASP A 58 -2.02 -10.94 3.32
N ASN A 59 -1.42 -10.61 2.19
CA ASN A 59 -0.03 -11.09 1.96
C ASN A 59 0.83 -10.02 1.24
N GLU A 60 2.12 -10.16 1.48
CA GLU A 60 3.15 -9.25 0.90
C GLU A 60 3.30 -9.58 -0.61
N VAL A 61 2.90 -10.72 -1.11
CA VAL A 61 3.02 -11.06 -2.57
C VAL A 61 2.00 -10.13 -3.30
N GLN A 62 0.82 -10.13 -2.71
CA GLN A 62 -0.25 -9.27 -3.27
C GLN A 62 -0.02 -7.83 -2.79
N ALA A 63 0.57 -7.62 -1.67
CA ALA A 63 0.78 -6.20 -1.22
C ALA A 63 1.87 -5.63 -2.14
N GLY A 64 2.76 -6.52 -2.46
CA GLY A 64 3.93 -6.22 -3.37
C GLY A 64 3.35 -6.08 -4.74
N ALA A 65 2.36 -6.87 -5.08
CA ALA A 65 1.69 -6.84 -6.38
C ALA A 65 1.08 -5.44 -6.57
N ALA A 66 0.23 -5.05 -5.66
CA ALA A 66 -0.46 -3.73 -5.64
C ALA A 66 0.57 -2.62 -5.63
N ARG A 67 1.53 -2.69 -4.76
CA ARG A 67 2.62 -1.68 -4.64
C ARG A 67 3.33 -1.59 -5.99
N ASP A 68 3.91 -2.65 -6.47
CA ASP A 68 4.64 -2.64 -7.80
C ASP A 68 3.74 -2.27 -8.97
N ALA A 69 2.47 -2.55 -8.96
CA ALA A 69 1.57 -2.18 -10.11
C ALA A 69 1.35 -0.65 -10.05
N LEU A 70 1.11 -0.11 -8.87
CA LEU A 70 0.90 1.38 -8.79
C LEU A 70 2.05 1.93 -7.91
N GLN A 71 3.24 1.49 -8.20
CA GLN A 71 4.48 1.89 -7.46
C GLN A 71 5.04 3.23 -7.90
N GLY A 72 4.24 3.99 -8.61
CA GLY A 72 4.72 5.30 -9.08
C GLY A 72 3.50 6.06 -9.65
N PHE A 73 2.44 6.02 -8.91
CA PHE A 73 1.17 6.71 -9.33
C PHE A 73 1.51 8.22 -9.37
N LYS A 74 2.12 8.64 -10.45
CA LYS A 74 2.52 10.05 -10.67
C LYS A 74 1.29 10.95 -10.85
N ILE A 75 0.77 11.39 -9.74
CA ILE A 75 -0.42 12.30 -9.73
C ILE A 75 -0.21 13.47 -10.71
N THR A 76 1.00 13.92 -10.77
CA THR A 76 1.29 15.06 -11.69
C THR A 76 2.56 14.75 -12.53
N GLN A 77 3.53 14.24 -11.86
CA GLN A 77 4.85 13.85 -12.45
C GLN A 77 5.88 14.02 -11.31
N ASN A 78 5.69 15.10 -10.61
CA ASN A 78 6.55 15.45 -9.42
C ASN A 78 5.79 14.86 -8.21
N ASN A 79 4.49 15.00 -8.32
CA ASN A 79 3.53 14.47 -7.28
C ASN A 79 3.34 12.98 -7.67
N ALA A 80 3.96 12.11 -6.95
CA ALA A 80 3.92 10.64 -7.16
C ALA A 80 3.58 9.98 -5.83
N MET A 81 2.49 9.28 -5.78
CA MET A 81 1.99 8.57 -4.59
C MET A 81 3.09 7.96 -3.74
N LYS A 82 2.92 7.95 -2.42
CA LYS A 82 3.90 7.38 -1.49
C LYS A 82 3.11 6.44 -0.53
N ILE A 83 3.50 5.21 -0.65
CA ILE A 83 2.97 4.00 0.07
C ILE A 83 4.21 3.29 0.63
N SER A 84 4.30 3.33 1.94
CA SER A 84 5.45 2.80 2.72
C SER A 84 5.06 1.53 3.49
N PHE A 85 5.46 0.44 2.97
CA PHE A 85 5.23 -0.90 3.60
C PHE A 85 5.56 -0.74 5.09
N ALA A 86 5.02 -1.54 5.95
CA ALA A 86 5.23 -1.49 7.40
C ALA A 86 6.44 -2.27 7.87
N LYS A 87 7.12 -2.94 6.99
CA LYS A 87 8.31 -3.72 7.46
C LYS A 87 9.36 -3.67 6.34
N LYS A 88 9.25 -2.74 5.45
CA LYS A 88 10.20 -2.57 4.31
C LYS A 88 10.43 -3.90 3.61
N MET A 1 14.75 6.14 9.08
CA MET A 1 14.25 4.77 8.80
C MET A 1 15.22 3.71 9.28
N ALA A 2 14.69 2.70 9.92
CA ALA A 2 15.56 1.61 10.44
C ALA A 2 16.18 0.84 9.25
N PRO A 3 15.38 0.23 8.44
CA PRO A 3 15.73 -0.55 7.26
C PRO A 3 17.07 -0.19 6.62
N ALA A 4 18.14 -0.76 7.08
CA ALA A 4 19.44 -0.40 6.44
C ALA A 4 20.38 -1.57 6.68
N GLN A 5 19.95 -2.75 6.29
CA GLN A 5 20.80 -3.96 6.48
C GLN A 5 20.57 -4.97 5.37
N PRO A 6 21.48 -5.87 5.12
CA PRO A 6 21.38 -6.90 4.08
C PRO A 6 20.31 -7.92 4.53
N LEU A 7 19.38 -8.24 3.66
CA LEU A 7 18.31 -9.21 4.00
C LEU A 7 17.43 -8.70 5.14
N SER A 8 16.65 -7.66 4.93
CA SER A 8 15.81 -7.18 6.07
C SER A 8 14.66 -8.20 6.22
N GLU A 9 14.55 -9.09 5.28
CA GLU A 9 13.48 -10.15 5.28
C GLU A 9 12.18 -9.41 4.93
N ASN A 10 11.47 -8.95 5.91
CA ASN A 10 10.17 -8.20 5.73
C ASN A 10 9.36 -9.00 4.70
N PRO A 11 8.92 -10.15 5.11
CA PRO A 11 8.11 -11.10 4.32
C PRO A 11 6.92 -10.32 3.73
N PRO A 12 6.49 -10.78 2.61
CA PRO A 12 5.36 -10.19 1.87
C PRO A 12 4.07 -10.35 2.68
N ASN A 13 3.77 -9.39 3.51
CA ASN A 13 2.54 -9.50 4.31
C ASN A 13 1.26 -9.24 3.47
N HIS A 14 0.16 -9.48 4.10
CA HIS A 14 -1.19 -9.27 3.44
C HIS A 14 -1.78 -7.98 4.06
N ILE A 15 -0.95 -7.07 4.54
CA ILE A 15 -1.41 -5.81 5.18
C ILE A 15 -0.31 -4.78 4.84
N LEU A 16 -0.68 -3.82 4.03
CA LEU A 16 0.26 -2.74 3.60
C LEU A 16 -0.33 -1.35 4.00
N PHE A 17 0.39 -0.79 4.98
CA PHE A 17 0.07 0.45 5.67
C PHE A 17 1.30 1.37 5.48
N LEU A 18 1.00 2.53 5.05
CA LEU A 18 2.04 3.51 4.82
C LEU A 18 1.34 4.65 4.11
N THR A 19 2.10 5.59 3.83
CA THR A 19 1.61 6.81 3.25
C THR A 19 2.59 7.23 2.19
N ASN A 20 2.26 8.27 1.65
CA ASN A 20 3.03 8.99 0.56
C ASN A 20 2.25 8.94 -0.75
N LEU A 21 0.95 8.78 -0.67
CA LEU A 21 0.10 8.72 -1.91
C LEU A 21 -1.06 9.68 -1.87
N PRO A 22 -0.75 10.94 -2.05
CA PRO A 22 -1.66 12.08 -2.09
C PRO A 22 -1.54 12.91 -3.39
N GLU A 23 -2.03 14.11 -3.27
CA GLU A 23 -1.99 15.12 -4.38
C GLU A 23 -3.25 15.04 -5.25
N GLU A 24 -3.65 13.84 -5.52
CA GLU A 24 -4.87 13.59 -6.36
C GLU A 24 -5.28 12.13 -6.08
N THR A 25 -5.05 11.76 -4.84
CA THR A 25 -5.38 10.40 -4.40
C THR A 25 -6.61 10.42 -3.49
N ASN A 26 -7.52 9.52 -3.76
CA ASN A 26 -8.72 9.51 -2.89
C ASN A 26 -9.15 8.09 -2.46
N GLU A 27 -10.19 7.99 -1.66
CA GLU A 27 -10.70 6.67 -1.18
C GLU A 27 -11.40 5.89 -2.28
N LEU A 28 -12.12 6.45 -3.22
CA LEU A 28 -12.81 5.63 -4.30
C LEU A 28 -11.69 5.17 -5.28
N MET A 29 -10.61 5.92 -5.25
CA MET A 29 -9.42 5.65 -6.11
C MET A 29 -8.72 4.42 -5.56
N LEU A 30 -8.35 4.54 -4.31
CA LEU A 30 -7.65 3.44 -3.59
C LEU A 30 -8.66 2.32 -3.40
N SER A 31 -9.91 2.67 -3.42
CA SER A 31 -11.05 1.71 -3.26
C SER A 31 -11.04 0.74 -4.44
N MET A 32 -11.12 1.35 -5.60
CA MET A 32 -11.10 0.53 -6.83
C MET A 32 -9.69 -0.05 -7.13
N LEU A 33 -8.66 0.62 -6.71
CA LEU A 33 -7.24 0.17 -6.97
C LEU A 33 -7.01 -1.04 -6.06
N PHE A 34 -7.56 -0.86 -4.87
CA PHE A 34 -7.40 -2.01 -3.90
C PHE A 34 -8.44 -3.09 -4.23
N ASN A 35 -9.51 -2.67 -4.83
CA ASN A 35 -10.63 -3.54 -5.23
C ASN A 35 -10.13 -4.47 -6.34
N GLN A 36 -9.35 -3.96 -7.27
CA GLN A 36 -8.78 -4.73 -8.40
C GLN A 36 -8.43 -6.19 -7.99
N PHE A 37 -8.05 -6.31 -6.76
CA PHE A 37 -7.63 -7.61 -6.07
C PHE A 37 -8.75 -8.34 -5.33
N PRO A 38 -8.94 -9.60 -5.69
CA PRO A 38 -9.97 -10.48 -5.06
C PRO A 38 -9.77 -10.55 -3.56
N GLY A 39 -8.60 -10.18 -3.05
CA GLY A 39 -8.32 -10.23 -1.58
C GLY A 39 -8.64 -8.85 -0.98
N PHE A 40 -9.22 -8.04 -1.80
CA PHE A 40 -9.60 -6.65 -1.38
C PHE A 40 -10.43 -6.84 -0.13
N LYS A 41 -9.90 -6.43 1.00
CA LYS A 41 -10.68 -6.60 2.23
C LYS A 41 -10.74 -5.36 3.14
N GLU A 42 -9.63 -4.76 3.42
CA GLU A 42 -9.60 -3.56 4.29
C GLU A 42 -8.80 -2.48 3.53
N VAL A 43 -9.30 -1.28 3.59
CA VAL A 43 -8.76 -0.10 2.92
C VAL A 43 -9.10 1.12 3.79
N ARG A 44 -8.04 1.72 4.21
CA ARG A 44 -8.06 2.91 5.12
C ARG A 44 -7.38 4.07 4.37
N LEU A 45 -8.21 4.84 3.75
CA LEU A 45 -7.83 6.04 2.97
C LEU A 45 -8.85 7.15 3.31
N VAL A 46 -8.53 7.91 4.32
CA VAL A 46 -9.44 9.01 4.79
C VAL A 46 -9.15 10.34 4.12
N PRO A 47 -10.06 10.82 3.34
CA PRO A 47 -9.97 12.09 2.58
C PRO A 47 -9.36 13.23 3.41
N GLY A 48 -9.52 13.27 4.71
CA GLY A 48 -8.88 14.39 5.47
C GLY A 48 -7.37 14.27 5.16
N ARG A 49 -6.96 13.04 4.98
CA ARG A 49 -5.58 12.66 4.64
C ARG A 49 -5.39 12.55 3.11
N HIS A 50 -6.01 11.54 2.55
CA HIS A 50 -5.79 11.27 1.06
C HIS A 50 -4.27 10.93 0.98
N ASP A 51 -3.71 10.62 2.14
CA ASP A 51 -2.24 10.33 2.13
C ASP A 51 -1.77 9.20 3.02
N ILE A 52 -2.60 8.60 3.86
CA ILE A 52 -2.25 7.48 4.76
C ILE A 52 -3.17 6.32 4.33
N ALA A 53 -2.55 5.29 3.80
CA ALA A 53 -3.26 4.14 3.25
C ALA A 53 -2.89 2.86 4.04
N PHE A 54 -3.92 2.33 4.62
CA PHE A 54 -3.90 1.04 5.40
C PHE A 54 -4.81 0.01 4.68
N VAL A 55 -4.11 -0.85 3.92
CA VAL A 55 -4.70 -1.87 3.06
C VAL A 55 -4.39 -3.31 3.44
N GLU A 56 -5.45 -3.88 3.97
CA GLU A 56 -5.53 -5.28 4.44
C GLU A 56 -6.14 -6.19 3.35
N PHE A 57 -5.23 -6.89 2.69
CA PHE A 57 -5.49 -7.76 1.53
C PHE A 57 -5.52 -9.26 1.94
N ASP A 58 -6.71 -9.74 1.98
CA ASP A 58 -7.02 -11.17 2.35
C ASP A 58 -5.78 -12.03 2.29
N ASN A 59 -5.03 -12.01 1.22
CA ASN A 59 -3.80 -12.85 1.20
C ASN A 59 -2.68 -12.07 0.47
N GLU A 60 -1.49 -12.34 0.91
CA GLU A 60 -0.23 -11.73 0.37
C GLU A 60 -0.02 -11.90 -1.13
N VAL A 61 -0.65 -12.85 -1.80
CA VAL A 61 -0.46 -12.99 -3.29
C VAL A 61 -1.24 -11.77 -3.89
N GLN A 62 -2.37 -11.55 -3.29
CA GLN A 62 -3.19 -10.38 -3.74
C GLN A 62 -2.61 -9.08 -3.12
N ALA A 63 -2.07 -9.12 -1.96
CA ALA A 63 -1.54 -7.85 -1.38
C ALA A 63 -0.28 -7.52 -2.18
N GLY A 64 0.44 -8.58 -2.41
CA GLY A 64 1.74 -8.56 -3.17
C GLY A 64 1.36 -8.21 -4.59
N ALA A 65 0.22 -8.64 -5.08
CA ALA A 65 -0.21 -8.33 -6.48
C ALA A 65 -0.46 -6.85 -6.52
N ALA A 66 -1.33 -6.28 -5.73
CA ALA A 66 -1.63 -4.83 -5.70
C ALA A 66 -0.35 -4.03 -5.47
N ARG A 67 0.46 -4.49 -4.54
CA ARG A 67 1.75 -3.81 -4.25
C ARG A 67 2.64 -3.88 -5.47
N ASP A 68 2.90 -5.01 -6.05
CA ASP A 68 3.75 -5.15 -7.28
C ASP A 68 3.10 -4.39 -8.47
N ALA A 69 1.82 -4.25 -8.46
CA ALA A 69 1.05 -3.55 -9.51
C ALA A 69 1.28 -2.04 -9.36
N LEU A 70 1.32 -1.55 -8.14
CA LEU A 70 1.56 -0.08 -7.95
C LEU A 70 2.75 0.03 -6.96
N GLN A 71 3.77 -0.74 -7.25
CA GLN A 71 5.02 -0.79 -6.44
C GLN A 71 5.89 0.45 -6.69
N GLY A 72 5.33 1.61 -6.86
CA GLY A 72 6.20 2.80 -7.10
C GLY A 72 5.30 3.87 -7.73
N PHE A 73 4.22 4.09 -7.04
CA PHE A 73 3.27 5.10 -7.54
C PHE A 73 3.98 6.48 -7.44
N LYS A 74 4.79 6.79 -8.41
CA LYS A 74 5.51 8.08 -8.41
C LYS A 74 4.43 9.17 -8.29
N ILE A 75 4.13 9.53 -7.08
CA ILE A 75 3.12 10.57 -6.74
C ILE A 75 3.46 11.82 -7.59
N THR A 76 4.72 12.01 -7.80
CA THR A 76 5.17 13.19 -8.59
C THR A 76 6.29 12.70 -9.54
N GLN A 77 7.26 12.10 -8.95
CA GLN A 77 8.47 11.55 -9.68
C GLN A 77 9.58 11.42 -8.60
N ASN A 78 9.66 12.47 -7.82
CA ASN A 78 10.65 12.56 -6.69
C ASN A 78 9.91 11.95 -5.46
N ASN A 79 8.62 12.16 -5.50
CA ASN A 79 7.69 11.65 -4.44
C ASN A 79 7.06 10.36 -5.02
N ALA A 80 7.28 9.29 -4.34
CA ALA A 80 6.76 7.94 -4.75
C ALA A 80 5.98 7.41 -3.54
N MET A 81 4.89 6.78 -3.81
CA MET A 81 4.03 6.22 -2.70
C MET A 81 4.85 5.40 -1.71
N LYS A 82 4.57 5.40 -0.41
CA LYS A 82 5.31 4.55 0.55
C LYS A 82 4.24 3.73 1.34
N ILE A 83 4.32 2.45 1.09
CA ILE A 83 3.43 1.37 1.57
C ILE A 83 4.37 0.34 2.25
N SER A 84 4.06 0.15 3.47
CA SER A 84 4.83 -0.69 4.46
C SER A 84 3.98 -1.91 4.84
N PHE A 85 4.32 -3.01 4.25
CA PHE A 85 3.63 -4.31 4.55
C PHE A 85 3.60 -4.48 6.06
N ALA A 86 2.81 -5.33 6.62
CA ALA A 86 2.82 -5.45 8.11
C ALA A 86 4.05 -6.27 8.46
N LYS A 87 5.21 -5.73 8.21
CA LYS A 87 6.52 -6.42 8.50
C LYS A 87 6.42 -6.98 9.92
N LYS A 88 6.56 -8.29 9.97
CA LYS A 88 6.49 -8.99 11.28
C LYS A 88 7.28 -10.29 11.23
N MET A 1 7.79 -11.49 9.57
CA MET A 1 9.15 -12.08 9.65
C MET A 1 9.11 -13.46 8.95
N ALA A 2 10.28 -13.93 8.62
CA ALA A 2 10.32 -15.26 7.94
C ALA A 2 11.57 -16.00 8.41
N PRO A 3 11.71 -17.25 8.06
CA PRO A 3 12.89 -18.01 8.48
C PRO A 3 13.98 -18.02 7.39
N ALA A 4 13.88 -17.15 6.41
CA ALA A 4 14.91 -17.11 5.35
C ALA A 4 14.69 -15.86 4.49
N GLN A 5 14.37 -14.77 5.14
CA GLN A 5 14.11 -13.47 4.49
C GLN A 5 14.78 -12.39 5.35
N PRO A 6 15.97 -11.95 4.97
CA PRO A 6 16.68 -10.92 5.74
C PRO A 6 16.39 -9.51 5.22
N LEU A 7 17.14 -8.99 4.30
CA LEU A 7 16.87 -7.61 3.78
C LEU A 7 17.08 -6.61 4.95
N SER A 8 16.07 -6.33 5.70
CA SER A 8 16.14 -5.38 6.86
C SER A 8 15.66 -6.08 8.12
N GLU A 9 14.86 -5.52 8.96
CA GLU A 9 14.39 -6.20 10.18
C GLU A 9 12.86 -6.15 10.31
N ASN A 10 12.14 -6.15 9.22
CA ASN A 10 10.65 -6.10 9.33
C ASN A 10 10.04 -6.26 7.95
N PRO A 11 10.29 -5.31 7.08
CA PRO A 11 9.76 -5.35 5.71
C PRO A 11 10.17 -6.72 5.12
N PRO A 12 9.40 -7.26 4.23
CA PRO A 12 8.16 -6.67 3.72
C PRO A 12 7.00 -6.97 4.70
N ASN A 13 6.25 -5.97 5.03
CA ASN A 13 5.10 -6.20 5.96
C ASN A 13 3.77 -6.27 5.22
N HIS A 14 2.82 -7.05 5.67
CA HIS A 14 1.49 -7.19 5.04
C HIS A 14 0.56 -5.97 5.31
N ILE A 15 1.10 -4.86 5.79
CA ILE A 15 0.37 -3.60 6.11
C ILE A 15 1.23 -2.48 5.49
N LEU A 16 0.70 -1.84 4.49
CA LEU A 16 1.43 -0.73 3.78
C LEU A 16 0.62 0.58 3.93
N PHE A 17 1.26 1.46 4.70
CA PHE A 17 0.75 2.75 5.15
C PHE A 17 1.79 3.79 4.70
N LEU A 18 1.28 4.78 4.07
CA LEU A 18 2.14 5.84 3.60
C LEU A 18 1.22 6.81 2.90
N THR A 19 1.80 7.79 2.41
CA THR A 19 1.10 8.88 1.82
C THR A 19 1.75 9.19 0.50
N ASN A 20 1.21 10.11 -0.08
CA ASN A 20 1.62 10.69 -1.41
C ASN A 20 0.51 10.46 -2.46
N LEU A 21 -0.70 10.63 -1.98
CA LEU A 21 -1.91 10.44 -2.86
C LEU A 21 -2.76 11.71 -2.93
N PRO A 22 -3.01 12.25 -4.08
CA PRO A 22 -3.79 13.44 -4.37
C PRO A 22 -5.22 13.40 -3.81
N GLU A 23 -6.01 14.36 -4.24
CA GLU A 23 -7.40 14.41 -3.75
C GLU A 23 -8.35 13.62 -4.65
N GLU A 24 -7.97 13.44 -5.89
CA GLU A 24 -8.90 12.66 -6.76
C GLU A 24 -8.76 11.20 -6.38
N THR A 25 -7.77 10.92 -5.57
CA THR A 25 -7.55 9.51 -5.16
C THR A 25 -8.67 9.13 -4.21
N ASN A 26 -8.98 7.87 -4.02
CA ASN A 26 -10.10 7.53 -3.07
C ASN A 26 -9.98 6.12 -2.50
N GLU A 27 -10.84 5.78 -1.56
CA GLU A 27 -10.82 4.44 -0.93
C GLU A 27 -11.41 3.39 -1.91
N LEU A 28 -12.29 3.73 -2.80
CA LEU A 28 -12.86 2.73 -3.77
C LEU A 28 -11.79 2.51 -4.86
N MET A 29 -10.90 3.49 -4.95
CA MET A 29 -9.77 3.44 -5.95
C MET A 29 -8.76 2.45 -5.38
N LEU A 30 -8.39 2.75 -4.15
CA LEU A 30 -7.43 1.93 -3.38
C LEU A 30 -8.06 0.55 -3.16
N SER A 31 -9.36 0.58 -3.08
CA SER A 31 -10.21 -0.62 -2.87
C SER A 31 -10.05 -1.54 -4.08
N MET A 32 -10.36 -1.06 -5.26
CA MET A 32 -10.19 -1.97 -6.43
C MET A 32 -8.74 -2.23 -6.78
N LEU A 33 -7.85 -1.32 -6.44
CA LEU A 33 -6.38 -1.47 -6.75
C LEU A 33 -5.85 -2.53 -5.81
N PHE A 34 -6.35 -2.44 -4.60
CA PHE A 34 -5.92 -3.50 -3.61
C PHE A 34 -6.73 -4.77 -3.86
N ASN A 35 -7.85 -4.57 -4.50
CA ASN A 35 -8.78 -5.66 -4.87
C ASN A 35 -8.06 -6.51 -5.94
N GLN A 36 -7.35 -5.89 -6.85
CA GLN A 36 -6.57 -6.58 -7.90
C GLN A 36 -6.02 -7.94 -7.39
N PHE A 37 -5.67 -7.91 -6.13
CA PHE A 37 -5.12 -9.06 -5.32
C PHE A 37 -6.12 -9.70 -4.36
N PRO A 38 -6.18 -11.03 -4.30
CA PRO A 38 -7.13 -11.72 -3.38
C PRO A 38 -6.91 -11.23 -1.96
N GLY A 39 -5.66 -10.84 -1.72
CA GLY A 39 -5.18 -10.32 -0.40
C GLY A 39 -6.05 -9.15 0.09
N PHE A 40 -6.61 -8.44 -0.84
CA PHE A 40 -7.48 -7.27 -0.64
C PHE A 40 -8.21 -7.33 0.70
N LYS A 41 -7.49 -6.91 1.73
CA LYS A 41 -8.12 -6.95 3.06
C LYS A 41 -8.65 -5.63 3.59
N GLU A 42 -7.79 -4.65 3.72
CA GLU A 42 -8.28 -3.35 4.23
C GLU A 42 -7.57 -2.24 3.42
N VAL A 43 -8.33 -1.24 3.10
CA VAL A 43 -7.90 -0.06 2.33
C VAL A 43 -8.60 1.16 2.95
N ARG A 44 -7.75 2.00 3.42
CA ARG A 44 -8.24 3.20 4.12
C ARG A 44 -7.55 4.44 3.55
N LEU A 45 -8.29 5.05 2.63
CA LEU A 45 -7.87 6.31 1.98
C LEU A 45 -9.16 7.07 1.62
N VAL A 46 -9.66 7.90 2.52
CA VAL A 46 -10.89 8.61 2.18
C VAL A 46 -11.52 9.48 3.29
N PRO A 47 -10.92 9.66 4.41
CA PRO A 47 -11.58 10.48 5.46
C PRO A 47 -11.46 11.94 5.09
N GLY A 48 -10.88 12.79 5.89
CA GLY A 48 -10.75 14.22 5.48
C GLY A 48 -9.33 14.36 4.88
N ARG A 49 -8.72 13.23 4.61
CA ARG A 49 -7.37 13.13 4.03
C ARG A 49 -7.34 12.78 2.55
N HIS A 50 -7.43 11.51 2.25
CA HIS A 50 -7.32 11.01 0.81
C HIS A 50 -5.83 11.28 0.42
N ASP A 51 -5.04 11.49 1.46
CA ASP A 51 -3.57 11.79 1.28
C ASP A 51 -2.65 10.95 2.15
N ILE A 52 -3.24 10.11 2.96
CA ILE A 52 -2.58 9.17 3.88
C ILE A 52 -3.38 7.85 3.69
N ALA A 53 -2.71 6.87 3.11
CA ALA A 53 -3.34 5.59 2.76
C ALA A 53 -2.77 4.46 3.63
N PHE A 54 -3.68 3.87 4.33
CA PHE A 54 -3.45 2.67 5.22
C PHE A 54 -4.19 1.45 4.61
N VAL A 55 -3.35 0.58 4.02
CA VAL A 55 -3.78 -0.60 3.27
C VAL A 55 -3.09 -1.86 3.77
N GLU A 56 -3.95 -2.66 4.37
CA GLU A 56 -3.66 -3.95 5.01
C GLU A 56 -3.97 -5.12 4.05
N PHE A 57 -2.91 -5.69 3.58
CA PHE A 57 -2.91 -6.79 2.57
C PHE A 57 -2.75 -8.18 3.22
N ASP A 58 -3.84 -8.84 3.27
CA ASP A 58 -4.00 -10.19 3.90
C ASP A 58 -2.68 -10.92 4.04
N ASN A 59 -1.92 -10.94 3.00
CA ASN A 59 -0.58 -11.64 3.09
C ASN A 59 0.47 -10.87 2.31
N GLU A 60 1.65 -10.84 2.84
CA GLU A 60 2.85 -10.14 2.28
C GLU A 60 3.19 -10.52 0.82
N VAL A 61 2.73 -11.64 0.30
CA VAL A 61 3.03 -12.02 -1.13
C VAL A 61 2.12 -11.07 -1.96
N GLN A 62 0.92 -10.94 -1.43
CA GLN A 62 -0.05 -10.03 -2.12
C GLN A 62 0.27 -8.59 -1.73
N ALA A 63 0.77 -8.33 -0.58
CA ALA A 63 1.07 -6.92 -0.16
C ALA A 63 2.29 -6.54 -1.03
N GLY A 64 3.17 -7.50 -1.11
CA GLY A 64 4.42 -7.32 -1.90
C GLY A 64 4.07 -7.28 -3.37
N ALA A 65 3.12 -8.02 -3.82
CA ALA A 65 2.71 -8.04 -5.26
C ALA A 65 2.15 -6.67 -5.58
N ALA A 66 1.09 -6.26 -4.90
CA ALA A 66 0.43 -4.93 -5.14
C ALA A 66 1.42 -3.83 -4.85
N ARG A 67 2.15 -3.89 -3.77
CA ARG A 67 3.15 -2.85 -3.42
C ARG A 67 4.15 -2.71 -4.58
N ASP A 68 4.78 -3.78 -5.01
CA ASP A 68 5.75 -3.73 -6.16
C ASP A 68 5.07 -3.23 -7.46
N ALA A 69 3.83 -3.61 -7.64
CA ALA A 69 3.07 -3.18 -8.85
C ALA A 69 2.84 -1.65 -8.89
N LEU A 70 2.52 -1.10 -7.73
CA LEU A 70 2.27 0.37 -7.61
C LEU A 70 3.24 0.89 -6.53
N GLN A 71 4.45 0.42 -6.56
CA GLN A 71 5.52 0.81 -5.58
C GLN A 71 5.97 2.26 -5.78
N GLY A 72 5.59 2.81 -6.89
CA GLY A 72 5.94 4.22 -7.24
C GLY A 72 4.88 4.64 -8.28
N PHE A 73 3.68 4.33 -7.92
CA PHE A 73 2.50 4.62 -8.82
C PHE A 73 2.70 6.11 -9.20
N LYS A 74 3.18 6.34 -10.37
CA LYS A 74 3.47 7.65 -10.93
C LYS A 74 2.33 8.66 -10.83
N ILE A 75 1.71 8.77 -9.71
CA ILE A 75 0.69 9.89 -9.66
C ILE A 75 1.73 11.06 -9.76
N THR A 76 2.97 10.73 -9.43
CA THR A 76 4.15 11.58 -9.53
C THR A 76 4.10 12.26 -10.91
N GLN A 77 3.41 11.59 -11.76
CA GLN A 77 3.20 12.26 -13.10
C GLN A 77 2.67 13.64 -12.60
N ASN A 78 2.28 13.61 -11.34
CA ASN A 78 1.74 14.75 -10.57
C ASN A 78 1.79 14.29 -9.09
N ASN A 79 2.81 13.51 -8.78
CA ASN A 79 3.08 12.92 -7.45
C ASN A 79 3.30 11.39 -7.37
N ALA A 80 4.45 10.89 -7.00
CA ALA A 80 4.65 9.41 -6.88
C ALA A 80 3.92 8.97 -5.63
N MET A 81 3.18 7.91 -5.76
CA MET A 81 2.46 7.49 -4.50
C MET A 81 3.46 6.91 -3.53
N LYS A 82 3.40 7.09 -2.23
CA LYS A 82 4.41 6.50 -1.30
C LYS A 82 3.63 5.76 -0.18
N ILE A 83 3.82 4.46 -0.23
CA ILE A 83 3.19 3.43 0.61
C ILE A 83 4.38 2.66 1.26
N SER A 84 4.31 2.69 2.55
CA SER A 84 5.37 2.13 3.41
C SER A 84 4.84 0.98 4.26
N PHE A 85 5.20 -0.19 3.89
CA PHE A 85 4.84 -1.42 4.66
C PHE A 85 5.05 -1.16 6.14
N ALA A 86 4.41 -1.82 7.05
CA ALA A 86 4.53 -1.59 8.49
C ALA A 86 5.93 -1.92 9.01
N LYS A 87 6.85 -1.03 8.70
CA LYS A 87 8.27 -1.19 9.10
C LYS A 87 8.36 -0.90 10.61
N LYS A 88 9.28 -1.57 11.23
CA LYS A 88 9.49 -1.39 12.69
C LYS A 88 10.68 -0.50 12.95
N MET A 1 25.60 -15.62 20.11
CA MET A 1 25.21 -14.21 20.29
C MET A 1 23.80 -13.99 19.71
N ALA A 2 23.35 -12.77 19.76
CA ALA A 2 21.98 -12.45 19.24
C ALA A 2 21.88 -12.78 17.76
N PRO A 3 20.84 -13.47 17.36
CA PRO A 3 20.64 -13.84 15.95
C PRO A 3 19.58 -12.93 15.32
N ALA A 4 19.42 -11.74 15.86
CA ALA A 4 18.41 -10.81 15.28
C ALA A 4 17.00 -11.37 15.43
N GLN A 5 16.04 -10.65 14.92
CA GLN A 5 14.62 -11.08 14.99
C GLN A 5 14.29 -12.07 13.88
N PRO A 6 14.44 -11.72 12.64
CA PRO A 6 14.17 -12.53 11.45
C PRO A 6 15.48 -12.85 10.69
N LEU A 7 15.33 -13.26 9.46
CA LEU A 7 16.52 -13.60 8.63
C LEU A 7 16.49 -12.81 7.32
N SER A 8 17.61 -12.24 6.96
CA SER A 8 17.76 -11.44 5.72
C SER A 8 16.73 -10.31 5.65
N GLU A 9 15.62 -10.45 5.00
CA GLU A 9 14.63 -9.34 4.93
C GLU A 9 13.49 -9.61 5.91
N ASN A 10 12.84 -8.57 6.35
CA ASN A 10 11.72 -8.73 7.32
C ASN A 10 10.65 -9.56 6.59
N PRO A 11 9.80 -10.19 7.36
CA PRO A 11 8.70 -11.04 6.91
C PRO A 11 7.98 -10.44 5.69
N PRO A 12 7.43 -11.28 4.85
CA PRO A 12 6.71 -10.79 3.65
C PRO A 12 5.67 -9.77 4.15
N ASN A 13 5.60 -8.60 3.58
CA ASN A 13 4.61 -7.63 4.06
C ASN A 13 3.35 -7.52 3.16
N HIS A 14 2.26 -8.07 3.65
CA HIS A 14 0.95 -8.04 2.89
C HIS A 14 0.19 -6.79 3.42
N ILE A 15 0.89 -5.75 3.86
CA ILE A 15 0.29 -4.52 4.44
C ILE A 15 1.19 -3.37 3.91
N LEU A 16 0.61 -2.55 3.07
CA LEU A 16 1.33 -1.37 2.50
C LEU A 16 0.55 -0.07 2.88
N PHE A 17 1.24 0.67 3.75
CA PHE A 17 0.77 1.89 4.39
C PHE A 17 1.79 2.99 4.02
N LEU A 18 1.25 4.05 3.58
CA LEU A 18 2.07 5.18 3.24
C LEU A 18 1.11 6.19 2.64
N THR A 19 1.66 7.25 2.27
CA THR A 19 0.88 8.34 1.80
C THR A 19 1.64 8.95 0.64
N ASN A 20 1.05 9.92 0.17
CA ASN A 20 1.52 10.77 -0.98
C ASN A 20 0.39 10.77 -2.02
N LEU A 21 -0.83 10.97 -1.59
CA LEU A 21 -2.00 10.97 -2.52
C LEU A 21 -2.56 12.39 -2.63
N PRO A 22 -3.16 12.73 -3.75
CA PRO A 22 -3.75 14.03 -4.05
C PRO A 22 -4.92 14.31 -3.09
N GLU A 23 -5.78 15.22 -3.46
CA GLU A 23 -6.96 15.62 -2.66
C GLU A 23 -8.27 15.05 -3.25
N GLU A 24 -8.21 14.35 -4.35
CA GLU A 24 -9.45 13.76 -4.96
C GLU A 24 -9.52 12.25 -4.66
N THR A 25 -8.46 11.69 -4.18
CA THR A 25 -8.45 10.24 -3.88
C THR A 25 -9.57 9.95 -2.87
N ASN A 26 -9.99 8.69 -2.87
CA ASN A 26 -11.07 8.39 -1.90
C ASN A 26 -11.09 6.89 -1.50
N GLU A 27 -12.00 6.54 -0.62
CA GLU A 27 -12.09 5.13 -0.16
C GLU A 27 -12.68 4.15 -1.19
N LEU A 28 -13.67 4.46 -1.97
CA LEU A 28 -14.23 3.46 -2.98
C LEU A 28 -13.22 3.40 -4.15
N MET A 29 -12.46 4.46 -4.26
CA MET A 29 -11.41 4.59 -5.33
C MET A 29 -10.29 3.62 -4.98
N LEU A 30 -9.74 3.86 -3.81
CA LEU A 30 -8.63 3.02 -3.27
C LEU A 30 -9.13 1.57 -3.11
N SER A 31 -10.39 1.48 -2.74
CA SER A 31 -11.09 0.18 -2.54
C SER A 31 -11.20 -0.53 -3.91
N MET A 32 -11.49 0.14 -4.97
CA MET A 32 -11.58 -0.56 -6.30
C MET A 32 -10.21 -0.91 -6.86
N LEU A 33 -9.29 -0.01 -6.64
CA LEU A 33 -7.88 -0.15 -7.16
C LEU A 33 -7.24 -1.28 -6.36
N PHE A 34 -7.63 -1.25 -5.10
CA PHE A 34 -7.10 -2.36 -4.22
C PHE A 34 -7.92 -3.63 -4.45
N ASN A 35 -9.13 -3.42 -4.88
CA ASN A 35 -10.08 -4.52 -5.20
C ASN A 35 -9.47 -5.32 -6.37
N GLN A 36 -8.86 -4.61 -7.26
CA GLN A 36 -8.16 -5.27 -8.40
C GLN A 36 -7.48 -6.61 -7.96
N PHE A 37 -7.06 -6.59 -6.73
CA PHE A 37 -6.36 -7.72 -5.99
C PHE A 37 -7.32 -8.62 -5.22
N PRO A 38 -7.31 -9.92 -5.52
CA PRO A 38 -8.17 -10.95 -4.88
C PRO A 38 -7.96 -11.04 -3.36
N GLY A 39 -6.80 -10.58 -2.93
CA GLY A 39 -6.50 -10.64 -1.48
C GLY A 39 -6.86 -9.29 -0.84
N PHE A 40 -7.54 -8.48 -1.59
CA PHE A 40 -7.96 -7.14 -1.07
C PHE A 40 -8.62 -7.37 0.28
N LYS A 41 -8.01 -6.86 1.34
CA LYS A 41 -8.63 -7.05 2.67
C LYS A 41 -9.02 -5.77 3.39
N GLU A 42 -8.14 -4.82 3.45
CA GLU A 42 -8.46 -3.56 4.14
C GLU A 42 -7.86 -2.40 3.32
N VAL A 43 -8.60 -1.32 3.32
CA VAL A 43 -8.28 -0.08 2.62
C VAL A 43 -8.72 1.09 3.51
N ARG A 44 -7.73 1.84 3.82
CA ARG A 44 -7.82 2.99 4.77
C ARG A 44 -7.43 4.27 3.99
N LEU A 45 -8.46 4.84 3.44
CA LEU A 45 -8.38 6.11 2.68
C LEU A 45 -9.68 6.87 2.97
N VAL A 46 -9.75 7.70 3.96
CA VAL A 46 -11.06 8.39 4.21
C VAL A 46 -10.88 9.85 3.77
N PRO A 47 -11.56 10.32 2.78
CA PRO A 47 -11.52 11.68 2.23
C PRO A 47 -10.83 12.70 3.10
N GLY A 48 -11.02 12.78 4.39
CA GLY A 48 -10.19 13.79 5.13
C GLY A 48 -8.75 13.25 4.96
N ARG A 49 -8.64 12.00 5.28
CA ARG A 49 -7.41 11.18 5.12
C ARG A 49 -7.44 10.70 3.64
N HIS A 50 -7.44 11.64 2.73
CA HIS A 50 -7.41 11.41 1.21
C HIS A 50 -5.90 11.55 0.83
N ASP A 51 -5.08 11.37 1.84
CA ASP A 51 -3.59 11.51 1.73
C ASP A 51 -2.79 10.43 2.43
N ILE A 52 -3.35 9.58 3.26
CA ILE A 52 -2.63 8.51 3.97
C ILE A 52 -3.44 7.23 3.64
N ALA A 53 -2.79 6.33 2.94
CA ALA A 53 -3.43 5.10 2.45
C ALA A 53 -2.82 3.86 3.16
N PHE A 54 -3.70 3.20 3.83
CA PHE A 54 -3.44 1.93 4.59
C PHE A 54 -4.19 0.72 3.96
N VAL A 55 -3.38 -0.06 3.24
CA VAL A 55 -3.84 -1.20 2.44
C VAL A 55 -3.25 -2.54 2.89
N GLU A 56 -4.16 -3.27 3.43
CA GLU A 56 -3.98 -4.64 4.01
C GLU A 56 -4.56 -5.69 3.02
N PHE A 57 -3.64 -6.31 2.33
CA PHE A 57 -3.89 -7.31 1.26
C PHE A 57 -3.58 -8.75 1.74
N ASP A 58 -4.64 -9.43 1.95
CA ASP A 58 -4.64 -10.86 2.41
C ASP A 58 -3.27 -11.50 2.28
N ASN A 59 -2.66 -11.38 1.15
CA ASN A 59 -1.28 -11.97 1.00
C ASN A 59 -0.39 -11.04 0.14
N GLU A 60 0.85 -11.03 0.49
CA GLU A 60 1.93 -10.19 -0.17
C GLU A 60 2.12 -10.48 -1.66
N VAL A 61 1.71 -11.60 -2.24
CA VAL A 61 1.92 -11.75 -3.74
C VAL A 61 0.92 -10.74 -4.39
N GLN A 62 -0.23 -10.73 -3.75
CA GLN A 62 -1.30 -9.79 -4.20
C GLN A 62 -0.97 -8.41 -3.62
N ALA A 63 -0.35 -8.30 -2.51
CA ALA A 63 -0.08 -6.91 -2.01
C ALA A 63 1.04 -6.35 -2.90
N GLY A 64 1.93 -7.25 -3.20
CA GLY A 64 3.12 -7.00 -4.07
C GLY A 64 2.62 -6.79 -5.46
N ALA A 65 1.58 -7.42 -5.88
CA ALA A 65 0.99 -7.26 -7.23
C ALA A 65 0.47 -5.81 -7.27
N ALA A 66 -0.39 -5.50 -6.33
CA ALA A 66 -1.01 -4.18 -6.13
C ALA A 66 0.07 -3.10 -6.04
N ARG A 67 1.06 -3.38 -5.24
CA ARG A 67 2.21 -2.45 -5.04
C ARG A 67 2.91 -2.25 -6.39
N ASP A 68 3.31 -3.27 -7.06
CA ASP A 68 3.98 -3.17 -8.41
C ASP A 68 3.02 -2.53 -9.44
N ALA A 69 1.73 -2.64 -9.25
CA ALA A 69 0.72 -2.05 -10.17
C ALA A 69 0.75 -0.52 -9.96
N LEU A 70 0.81 -0.10 -8.71
CA LEU A 70 0.85 1.38 -8.44
C LEU A 70 2.07 1.62 -7.53
N GLN A 71 3.18 1.10 -7.96
CA GLN A 71 4.48 1.20 -7.22
C GLN A 71 5.16 2.53 -7.51
N GLY A 72 4.55 3.30 -8.35
CA GLY A 72 5.14 4.62 -8.68
C GLY A 72 4.00 5.47 -9.30
N PHE A 73 2.86 5.40 -8.70
CA PHE A 73 1.67 6.14 -9.17
C PHE A 73 2.06 7.62 -9.26
N LYS A 74 2.61 8.00 -10.36
CA LYS A 74 3.05 9.41 -10.61
C LYS A 74 1.76 10.24 -10.75
N ILE A 75 1.27 10.68 -9.64
CA ILE A 75 0.00 11.51 -9.67
C ILE A 75 0.22 12.67 -10.62
N THR A 76 1.44 13.15 -10.70
CA THR A 76 1.74 14.30 -11.61
C THR A 76 2.97 14.02 -12.49
N GLN A 77 4.00 13.54 -11.89
CA GLN A 77 5.30 13.20 -12.56
C GLN A 77 6.37 13.23 -11.44
N ASN A 78 6.25 14.24 -10.63
CA ASN A 78 7.17 14.46 -9.46
C ASN A 78 6.34 13.99 -8.23
N ASN A 79 5.09 14.39 -8.28
CA ASN A 79 4.10 14.01 -7.20
C ASN A 79 3.73 12.54 -7.51
N ALA A 80 4.35 11.67 -6.80
CA ALA A 80 4.13 10.21 -6.98
C ALA A 80 3.79 9.64 -5.59
N MET A 81 2.82 8.77 -5.58
CA MET A 81 2.38 8.13 -4.30
C MET A 81 3.51 7.48 -3.54
N LYS A 82 3.46 7.39 -2.22
CA LYS A 82 4.50 6.70 -1.43
C LYS A 82 3.75 5.73 -0.47
N ILE A 83 4.04 4.47 -0.73
CA ILE A 83 3.44 3.27 -0.10
C ILE A 83 4.64 2.50 0.51
N SER A 84 4.48 2.31 1.77
CA SER A 84 5.50 1.70 2.70
C SER A 84 4.94 0.41 3.30
N PHE A 85 5.36 -0.68 2.77
CA PHE A 85 4.95 -2.02 3.28
C PHE A 85 5.11 -2.05 4.81
N ALA A 86 4.50 -2.98 5.46
CA ALA A 86 4.59 -3.09 6.94
C ALA A 86 5.92 -3.70 7.34
N LYS A 87 6.11 -3.82 8.63
CA LYS A 87 7.36 -4.40 9.23
C LYS A 87 8.58 -3.55 8.93
N LYS A 88 8.42 -2.38 8.37
CA LYS A 88 9.58 -1.49 8.05
C LYS A 88 9.23 -0.13 8.67
#